data_2ZW9
#
_entry.id   2ZW9
#
_cell.length_a   70.442
_cell.length_b   88.628
_cell.length_c   256.115
_cell.angle_alpha   90.00
_cell.angle_beta   90.00
_cell.angle_gamma   90.00
#
_symmetry.space_group_name_H-M   'P 21 21 21'
#
loop_
_entity.id
_entity.type
_entity.pdbx_description
1 polymer 'Leucine carboxyl methyltransferase 2'
2 non-polymer S-ADENOSYLMETHIONINE
3 water water
#
_entity_poly.entity_id   1
_entity_poly.type   'polypeptide(L)'
_entity_poly.pdbx_seq_one_letter_code
;MKNLTTIKQTNKNVKQERRKKYADLAIQGTNNSSIASKRSVELLYLPKLSSANNFQMDKNNKLLEYFKFFVPKKIKRSPC
INRGYWLRLFAIRSRLNSIIEQTPQDKKIVVVNLGCGYDPLPFQLLDTNNIQSQQYHDRVSFIDIDYSDLLKIKIELIKT
IPELSKIIGLSEDKDYVDDSNVDFLTTPKYLARPCDLNDSKMFSTLLNECQLYDPNVVKVFVAEVSLAYMKPERSDSIIE
ATSKMENSHFIILEQLIPKGPFEPFSKQMLAHFKRNDSPLQSVLKYNTIESQVQRFNKLGFAYVNVGDMFQLWESADEAT
KKELLKVEPFDELEEFHLFCHHYVLCHATNYKEFAFTQGFLFDRSISEINLTVDEDYQLLECECPINRKFGDVDVAGNDV
FYMGGSNPYRVNEILQLSIHYDKIDMKNIEVSSSEVPVARMCHTFTTISRNNQLLLIGGRKAPHQGLSDNWIFDMKTREW
SMIKSLSHTRFRHSACSLPDGNVLILGGVTEGPAMLLYNVTEEIFKDVTPKDEFFQNSLVSAGLEFDPVSKQGIILGGGF
MDQTTVSDKAIIFKYDAENATEPITVIKKLQHPLFQRYGSQIKYITPRKLLIVGGTSPSGLFDRTNSIISLDPLSETLTS
IPISRRIWEDHSLMLAGFSLVSTSMGTIHIIGGGATCYGFGSVTNVGLKLIAIAK
;
_entity_poly.pdbx_strand_id   A,B
#
loop_
_chem_comp.id
_chem_comp.type
_chem_comp.name
_chem_comp.formula
SAM non-polymer S-ADENOSYLMETHIONINE 'C15 H22 N6 O5 S'
#
# COMPACT_ATOMS: atom_id res chain seq x y z
N GLN A 16 -49.38 35.94 20.64
CA GLN A 16 -49.32 36.94 19.58
C GLN A 16 -47.90 37.47 19.38
N GLU A 17 -47.62 38.61 20.00
CA GLU A 17 -46.29 39.21 19.92
C GLU A 17 -45.27 38.32 20.61
N ARG A 18 -45.74 37.23 21.19
CA ARG A 18 -44.85 36.22 21.75
C ARG A 18 -44.38 35.30 20.64
N ARG A 19 -45.31 34.91 19.79
CA ARG A 19 -44.99 34.08 18.63
C ARG A 19 -43.91 34.71 17.77
N LYS A 20 -43.80 36.04 17.84
CA LYS A 20 -42.80 36.76 17.06
C LYS A 20 -41.43 36.76 17.75
N LYS A 21 -41.44 37.05 19.05
CA LYS A 21 -40.20 37.14 19.82
C LYS A 21 -39.56 35.78 20.04
N TYR A 22 -40.23 34.74 19.58
CA TYR A 22 -39.68 33.39 19.63
C TYR A 22 -39.06 33.01 18.30
N ALA A 23 -39.84 33.15 17.21
CA ALA A 23 -39.33 32.87 15.88
C ALA A 23 -38.17 33.79 15.55
N ASP A 24 -38.07 34.91 16.28
CA ASP A 24 -36.99 35.85 16.08
C ASP A 24 -35.70 35.38 16.74
N LEU A 25 -35.82 34.82 17.94
CA LEU A 25 -34.66 34.33 18.67
C LEU A 25 -34.16 33.01 18.10
N ALA A 26 -35.05 32.29 17.44
CA ALA A 26 -34.67 31.04 16.78
C ALA A 26 -33.78 31.33 15.59
N ILE A 27 -34.08 32.42 14.90
CA ILE A 27 -33.28 32.87 13.76
C ILE A 27 -31.94 33.39 14.22
N GLN A 28 -31.92 34.02 15.40
CA GLN A 28 -30.68 34.52 15.98
C GLN A 28 -29.84 33.36 16.50
N GLY A 29 -30.48 32.21 16.72
CA GLY A 29 -29.79 31.04 17.19
C GLY A 29 -28.90 30.41 16.14
N THR A 30 -29.23 30.62 14.87
CA THR A 30 -28.49 30.02 13.77
C THR A 30 -27.09 30.62 13.64
N ASN A 31 -26.91 31.82 14.18
CA ASN A 31 -25.58 32.42 14.22
C ASN A 31 -24.63 31.53 15.01
N ASN A 32 -25.09 31.08 16.17
CA ASN A 32 -24.33 30.16 17.01
C ASN A 32 -23.74 29.01 16.21
N SER A 33 -24.57 28.42 15.35
CA SER A 33 -24.20 27.26 14.55
C SER A 33 -23.18 27.56 13.45
N SER A 34 -23.29 28.74 12.85
CA SER A 34 -22.44 29.09 11.70
C SER A 34 -21.11 29.74 12.11
N ILE A 35 -21.12 30.48 13.21
CA ILE A 35 -19.88 31.07 13.73
C ILE A 35 -18.98 29.97 14.26
N ALA A 36 -19.59 28.92 14.80
CA ALA A 36 -18.84 27.75 15.28
C ALA A 36 -18.12 27.08 14.12
N SER A 37 -18.86 26.83 13.05
CA SER A 37 -18.32 26.17 11.88
C SER A 37 -17.14 26.94 11.29
N LYS A 38 -17.30 28.26 11.20
CA LYS A 38 -16.23 29.13 10.74
C LYS A 38 -15.01 29.01 11.64
N ARG A 39 -15.27 28.94 12.94
CA ARG A 39 -14.21 28.77 13.93
C ARG A 39 -13.47 27.46 13.69
N SER A 40 -14.21 26.40 13.36
CA SER A 40 -13.62 25.10 13.08
C SER A 40 -12.61 25.18 11.92
N VAL A 41 -12.90 26.04 10.96
CA VAL A 41 -12.02 26.24 9.81
C VAL A 41 -10.79 27.05 10.21
N GLU A 42 -10.95 27.93 11.19
CA GLU A 42 -9.84 28.71 11.72
C GLU A 42 -8.86 27.80 12.44
N LEU A 43 -9.41 26.86 13.21
CA LEU A 43 -8.58 25.88 13.90
C LEU A 43 -7.86 24.96 12.93
N LEU A 44 -8.60 24.36 12.01
CA LEU A 44 -8.01 23.34 11.16
C LEU A 44 -7.33 23.91 9.91
N TYR A 45 -8.13 24.53 9.05
CA TYR A 45 -7.70 24.89 7.71
C TYR A 45 -6.60 25.96 7.66
N LEU A 46 -6.90 27.12 8.23
CA LEU A 46 -6.06 28.30 8.08
C LEU A 46 -4.58 28.10 8.44
N PRO A 47 -4.29 27.37 9.53
CA PRO A 47 -2.89 27.08 9.85
C PRO A 47 -2.20 26.25 8.77
N LYS A 48 -2.95 25.37 8.12
CA LYS A 48 -2.37 24.48 7.11
C LYS A 48 -2.31 25.11 5.72
N LEU A 49 -2.65 26.38 5.63
CA LEU A 49 -2.79 27.02 4.33
C LEU A 49 -1.76 28.13 4.08
N SER A 50 -1.38 28.27 2.82
CA SER A 50 -0.33 29.21 2.42
C SER A 50 -0.79 30.65 2.56
N SER A 51 0.14 31.58 2.36
CA SER A 51 -0.14 33.00 2.50
C SER A 51 -1.36 33.47 1.72
N ALA A 52 -1.52 32.94 0.51
CA ALA A 52 -2.55 33.43 -0.41
C ALA A 52 -3.98 33.17 0.07
N ASN A 53 -4.30 31.89 0.27
CA ASN A 53 -5.63 31.50 0.71
C ASN A 53 -5.75 31.53 2.23
N ASN A 54 -4.94 32.38 2.86
CA ASN A 54 -4.76 32.38 4.30
C ASN A 54 -5.80 33.19 5.08
N PHE A 55 -6.11 34.40 4.58
CA PHE A 55 -7.08 35.29 5.22
C PHE A 55 -6.51 36.07 6.40
N GLN A 56 -5.75 35.40 7.26
CA GLN A 56 -5.30 36.02 8.50
C GLN A 56 -3.84 35.69 8.80
N MET A 57 -3.03 36.72 9.02
CA MET A 57 -1.60 36.53 9.24
C MET A 57 -0.88 37.84 9.54
N ASP A 58 0.11 37.81 10.43
CA ASP A 58 0.92 38.98 10.71
C ASP A 58 2.24 38.93 9.96
N LYS A 59 3.11 39.91 10.20
CA LYS A 59 4.36 40.02 9.45
C LYS A 59 5.31 38.83 9.62
N ASN A 60 5.13 38.08 10.70
CA ASN A 60 6.00 36.94 10.99
C ASN A 60 5.43 35.63 10.47
N ASN A 61 4.50 35.74 9.53
CA ASN A 61 3.81 34.56 9.01
C ASN A 61 3.15 33.75 10.11
N LYS A 62 2.74 34.43 11.18
CA LYS A 62 2.02 33.77 12.26
C LYS A 62 0.53 34.02 12.11
N LEU A 63 -0.24 32.94 12.07
CA LEU A 63 -1.68 33.02 11.88
C LEU A 63 -2.33 33.88 12.94
N LEU A 64 -3.28 34.71 12.53
CA LEU A 64 -4.07 35.51 13.46
C LEU A 64 -5.44 34.86 13.62
N GLU A 65 -6.02 34.98 14.81
CA GLU A 65 -7.31 34.35 15.10
C GLU A 65 -8.35 35.35 15.59
N TYR A 66 -9.53 35.32 14.97
CA TYR A 66 -10.59 36.27 15.30
C TYR A 66 -11.89 35.57 15.73
N PHE A 67 -12.14 34.40 15.19
CA PHE A 67 -13.37 33.65 15.47
C PHE A 67 -13.38 33.07 16.89
N LYS A 68 -12.22 33.05 17.54
CA LYS A 68 -12.09 32.48 18.87
C LYS A 68 -12.71 33.38 19.96
N PHE A 69 -12.71 34.68 19.73
CA PHE A 69 -13.30 35.61 20.69
C PHE A 69 -14.82 35.44 20.75
N PHE A 70 -15.38 34.82 19.72
CA PHE A 70 -16.83 34.72 19.60
C PHE A 70 -17.34 33.30 19.78
N VAL A 71 -16.43 32.35 19.92
CA VAL A 71 -16.81 30.95 20.14
C VAL A 71 -16.24 30.42 21.45
N PRO A 72 -17.12 30.01 22.36
CA PRO A 72 -16.81 29.47 23.70
C PRO A 72 -15.78 28.33 23.66
N LYS A 73 -16.01 27.33 22.83
CA LYS A 73 -15.21 26.12 22.84
C LYS A 73 -14.48 25.89 21.53
N LYS A 74 -13.62 24.87 21.53
CA LYS A 74 -13.05 24.36 20.31
C LYS A 74 -14.13 23.54 19.62
N ILE A 75 -14.26 23.68 18.30
CA ILE A 75 -15.23 22.86 17.59
C ILE A 75 -14.62 22.10 16.41
N LYS A 76 -15.20 20.94 16.11
CA LYS A 76 -14.77 20.12 14.98
C LYS A 76 -15.95 19.73 14.09
N ARG A 77 -15.71 19.73 12.79
CA ARG A 77 -16.76 19.41 11.82
C ARG A 77 -16.36 18.26 10.90
N SER A 78 -17.34 17.74 10.18
CA SER A 78 -17.06 16.77 9.13
C SER A 78 -16.23 17.48 8.07
N PRO A 79 -15.39 16.72 7.36
CA PRO A 79 -14.51 17.34 6.36
C PRO A 79 -15.30 18.09 5.31
N CYS A 80 -16.55 17.68 5.08
CA CYS A 80 -17.40 18.29 4.08
C CYS A 80 -17.94 19.65 4.54
N ILE A 81 -18.30 19.73 5.82
CA ILE A 81 -18.78 20.97 6.40
C ILE A 81 -17.62 21.98 6.51
N ASN A 82 -16.46 21.48 6.91
CA ASN A 82 -15.24 22.29 6.97
C ASN A 82 -14.88 22.89 5.61
N ARG A 83 -14.91 22.06 4.57
CA ARG A 83 -14.64 22.54 3.22
C ARG A 83 -15.70 23.54 2.79
N GLY A 84 -16.97 23.26 3.08
CA GLY A 84 -18.05 24.14 2.71
C GLY A 84 -17.88 25.53 3.29
N TYR A 85 -17.39 25.60 4.51
CA TYR A 85 -17.23 26.89 5.20
C TYR A 85 -15.97 27.65 4.78
N TRP A 86 -14.93 26.94 4.37
CA TRP A 86 -13.75 27.62 3.82
C TRP A 86 -14.14 28.32 2.52
N LEU A 87 -14.90 27.61 1.71
CA LEU A 87 -15.38 28.09 0.43
C LEU A 87 -16.23 29.34 0.64
N ARG A 88 -16.98 29.35 1.74
CA ARG A 88 -17.93 30.41 2.06
C ARG A 88 -17.22 31.71 2.45
N LEU A 89 -16.11 31.54 3.16
CA LEU A 89 -15.25 32.65 3.57
C LEU A 89 -14.51 33.17 2.35
N PHE A 90 -14.07 32.24 1.50
CA PHE A 90 -13.41 32.58 0.24
C PHE A 90 -14.40 33.27 -0.69
N ALA A 91 -15.64 32.84 -0.62
CA ALA A 91 -16.70 33.41 -1.45
C ALA A 91 -16.84 34.89 -1.19
N ILE A 92 -17.15 35.23 0.05
CA ILE A 92 -17.31 36.62 0.45
C ILE A 92 -16.03 37.43 0.25
N ARG A 93 -14.91 36.88 0.71
CA ARG A 93 -13.62 37.57 0.60
C ARG A 93 -13.27 37.89 -0.84
N SER A 94 -13.48 36.92 -1.72
CA SER A 94 -13.15 37.09 -3.14
C SER A 94 -13.99 38.21 -3.76
N ARG A 95 -15.28 38.27 -3.41
CA ARG A 95 -16.14 39.33 -3.91
C ARG A 95 -15.66 40.69 -3.41
N LEU A 96 -15.53 40.83 -2.10
CA LEU A 96 -15.05 42.06 -1.48
C LEU A 96 -13.73 42.50 -2.10
N ASN A 97 -12.89 41.53 -2.43
CA ASN A 97 -11.60 41.82 -3.06
C ASN A 97 -11.71 42.44 -4.45
N SER A 98 -12.62 41.90 -5.28
CA SER A 98 -12.80 42.44 -6.62
C SER A 98 -13.26 43.88 -6.57
N ILE A 99 -13.94 44.24 -5.48
CA ILE A 99 -14.47 45.60 -5.34
C ILE A 99 -13.39 46.59 -4.91
N ILE A 100 -12.62 46.24 -3.89
CA ILE A 100 -11.55 47.12 -3.42
C ILE A 100 -10.51 47.36 -4.50
N GLU A 101 -10.09 46.26 -5.15
CA GLU A 101 -9.13 46.33 -6.23
C GLU A 101 -9.56 47.31 -7.32
N GLN A 102 -10.85 47.31 -7.63
CA GLN A 102 -11.37 48.03 -8.79
C GLN A 102 -11.78 49.48 -8.47
N THR A 103 -12.52 49.66 -7.38
CA THR A 103 -12.99 50.98 -6.98
C THR A 103 -11.87 52.03 -7.10
N PRO A 104 -12.14 53.13 -7.82
CA PRO A 104 -11.16 54.20 -7.95
C PRO A 104 -10.64 54.70 -6.60
N GLN A 105 -9.43 55.24 -6.57
CA GLN A 105 -8.75 55.55 -5.32
C GLN A 105 -9.25 56.79 -4.56
N ASP A 106 -10.28 57.45 -5.07
CA ASP A 106 -10.80 58.63 -4.38
C ASP A 106 -12.11 58.37 -3.65
N LYS A 107 -12.60 57.13 -3.71
CA LYS A 107 -13.87 56.81 -3.08
C LYS A 107 -13.74 55.98 -1.81
N LYS A 108 -14.39 56.43 -0.75
CA LYS A 108 -14.56 55.65 0.46
C LYS A 108 -15.38 54.41 0.13
N ILE A 109 -15.22 53.37 0.93
CA ILE A 109 -16.01 52.15 0.74
C ILE A 109 -16.65 51.71 2.05
N VAL A 110 -17.93 51.37 1.99
CA VAL A 110 -18.64 50.91 3.17
C VAL A 110 -19.24 49.54 2.94
N VAL A 111 -18.82 48.58 3.74
CA VAL A 111 -19.39 47.25 3.71
C VAL A 111 -20.50 47.15 4.76
N VAL A 112 -21.72 46.96 4.30
CA VAL A 112 -22.86 46.83 5.20
C VAL A 112 -23.26 45.36 5.35
N ASN A 113 -22.99 44.79 6.52
CA ASN A 113 -23.31 43.38 6.81
C ASN A 113 -24.73 43.20 7.35
N LEU A 114 -25.64 42.73 6.51
CA LEU A 114 -27.05 42.57 6.87
C LEU A 114 -27.31 41.27 7.61
N GLY A 115 -27.48 41.36 8.92
CA GLY A 115 -27.60 40.18 9.75
C GLY A 115 -26.22 39.62 10.01
N CYS A 116 -25.38 40.44 10.63
CA CYS A 116 -23.96 40.13 10.77
C CYS A 116 -23.67 38.88 11.58
N GLY A 117 -24.55 38.56 12.52
CA GLY A 117 -24.26 37.54 13.51
C GLY A 117 -23.02 37.99 14.27
N TYR A 118 -22.24 37.04 14.76
CA TYR A 118 -21.01 37.37 15.48
C TYR A 118 -19.84 37.48 14.51
N ASP A 119 -20.16 37.52 13.22
CA ASP A 119 -19.15 37.62 12.17
C ASP A 119 -18.17 38.76 12.44
N PRO A 120 -16.88 38.43 12.55
CA PRO A 120 -15.82 39.40 12.83
C PRO A 120 -15.11 39.88 11.57
N LEU A 121 -15.74 39.72 10.42
CA LEU A 121 -15.11 40.13 9.16
C LEU A 121 -14.52 41.53 9.25
N PRO A 122 -15.29 42.48 9.83
CA PRO A 122 -14.80 43.84 10.06
C PRO A 122 -13.41 43.91 10.71
N PHE A 123 -13.25 43.26 11.86
CA PHE A 123 -12.00 43.34 12.62
C PHE A 123 -10.84 42.66 11.89
N GLN A 124 -11.14 41.58 11.19
CA GLN A 124 -10.13 40.85 10.44
C GLN A 124 -9.54 41.73 9.34
N LEU A 125 -10.43 42.44 8.64
CA LEU A 125 -10.03 43.30 7.54
C LEU A 125 -9.45 44.61 8.02
N LEU A 126 -9.89 45.09 9.18
CA LEU A 126 -9.38 46.36 9.72
C LEU A 126 -8.05 46.21 10.44
N ASP A 127 -7.92 45.14 11.22
CA ASP A 127 -6.70 44.92 11.99
C ASP A 127 -5.45 45.12 11.12
N THR A 128 -4.60 46.04 11.54
CA THR A 128 -3.41 46.41 10.76
C THR A 128 -2.25 45.43 10.97
N ASN A 129 -2.39 44.55 11.96
CA ASN A 129 -1.44 43.45 12.14
C ASN A 129 -1.59 42.47 10.98
N ASN A 130 -2.85 42.19 10.63
CA ASN A 130 -3.16 41.28 9.52
C ASN A 130 -2.68 41.85 8.19
N ILE A 131 -1.54 41.36 7.73
CA ILE A 131 -0.95 41.87 6.49
C ILE A 131 -1.64 41.28 5.26
N GLN A 132 -2.54 40.33 5.49
CA GLN A 132 -3.27 39.69 4.38
C GLN A 132 -4.48 40.51 3.96
N SER A 133 -4.82 41.50 4.77
CA SER A 133 -5.93 42.40 4.46
C SER A 133 -5.47 43.85 4.50
N GLN A 134 -4.35 44.12 3.84
CA GLN A 134 -3.75 45.46 3.87
C GLN A 134 -4.49 46.44 2.98
N GLN A 135 -5.14 45.93 1.93
CA GLN A 135 -5.92 46.79 1.05
C GLN A 135 -7.10 47.43 1.76
N TYR A 136 -7.45 46.91 2.94
CA TYR A 136 -8.62 47.36 3.67
C TYR A 136 -8.29 48.27 4.85
N HIS A 137 -7.00 48.38 5.18
CA HIS A 137 -6.58 49.14 6.35
C HIS A 137 -6.96 50.61 6.30
N ASP A 138 -6.91 51.19 5.12
CA ASP A 138 -7.03 52.65 4.97
C ASP A 138 -8.45 53.17 4.79
N ARG A 139 -9.09 52.74 3.70
CA ARG A 139 -10.26 53.45 3.19
C ARG A 139 -11.57 52.67 3.25
N VAL A 140 -11.61 51.61 4.04
CA VAL A 140 -12.83 50.81 4.14
C VAL A 140 -13.46 50.92 5.53
N SER A 141 -14.78 51.03 5.57
CA SER A 141 -15.51 51.09 6.84
C SER A 141 -16.67 50.09 6.86
N PHE A 142 -17.17 49.78 8.05
CA PHE A 142 -18.12 48.69 8.22
C PHE A 142 -19.32 49.05 9.09
N ILE A 143 -20.47 48.45 8.75
CA ILE A 143 -21.68 48.59 9.56
C ILE A 143 -22.33 47.23 9.74
N ASP A 144 -22.39 46.76 10.98
CA ASP A 144 -23.06 45.52 11.28
C ASP A 144 -24.50 45.77 11.68
N ILE A 145 -25.41 45.07 11.02
CA ILE A 145 -26.84 45.22 11.29
C ILE A 145 -27.45 43.89 11.70
N ASP A 146 -28.13 43.88 12.85
CA ASP A 146 -28.74 42.67 13.35
C ASP A 146 -29.76 42.98 14.44
N TYR A 147 -30.51 41.96 14.86
CA TYR A 147 -31.47 42.13 15.94
C TYR A 147 -30.82 42.84 17.12
N SER A 148 -31.62 43.56 17.90
CA SER A 148 -31.12 44.31 19.04
C SER A 148 -30.37 43.45 20.04
N ASP A 149 -30.95 42.31 20.39
CA ASP A 149 -30.40 41.45 21.43
C ASP A 149 -29.04 40.86 21.05
N LEU A 150 -28.94 40.38 19.82
CA LEU A 150 -27.73 39.72 19.36
C LEU A 150 -26.56 40.70 19.30
N LEU A 151 -26.88 41.97 19.07
CA LEU A 151 -25.87 43.01 19.00
C LEU A 151 -25.44 43.47 20.40
N LYS A 152 -26.38 43.59 21.33
CA LYS A 152 -26.03 43.85 22.72
C LYS A 152 -24.90 42.93 23.16
N ILE A 153 -25.09 41.64 22.96
CA ILE A 153 -24.10 40.64 23.34
C ILE A 153 -22.79 40.87 22.59
N LYS A 154 -22.90 41.00 21.28
CA LYS A 154 -21.73 41.20 20.43
C LYS A 154 -20.96 42.46 20.81
N ILE A 155 -21.70 43.52 21.12
CA ILE A 155 -21.10 44.81 21.45
C ILE A 155 -20.35 44.77 22.79
N GLU A 156 -20.85 43.97 23.72
CA GLU A 156 -20.18 43.86 25.02
C GLU A 156 -18.85 43.13 24.90
N LEU A 157 -18.81 42.10 24.05
CA LEU A 157 -17.57 41.39 23.78
C LEU A 157 -16.53 42.34 23.19
N ILE A 158 -16.91 42.95 22.07
CA ILE A 158 -16.06 43.91 21.36
C ILE A 158 -15.42 44.92 22.32
N LYS A 159 -16.20 45.35 23.31
CA LYS A 159 -15.73 46.34 24.28
C LYS A 159 -14.82 45.74 25.34
N THR A 160 -15.02 44.48 25.66
CA THR A 160 -14.29 43.84 26.75
C THR A 160 -13.16 42.94 26.26
N ILE A 161 -12.59 43.29 25.12
CA ILE A 161 -11.51 42.49 24.52
C ILE A 161 -10.48 43.39 23.84
N PRO A 162 -9.46 43.80 24.60
CA PRO A 162 -8.37 44.68 24.18
C PRO A 162 -7.94 44.48 22.73
N GLU A 163 -7.90 43.23 22.26
CA GLU A 163 -7.52 42.95 20.88
C GLU A 163 -8.54 43.51 19.91
N LEU A 164 -9.83 43.32 20.20
CA LEU A 164 -10.88 43.83 19.34
C LEU A 164 -11.05 45.34 19.52
N SER A 165 -11.18 45.78 20.77
CA SER A 165 -11.34 47.20 21.07
C SER A 165 -10.24 48.07 20.45
N LYS A 166 -9.01 47.58 20.49
CA LYS A 166 -7.89 48.33 19.93
C LYS A 166 -8.05 48.56 18.43
N ILE A 167 -8.54 47.54 17.73
CA ILE A 167 -8.69 47.59 16.28
C ILE A 167 -9.64 48.70 15.82
N ILE A 168 -10.75 48.89 16.53
CA ILE A 168 -11.71 49.92 16.16
C ILE A 168 -11.54 51.22 16.94
N GLY A 169 -10.37 51.36 17.57
CA GLY A 169 -9.97 52.61 18.19
C GLY A 169 -10.65 52.93 19.50
N LEU A 170 -11.10 51.90 20.20
CA LEU A 170 -11.76 52.12 21.48
C LEU A 170 -10.77 52.09 22.63
N SER A 171 -11.30 52.23 23.85
CA SER A 171 -10.49 52.14 25.05
C SER A 171 -9.83 50.78 25.14
N ASN A 181 -25.49 48.94 29.13
CA ASN A 181 -25.86 47.71 28.44
C ASN A 181 -26.48 48.03 27.08
N VAL A 182 -25.67 48.60 26.19
CA VAL A 182 -26.14 49.21 24.95
C VAL A 182 -26.39 48.20 23.84
N ASP A 183 -26.97 48.66 22.74
CA ASP A 183 -27.17 47.82 21.56
C ASP A 183 -26.70 48.51 20.27
N PHE A 184 -26.14 49.70 20.41
CA PHE A 184 -25.48 50.36 19.27
C PHE A 184 -24.03 50.72 19.63
N LEU A 185 -23.22 50.96 18.61
CA LEU A 185 -21.82 51.30 18.81
C LEU A 185 -21.29 52.12 17.65
N THR A 186 -20.44 53.10 17.96
CA THR A 186 -19.96 54.04 16.95
C THR A 186 -18.46 54.29 17.03
N THR A 187 -17.78 54.17 15.89
CA THR A 187 -16.36 54.47 15.77
C THR A 187 -16.09 54.96 14.34
N PRO A 188 -14.94 55.59 14.12
CA PRO A 188 -14.62 56.13 12.79
C PRO A 188 -14.82 55.12 11.67
N LYS A 189 -14.36 53.89 11.90
CA LYS A 189 -14.33 52.87 10.86
C LYS A 189 -15.33 51.72 11.04
N TYR A 190 -16.09 51.74 12.14
CA TYR A 190 -17.02 50.64 12.40
C TYR A 190 -18.28 51.05 13.19
N LEU A 191 -19.45 50.78 12.61
CA LEU A 191 -20.72 51.00 13.29
C LEU A 191 -21.46 49.68 13.52
N ALA A 192 -22.37 49.68 14.49
CA ALA A 192 -23.27 48.56 14.71
C ALA A 192 -24.65 49.10 15.02
N ARG A 193 -25.60 48.80 14.15
CA ARG A 193 -26.93 49.39 14.23
C ARG A 193 -28.04 48.36 14.40
N PRO A 194 -28.74 48.43 15.54
CA PRO A 194 -29.91 47.58 15.82
C PRO A 194 -30.97 47.78 14.77
N CYS A 195 -31.56 46.70 14.30
CA CYS A 195 -32.60 46.80 13.28
C CYS A 195 -33.19 45.45 12.92
N ASP A 196 -34.52 45.38 12.94
CA ASP A 196 -35.23 44.23 12.41
C ASP A 196 -35.51 44.49 10.93
N LEU A 197 -34.87 43.71 10.07
CA LEU A 197 -34.97 43.87 8.63
C LEU A 197 -36.37 43.58 8.08
N ASN A 198 -37.20 42.90 8.88
CA ASN A 198 -38.60 42.71 8.52
C ASN A 198 -39.29 44.06 8.49
N ASP A 199 -38.73 45.01 9.24
CA ASP A 199 -39.25 46.36 9.29
C ASP A 199 -38.60 47.21 8.19
N SER A 200 -39.21 47.20 7.01
CA SER A 200 -38.68 47.93 5.86
C SER A 200 -38.44 49.41 6.11
N LYS A 201 -39.42 50.07 6.71
CA LYS A 201 -39.33 51.51 6.94
C LYS A 201 -38.14 51.87 7.82
N MET A 202 -38.03 51.19 8.96
CA MET A 202 -36.96 51.48 9.91
C MET A 202 -35.57 51.26 9.29
N PHE A 203 -35.50 50.31 8.37
CA PHE A 203 -34.27 50.07 7.61
C PHE A 203 -34.02 51.22 6.65
N SER A 204 -35.08 51.63 5.94
CA SER A 204 -35.00 52.79 5.04
C SER A 204 -34.50 54.02 5.79
N THR A 205 -34.93 54.14 7.05
CA THR A 205 -34.49 55.22 7.91
C THR A 205 -33.02 55.07 8.26
N LEU A 206 -32.61 53.84 8.57
CA LEU A 206 -31.23 53.56 8.92
C LEU A 206 -30.28 53.91 7.77
N LEU A 207 -30.67 53.52 6.56
CA LEU A 207 -29.90 53.84 5.37
C LEU A 207 -29.62 55.34 5.30
N ASN A 208 -30.61 56.14 5.64
CA ASN A 208 -30.50 57.59 5.60
C ASN A 208 -29.66 58.17 6.74
N GLU A 209 -29.82 57.60 7.93
CA GLU A 209 -29.10 58.08 9.10
C GLU A 209 -27.60 57.74 8.98
N CYS A 210 -27.30 56.75 8.15
CA CYS A 210 -25.90 56.35 7.92
C CYS A 210 -25.34 56.93 6.63
N GLN A 211 -26.03 57.91 6.07
CA GLN A 211 -25.53 58.66 4.90
C GLN A 211 -25.07 57.75 3.76
N LEU A 212 -25.84 56.70 3.48
CA LEU A 212 -25.46 55.75 2.44
C LEU A 212 -26.03 56.18 1.10
N TYR A 213 -26.73 57.31 1.12
CA TYR A 213 -27.26 57.94 -0.09
C TYR A 213 -26.13 58.61 -0.87
N ASP A 214 -25.01 58.83 -0.19
CA ASP A 214 -23.87 59.55 -0.76
C ASP A 214 -23.24 58.81 -1.95
N PRO A 215 -23.23 59.46 -3.12
CA PRO A 215 -22.74 58.86 -4.37
C PRO A 215 -21.23 58.65 -4.36
N ASN A 216 -20.54 59.30 -3.44
CA ASN A 216 -19.08 59.26 -3.41
C ASN A 216 -18.56 58.20 -2.45
N VAL A 217 -19.46 57.31 -2.03
CA VAL A 217 -19.11 56.17 -1.22
C VAL A 217 -19.70 54.93 -1.87
N VAL A 218 -18.86 53.97 -2.22
CA VAL A 218 -19.36 52.72 -2.77
C VAL A 218 -19.92 51.87 -1.65
N LYS A 219 -21.17 51.45 -1.78
CA LYS A 219 -21.79 50.58 -0.81
C LYS A 219 -21.66 49.13 -1.22
N VAL A 220 -21.30 48.29 -0.25
CA VAL A 220 -21.24 46.86 -0.50
C VAL A 220 -22.13 46.16 0.51
N PHE A 221 -23.36 45.86 0.11
CA PHE A 221 -24.30 45.19 0.99
C PHE A 221 -24.14 43.67 0.96
N VAL A 222 -23.76 43.11 2.11
CA VAL A 222 -23.56 41.67 2.22
C VAL A 222 -24.68 41.01 3.03
N ALA A 223 -25.36 40.06 2.40
CA ALA A 223 -26.34 39.21 3.08
C ALA A 223 -25.86 37.77 3.01
N GLU A 224 -25.06 37.37 3.98
CA GLU A 224 -24.55 35.99 4.02
C GLU A 224 -25.51 35.09 4.78
N VAL A 225 -26.35 34.38 4.03
CA VAL A 225 -27.34 33.47 4.61
C VAL A 225 -28.06 34.10 5.78
N SER A 226 -28.78 35.19 5.51
CA SER A 226 -29.59 35.85 6.53
C SER A 226 -30.95 36.21 5.95
N LEU A 227 -30.97 36.92 4.82
CA LEU A 227 -32.23 37.22 4.15
C LEU A 227 -32.93 35.93 3.75
N ALA A 228 -32.20 34.82 3.86
CA ALA A 228 -32.75 33.51 3.52
C ALA A 228 -33.89 33.15 4.46
N TYR A 229 -33.83 33.66 5.69
CA TYR A 229 -34.80 33.30 6.70
C TYR A 229 -36.09 34.12 6.59
N MET A 230 -35.97 35.34 6.06
CA MET A 230 -37.11 36.23 5.92
C MET A 230 -37.98 35.83 4.73
N LYS A 231 -39.24 36.24 4.77
CA LYS A 231 -40.17 35.96 3.69
C LYS A 231 -39.76 36.68 2.41
N PRO A 232 -40.13 36.11 1.25
CA PRO A 232 -39.75 36.66 -0.05
C PRO A 232 -40.05 38.14 -0.12
N GLU A 233 -41.24 38.53 0.33
CA GLU A 233 -41.69 39.92 0.28
C GLU A 233 -40.89 40.84 1.18
N ARG A 234 -40.44 40.33 2.32
CA ARG A 234 -39.73 41.15 3.30
C ARG A 234 -38.26 41.31 2.94
N SER A 235 -37.65 40.27 2.38
CA SER A 235 -36.25 40.30 1.98
C SER A 235 -36.08 41.16 0.74
N ASP A 236 -37.00 41.02 -0.21
CA ASP A 236 -36.95 41.80 -1.44
C ASP A 236 -37.04 43.29 -1.17
N SER A 237 -37.74 43.65 -0.11
CA SER A 237 -37.88 45.06 0.25
C SER A 237 -36.53 45.62 0.63
N ILE A 238 -35.79 44.86 1.43
CA ILE A 238 -34.45 45.26 1.85
C ILE A 238 -33.59 45.54 0.61
N ILE A 239 -33.66 44.61 -0.34
CA ILE A 239 -32.91 44.74 -1.58
C ILE A 239 -33.30 45.98 -2.36
N GLU A 240 -34.60 46.20 -2.57
CA GLU A 240 -35.04 47.36 -3.34
C GLU A 240 -34.62 48.66 -2.64
N ALA A 241 -34.71 48.66 -1.30
CA ALA A 241 -34.31 49.82 -0.52
C ALA A 241 -32.87 50.21 -0.85
N THR A 242 -31.99 49.23 -0.88
CA THR A 242 -30.57 49.50 -1.12
C THR A 242 -30.30 49.90 -2.57
N SER A 243 -31.18 49.52 -3.48
CA SER A 243 -31.00 49.83 -4.89
C SER A 243 -31.15 51.32 -5.18
N LYS A 244 -31.74 52.04 -4.23
CA LYS A 244 -31.89 53.49 -4.36
C LYS A 244 -30.60 54.21 -3.96
N MET A 245 -29.66 53.46 -3.38
CA MET A 245 -28.36 54.02 -3.01
C MET A 245 -27.39 53.95 -4.18
N GLU A 246 -27.08 55.10 -4.77
CA GLU A 246 -26.21 55.15 -5.94
C GLU A 246 -24.85 54.54 -5.66
N ASN A 247 -24.39 53.71 -6.60
CA ASN A 247 -23.12 53.01 -6.45
C ASN A 247 -23.16 52.01 -5.29
N SER A 248 -23.99 50.98 -5.45
CA SER A 248 -24.13 49.96 -4.43
C SER A 248 -23.93 48.57 -5.02
N HIS A 249 -23.23 47.71 -4.28
CA HIS A 249 -23.13 46.30 -4.61
C HIS A 249 -23.99 45.53 -3.63
N PHE A 250 -24.61 44.46 -4.10
CA PHE A 250 -25.30 43.55 -3.21
C PHE A 250 -24.74 42.15 -3.42
N ILE A 251 -24.02 41.67 -2.41
CA ILE A 251 -23.53 40.30 -2.43
C ILE A 251 -24.43 39.48 -1.52
N ILE A 252 -25.10 38.49 -2.10
CA ILE A 252 -25.94 37.61 -1.31
C ILE A 252 -25.45 36.18 -1.47
N LEU A 253 -25.44 35.46 -0.36
CA LEU A 253 -25.04 34.06 -0.34
C LEU A 253 -26.13 33.29 0.38
N GLU A 254 -26.89 32.47 -0.33
CA GLU A 254 -27.93 31.68 0.33
C GLU A 254 -28.31 30.43 -0.43
N GLN A 255 -29.21 29.66 0.16
CA GLN A 255 -29.58 28.35 -0.36
C GLN A 255 -30.42 28.43 -1.62
N LEU A 256 -30.31 27.37 -2.43
CA LEU A 256 -31.19 27.19 -3.56
C LEU A 256 -31.90 25.86 -3.41
N ILE A 257 -32.96 25.67 -4.19
CA ILE A 257 -33.54 24.35 -4.38
C ILE A 257 -33.83 24.16 -5.86
N PRO A 258 -32.76 24.07 -6.67
CA PRO A 258 -32.72 24.13 -8.13
C PRO A 258 -33.58 23.07 -8.84
N LYS A 259 -34.11 22.10 -8.10
CA LYS A 259 -34.99 21.10 -8.70
C LYS A 259 -36.23 20.84 -7.83
N GLY A 260 -36.65 21.85 -7.07
CA GLY A 260 -37.85 21.75 -6.26
C GLY A 260 -37.61 21.27 -4.84
N PRO A 261 -38.61 21.45 -3.96
CA PRO A 261 -38.51 21.12 -2.53
C PRO A 261 -38.44 19.62 -2.30
N PHE A 262 -38.46 18.86 -3.40
CA PHE A 262 -38.60 17.42 -3.31
C PHE A 262 -37.35 16.65 -3.75
N GLU A 263 -36.41 17.34 -4.36
CA GLU A 263 -35.10 16.74 -4.65
C GLU A 263 -34.49 16.26 -3.33
N PRO A 264 -33.90 15.06 -3.33
CA PRO A 264 -33.40 14.37 -2.13
C PRO A 264 -32.71 15.26 -1.09
N PHE A 265 -31.76 16.08 -1.52
CA PHE A 265 -31.01 16.93 -0.59
C PHE A 265 -31.81 18.17 -0.19
N SER A 266 -32.58 18.71 -1.12
CA SER A 266 -33.47 19.83 -0.85
C SER A 266 -34.45 19.44 0.25
N LYS A 267 -35.18 18.35 0.02
CA LYS A 267 -36.12 17.82 0.98
C LYS A 267 -35.54 17.80 2.38
N GLN A 268 -34.34 17.23 2.52
CA GLN A 268 -33.68 17.10 3.80
C GLN A 268 -33.33 18.46 4.38
N MET A 269 -32.76 19.32 3.54
CA MET A 269 -32.33 20.64 3.98
C MET A 269 -33.51 21.44 4.51
N LEU A 270 -34.58 21.55 3.71
CA LEU A 270 -35.75 22.30 4.11
C LEU A 270 -36.31 21.82 5.46
N ALA A 271 -36.47 20.51 5.59
CA ALA A 271 -37.03 19.93 6.80
C ALA A 271 -36.17 20.23 8.01
N HIS A 272 -34.85 20.11 7.86
CA HIS A 272 -33.93 20.44 8.94
C HIS A 272 -34.22 21.82 9.48
N PHE A 273 -34.53 22.75 8.57
CA PHE A 273 -34.70 24.14 8.94
C PHE A 273 -36.06 24.46 9.57
N LYS A 274 -37.10 23.74 9.17
CA LYS A 274 -38.37 23.87 9.87
C LYS A 274 -38.17 23.41 11.31
N ARG A 275 -37.39 22.34 11.46
CA ARG A 275 -37.16 21.74 12.77
C ARG A 275 -36.51 22.71 13.76
N ASN A 276 -35.53 23.48 13.29
CA ASN A 276 -34.86 24.46 14.13
C ASN A 276 -35.73 25.67 14.44
N ASP A 277 -36.88 25.75 13.78
CA ASP A 277 -37.78 26.88 13.94
C ASP A 277 -37.21 28.12 13.26
N SER A 278 -36.53 27.89 12.14
CA SER A 278 -35.93 28.96 11.36
C SER A 278 -35.93 28.57 9.89
N PRO A 279 -37.13 28.30 9.34
CA PRO A 279 -37.25 27.80 7.96
C PRO A 279 -36.72 28.77 6.92
N LEU A 280 -36.21 28.21 5.82
CA LEU A 280 -35.82 29.01 4.67
C LEU A 280 -37.10 29.34 3.91
N GLN A 281 -37.41 30.63 3.81
CA GLN A 281 -38.68 31.05 3.25
C GLN A 281 -38.51 31.70 1.87
N SER A 282 -37.45 32.48 1.72
CA SER A 282 -37.20 33.16 0.44
C SER A 282 -36.84 32.17 -0.66
N VAL A 283 -36.22 31.05 -0.30
CA VAL A 283 -35.76 30.09 -1.28
C VAL A 283 -36.94 29.37 -1.95
N LEU A 284 -38.06 29.32 -1.25
CA LEU A 284 -39.28 28.71 -1.78
C LEU A 284 -39.73 29.43 -3.04
N LYS A 285 -39.55 30.74 -3.07
CA LYS A 285 -39.91 31.55 -4.24
C LYS A 285 -38.75 31.66 -5.23
N TYR A 286 -37.53 31.63 -4.71
CA TYR A 286 -36.34 31.77 -5.55
C TYR A 286 -35.51 30.50 -5.55
N ASN A 287 -35.93 29.55 -6.39
CA ASN A 287 -35.38 28.20 -6.43
C ASN A 287 -34.02 28.09 -7.11
N THR A 288 -33.87 28.79 -8.24
CA THR A 288 -32.73 28.57 -9.13
C THR A 288 -31.76 29.75 -9.18
N ILE A 289 -30.61 29.52 -9.80
CA ILE A 289 -29.65 30.58 -10.09
C ILE A 289 -30.33 31.66 -10.94
N GLU A 290 -31.13 31.20 -11.89
CA GLU A 290 -31.81 32.10 -12.82
C GLU A 290 -32.82 33.00 -12.13
N SER A 291 -33.65 32.43 -11.26
CA SER A 291 -34.66 33.22 -10.54
C SER A 291 -33.99 34.31 -9.72
N GLN A 292 -32.79 34.02 -9.22
CA GLN A 292 -32.01 35.00 -8.49
C GLN A 292 -31.63 36.18 -9.37
N VAL A 293 -31.34 35.89 -10.64
CA VAL A 293 -31.01 36.95 -11.60
C VAL A 293 -32.21 37.86 -11.86
N GLN A 294 -33.36 37.27 -12.13
CA GLN A 294 -34.58 38.04 -12.37
C GLN A 294 -34.98 38.85 -11.15
N ARG A 295 -34.79 38.24 -9.99
CA ARG A 295 -35.11 38.86 -8.70
C ARG A 295 -34.37 40.18 -8.54
N PHE A 296 -33.08 40.18 -8.86
CA PHE A 296 -32.26 41.37 -8.65
C PHE A 296 -32.51 42.46 -9.69
N ASN A 297 -32.78 42.05 -10.93
CA ASN A 297 -33.15 43.02 -11.97
C ASN A 297 -34.43 43.71 -11.56
N LYS A 298 -35.45 42.92 -11.26
CA LYS A 298 -36.74 43.40 -10.81
C LYS A 298 -36.64 44.41 -9.67
N LEU A 299 -35.60 44.26 -8.86
CA LEU A 299 -35.49 45.04 -7.63
C LEU A 299 -34.47 46.18 -7.69
N GLY A 300 -34.00 46.52 -8.89
CA GLY A 300 -33.17 47.70 -9.07
C GLY A 300 -31.69 47.45 -9.30
N PHE A 301 -31.31 46.19 -9.47
CA PHE A 301 -29.92 45.84 -9.74
C PHE A 301 -29.76 45.24 -11.14
N ALA A 302 -29.40 46.09 -12.09
CA ALA A 302 -29.31 45.72 -13.50
C ALA A 302 -28.17 44.76 -13.83
N TYR A 303 -27.08 44.84 -13.07
CA TYR A 303 -25.88 44.09 -13.37
C TYR A 303 -25.65 42.98 -12.35
N VAL A 304 -25.67 41.74 -12.81
CA VAL A 304 -25.65 40.58 -11.92
C VAL A 304 -24.69 39.47 -12.38
N ASN A 305 -23.77 39.10 -11.49
CA ASN A 305 -22.87 37.97 -11.70
C ASN A 305 -23.16 36.90 -10.66
N VAL A 306 -23.48 35.69 -11.09
CA VAL A 306 -23.99 34.68 -10.17
C VAL A 306 -23.64 33.23 -10.56
N GLY A 307 -23.19 32.46 -9.58
CA GLY A 307 -22.92 31.04 -9.77
C GLY A 307 -23.14 30.30 -8.47
N ASP A 308 -23.15 28.97 -8.51
CA ASP A 308 -23.27 28.18 -7.28
C ASP A 308 -21.90 27.82 -6.74
N MET A 309 -21.86 27.36 -5.49
CA MET A 309 -20.59 27.12 -4.80
C MET A 309 -19.58 26.25 -5.55
N PHE A 310 -20.04 25.37 -6.44
CA PHE A 310 -19.10 24.48 -7.11
C PHE A 310 -18.33 25.15 -8.24
N GLN A 311 -18.88 26.23 -8.76
CA GLN A 311 -18.17 27.03 -9.75
C GLN A 311 -17.10 27.84 -9.04
N LEU A 312 -17.33 28.11 -7.76
CA LEU A 312 -16.34 28.80 -6.94
C LEU A 312 -15.17 27.86 -6.71
N TRP A 313 -15.51 26.61 -6.36
CA TRP A 313 -14.53 25.55 -6.20
C TRP A 313 -13.70 25.45 -7.47
N GLU A 314 -14.36 25.16 -8.58
CA GLU A 314 -13.70 25.07 -9.88
C GLU A 314 -12.78 26.26 -10.16
N SER A 315 -13.20 27.44 -9.69
CA SER A 315 -12.52 28.68 -10.04
C SER A 315 -11.22 28.88 -9.24
N ALA A 316 -11.11 28.18 -8.12
CA ALA A 316 -9.91 28.25 -7.30
C ALA A 316 -8.70 27.68 -8.05
N ASP A 317 -7.55 28.32 -7.88
CA ASP A 317 -6.34 27.95 -8.62
C ASP A 317 -5.73 26.62 -8.18
N GLU A 318 -4.96 26.02 -9.09
CA GLU A 318 -4.39 24.69 -8.90
C GLU A 318 -3.57 24.54 -7.61
N ALA A 319 -2.86 25.60 -7.23
CA ALA A 319 -2.04 25.57 -6.03
C ALA A 319 -2.92 25.64 -4.79
N THR A 320 -4.05 26.33 -4.92
CA THR A 320 -5.04 26.40 -3.85
C THR A 320 -5.76 25.07 -3.71
N LYS A 321 -6.18 24.50 -4.84
CA LYS A 321 -6.83 23.19 -4.85
C LYS A 321 -5.91 22.15 -4.20
N LYS A 322 -4.67 22.11 -4.66
CA LYS A 322 -3.67 21.21 -4.09
C LYS A 322 -3.62 21.31 -2.58
N GLU A 323 -3.53 22.53 -2.07
CA GLU A 323 -3.48 22.76 -0.63
C GLU A 323 -4.71 22.21 0.06
N LEU A 324 -5.88 22.59 -0.43
CA LEU A 324 -7.15 22.28 0.21
C LEU A 324 -7.39 20.78 0.34
N LEU A 325 -6.93 20.02 -0.66
CA LEU A 325 -7.02 18.56 -0.61
C LEU A 325 -6.18 18.02 0.55
N LYS A 326 -5.02 18.63 0.76
CA LYS A 326 -4.05 18.15 1.74
C LYS A 326 -4.32 18.60 3.17
N VAL A 327 -5.26 19.52 3.35
CA VAL A 327 -5.56 20.04 4.67
C VAL A 327 -6.04 18.94 5.62
N GLU A 328 -7.04 18.17 5.19
CA GLU A 328 -7.54 17.06 5.99
C GLU A 328 -8.12 15.96 5.11
N PRO A 329 -8.08 14.72 5.61
CA PRO A 329 -8.70 13.54 5.01
C PRO A 329 -10.14 13.80 4.58
N PHE A 330 -10.43 13.58 3.30
CA PHE A 330 -11.75 13.84 2.75
C PHE A 330 -12.10 12.79 1.70
N ASP A 331 -13.29 12.21 1.81
CA ASP A 331 -13.79 11.31 0.79
C ASP A 331 -15.32 11.35 0.73
N GLU A 332 -15.89 12.52 1.00
CA GLU A 332 -17.34 12.68 0.99
C GLU A 332 -17.83 13.55 -0.18
N LEU A 333 -17.35 13.22 -1.38
CA LEU A 333 -17.56 14.05 -2.56
C LEU A 333 -19.00 14.16 -3.07
N GLU A 334 -19.76 13.07 -3.03
CA GLU A 334 -21.16 13.12 -3.46
C GLU A 334 -21.86 14.18 -2.63
N GLU A 335 -21.66 14.11 -1.32
CA GLU A 335 -22.18 15.12 -0.41
C GLU A 335 -21.81 16.52 -0.87
N PHE A 336 -20.54 16.67 -1.22
CA PHE A 336 -19.98 17.97 -1.54
C PHE A 336 -20.56 18.55 -2.82
N HIS A 337 -20.81 17.69 -3.80
CA HIS A 337 -21.51 18.10 -5.01
C HIS A 337 -22.91 18.58 -4.63
N LEU A 338 -23.62 17.76 -3.85
CA LEU A 338 -24.98 18.10 -3.43
C LEU A 338 -25.03 19.44 -2.69
N PHE A 339 -24.22 19.56 -1.65
CA PHE A 339 -24.13 20.81 -0.90
C PHE A 339 -23.86 22.00 -1.80
N CYS A 340 -22.83 21.89 -2.64
CA CYS A 340 -22.39 22.97 -3.50
C CYS A 340 -23.50 23.52 -4.40
N HIS A 341 -24.30 22.63 -4.98
CA HIS A 341 -25.36 23.07 -5.90
C HIS A 341 -26.52 23.75 -5.18
N HIS A 342 -26.50 23.73 -3.85
CA HIS A 342 -27.59 24.29 -3.06
C HIS A 342 -27.21 25.62 -2.41
N TYR A 343 -26.09 26.19 -2.82
CA TYR A 343 -25.72 27.53 -2.37
C TYR A 343 -25.28 28.40 -3.53
N VAL A 344 -25.96 29.52 -3.70
CA VAL A 344 -25.62 30.46 -4.76
C VAL A 344 -24.87 31.65 -4.19
N LEU A 345 -23.87 32.11 -4.93
CA LEU A 345 -23.18 33.35 -4.61
C LEU A 345 -23.58 34.41 -5.63
N CYS A 346 -24.41 35.34 -5.21
CA CYS A 346 -24.94 36.34 -6.13
C CYS A 346 -24.33 37.72 -5.89
N HIS A 347 -23.65 38.24 -6.91
CA HIS A 347 -23.06 39.58 -6.85
C HIS A 347 -23.78 40.49 -7.84
N ALA A 348 -24.50 41.47 -7.31
CA ALA A 348 -25.25 42.40 -8.15
C ALA A 348 -24.73 43.82 -7.97
N THR A 349 -24.93 44.65 -8.98
CA THR A 349 -24.46 46.03 -8.97
C THR A 349 -25.52 46.93 -9.60
N ASN A 350 -25.66 48.15 -9.09
CA ASN A 350 -26.61 49.08 -9.69
C ASN A 350 -25.92 50.19 -10.47
N TYR A 351 -24.78 49.86 -11.07
CA TYR A 351 -24.08 50.81 -11.93
C TYR A 351 -23.16 50.19 -12.97
N LYS A 352 -23.15 50.79 -14.15
CA LYS A 352 -22.40 50.30 -15.31
C LYS A 352 -20.89 50.33 -15.11
N GLU A 353 -20.41 51.38 -14.43
CA GLU A 353 -18.97 51.55 -14.22
C GLU A 353 -18.28 50.25 -13.81
N PHE A 354 -18.78 49.61 -12.76
CA PHE A 354 -18.12 48.41 -12.25
C PHE A 354 -18.13 47.24 -13.24
N ALA A 355 -16.95 46.70 -13.49
CA ALA A 355 -16.80 45.60 -14.42
C ALA A 355 -16.62 44.27 -13.68
N PHE A 356 -17.25 43.22 -14.20
CA PHE A 356 -16.99 41.89 -13.69
C PHE A 356 -15.87 41.25 -14.50
N THR A 357 -14.63 41.58 -14.15
CA THR A 357 -13.46 41.07 -14.86
C THR A 357 -13.53 39.55 -15.00
N GLN A 358 -12.78 39.01 -15.94
CA GLN A 358 -12.89 37.59 -16.27
C GLN A 358 -12.45 36.70 -15.12
N GLY A 359 -11.74 37.29 -14.17
CA GLY A 359 -11.25 36.56 -13.01
C GLY A 359 -12.34 36.25 -12.00
N PHE A 360 -13.41 37.02 -12.05
CA PHE A 360 -14.50 36.90 -11.09
C PHE A 360 -15.82 36.48 -11.74
N LEU A 361 -15.82 36.38 -13.06
CA LEU A 361 -17.03 36.08 -13.81
C LEU A 361 -17.40 34.59 -13.75
N PHE A 362 -18.66 34.31 -13.42
CA PHE A 362 -19.19 32.95 -13.49
C PHE A 362 -19.76 32.70 -14.88
N ASP A 363 -19.73 31.44 -15.32
CA ASP A 363 -20.41 31.05 -16.54
C ASP A 363 -21.76 30.46 -16.20
N ARG A 364 -22.72 30.64 -17.09
CA ARG A 364 -24.09 30.23 -16.85
C ARG A 364 -24.60 29.48 -18.07
N SER A 365 -24.97 28.21 -17.90
CA SER A 365 -25.44 27.44 -19.03
C SER A 365 -26.38 26.30 -18.64
N ILE A 366 -27.64 26.64 -18.43
CA ILE A 366 -28.68 25.63 -18.21
C ILE A 366 -29.17 25.12 -19.56
N SER A 367 -28.61 24.01 -20.02
CA SER A 367 -29.05 23.43 -21.29
C SER A 367 -30.06 22.33 -21.02
N GLU A 368 -31.33 22.70 -20.92
CA GLU A 368 -32.37 21.71 -20.69
C GLU A 368 -32.27 20.62 -21.75
N ILE A 369 -32.19 19.38 -21.30
CA ILE A 369 -32.08 18.26 -22.22
C ILE A 369 -33.31 17.35 -22.07
N ASN A 370 -34.05 17.18 -23.16
CA ASN A 370 -35.21 16.31 -23.19
C ASN A 370 -34.85 14.92 -23.69
N LEU A 371 -35.20 13.91 -22.92
CA LEU A 371 -34.89 12.52 -23.26
C LEU A 371 -36.16 11.73 -23.53
N THR A 372 -36.10 10.86 -24.53
CA THR A 372 -37.22 9.99 -24.84
C THR A 372 -37.46 9.07 -23.65
N VAL A 373 -38.73 8.86 -23.32
CA VAL A 373 -39.07 8.04 -22.15
C VAL A 373 -39.14 6.55 -22.50
N ASP A 374 -38.19 5.79 -21.95
CA ASP A 374 -38.08 4.37 -22.24
C ASP A 374 -39.42 3.66 -22.11
N GLU A 375 -39.76 2.85 -23.11
CA GLU A 375 -41.05 2.18 -23.16
C GLU A 375 -40.96 0.72 -22.73
N ASP A 376 -39.74 0.24 -22.49
CA ASP A 376 -39.53 -1.16 -22.15
C ASP A 376 -39.39 -1.39 -20.65
N TYR A 377 -38.79 -0.44 -19.95
CA TYR A 377 -38.59 -0.58 -18.52
C TYR A 377 -39.09 0.62 -17.74
N GLN A 378 -39.61 0.36 -16.55
CA GLN A 378 -40.07 1.41 -15.66
C GLN A 378 -39.49 1.20 -14.27
N LEU A 379 -39.79 2.12 -13.36
CA LEU A 379 -39.17 2.12 -12.04
C LEU A 379 -40.17 1.88 -10.93
N LEU A 380 -39.96 0.84 -10.12
CA LEU A 380 -40.83 0.55 -9.01
C LEU A 380 -40.18 0.77 -7.65
N GLU A 381 -41.04 1.05 -6.68
CA GLU A 381 -40.68 1.29 -5.29
C GLU A 381 -40.52 -0.08 -4.62
N CYS A 382 -39.37 -0.33 -4.00
CA CYS A 382 -39.05 -1.68 -3.54
C CYS A 382 -38.95 -1.83 -2.02
N GLU A 383 -39.18 -0.73 -1.31
CA GLU A 383 -39.15 -0.74 0.15
C GLU A 383 -38.22 -1.79 0.72
N CYS A 384 -36.93 -1.63 0.50
CA CYS A 384 -35.98 -2.60 1.03
C CYS A 384 -34.78 -1.98 1.73
N PRO A 385 -34.63 -2.32 3.02
CA PRO A 385 -33.85 -1.65 4.05
C PRO A 385 -32.62 -2.45 4.50
N ILE A 386 -31.49 -2.31 3.82
CA ILE A 386 -30.25 -2.87 4.33
C ILE A 386 -29.56 -1.81 5.19
N ASN A 387 -30.01 -0.58 5.06
CA ASN A 387 -29.55 0.52 5.91
C ASN A 387 -28.03 0.63 6.01
N ARG A 388 -27.36 0.63 4.86
CA ARG A 388 -25.92 0.85 4.81
C ARG A 388 -25.49 1.30 3.41
N LYS A 389 -24.25 1.78 3.31
CA LYS A 389 -23.77 2.38 2.07
C LYS A 389 -22.29 2.11 1.86
N PHE A 390 -21.89 2.02 0.60
CA PHE A 390 -20.49 1.85 0.23
C PHE A 390 -19.90 0.54 0.73
N GLY A 391 -20.76 -0.46 0.89
CA GLY A 391 -20.30 -1.82 0.98
C GLY A 391 -20.26 -2.31 -0.45
N ASP A 392 -20.28 -3.62 -0.64
CA ASP A 392 -20.49 -4.16 -1.97
C ASP A 392 -21.27 -5.45 -1.94
N VAL A 393 -21.91 -5.76 -3.06
CA VAL A 393 -22.77 -6.92 -3.17
C VAL A 393 -22.47 -7.66 -4.46
N ASP A 394 -22.70 -8.97 -4.44
CA ASP A 394 -22.55 -9.79 -5.64
C ASP A 394 -23.27 -11.09 -5.39
N VAL A 395 -23.92 -11.62 -6.42
CA VAL A 395 -24.69 -12.85 -6.27
C VAL A 395 -23.84 -14.07 -6.62
N ALA A 396 -23.83 -15.04 -5.71
CA ALA A 396 -23.19 -16.32 -5.98
C ALA A 396 -24.29 -17.32 -6.33
N GLY A 397 -24.53 -17.48 -7.62
CA GLY A 397 -25.60 -18.34 -8.09
C GLY A 397 -26.95 -17.84 -7.60
N ASN A 398 -27.51 -18.53 -6.61
CA ASN A 398 -28.80 -18.16 -6.06
C ASN A 398 -28.76 -17.07 -4.98
N ASP A 399 -27.89 -17.26 -3.99
CA ASP A 399 -27.81 -16.35 -2.86
C ASP A 399 -27.15 -15.01 -3.19
N VAL A 400 -27.56 -13.98 -2.46
CA VAL A 400 -27.07 -12.63 -2.68
C VAL A 400 -26.35 -12.11 -1.43
N PHE A 401 -25.08 -11.77 -1.60
CA PHE A 401 -24.27 -11.35 -0.46
C PHE A 401 -23.83 -9.88 -0.51
N TYR A 402 -24.09 -9.18 0.58
CA TYR A 402 -23.59 -7.82 0.80
C TYR A 402 -22.54 -7.89 1.89
N MET A 403 -21.39 -7.25 1.68
CA MET A 403 -20.33 -7.24 2.69
C MET A 403 -19.83 -5.83 3.01
N GLY A 404 -19.54 -5.58 4.28
CA GLY A 404 -18.99 -4.30 4.70
C GLY A 404 -19.94 -3.13 4.49
N GLY A 405 -19.37 -1.96 4.23
CA GLY A 405 -20.13 -0.73 4.11
C GLY A 405 -20.17 0.00 5.43
N SER A 406 -20.91 1.11 5.49
CA SER A 406 -21.05 1.88 6.73
C SER A 406 -22.51 2.16 7.05
N ASN A 407 -22.84 2.19 8.33
CA ASN A 407 -24.24 2.31 8.73
C ASN A 407 -24.52 3.07 10.03
N PRO A 408 -23.87 4.23 10.24
CA PRO A 408 -22.96 4.98 9.36
C PRO A 408 -21.52 4.63 9.67
N TYR A 409 -21.33 3.73 10.62
CA TYR A 409 -20.01 3.27 11.00
C TYR A 409 -19.62 2.08 10.16
N ARG A 410 -18.31 1.89 10.02
CA ARG A 410 -17.79 0.85 9.14
C ARG A 410 -17.88 -0.53 9.77
N VAL A 411 -18.37 -1.49 8.98
CA VAL A 411 -18.55 -2.85 9.46
C VAL A 411 -17.90 -3.82 8.48
N ASN A 412 -17.61 -5.03 8.95
CA ASN A 412 -16.99 -6.05 8.12
C ASN A 412 -17.90 -7.26 8.01
N GLU A 413 -19.17 -7.03 8.32
CA GLU A 413 -20.15 -8.08 8.47
C GLU A 413 -20.83 -8.41 7.15
N ILE A 414 -21.21 -9.67 6.97
CA ILE A 414 -21.87 -10.09 5.74
C ILE A 414 -23.36 -10.30 5.95
N LEU A 415 -24.17 -9.60 5.16
CA LEU A 415 -25.61 -9.84 5.12
C LEU A 415 -25.90 -10.78 3.96
N GLN A 416 -26.86 -11.68 4.13
CA GLN A 416 -27.42 -12.40 2.98
C GLN A 416 -28.79 -11.83 2.67
N LEU A 417 -29.03 -11.60 1.38
CA LEU A 417 -30.25 -10.96 0.94
C LEU A 417 -31.16 -11.94 0.21
N SER A 418 -32.39 -12.07 0.70
CA SER A 418 -33.41 -12.86 0.01
C SER A 418 -34.40 -11.93 -0.68
N ILE A 419 -34.31 -11.88 -2.00
CA ILE A 419 -35.12 -10.95 -2.79
C ILE A 419 -36.42 -11.60 -3.27
N HIS A 420 -37.54 -10.99 -2.86
CA HIS A 420 -38.85 -11.44 -3.31
C HIS A 420 -39.50 -10.34 -4.14
N TYR A 421 -40.68 -10.63 -4.68
CA TYR A 421 -41.38 -9.67 -5.53
C TYR A 421 -41.84 -8.47 -4.72
N ASP A 422 -41.93 -8.64 -3.41
CA ASP A 422 -42.44 -7.60 -2.54
C ASP A 422 -41.33 -6.86 -1.78
N LYS A 423 -40.38 -7.61 -1.22
CA LYS A 423 -39.32 -7.02 -0.43
C LYS A 423 -38.10 -7.94 -0.37
N ILE A 424 -37.17 -7.63 0.53
CA ILE A 424 -35.98 -8.47 0.71
C ILE A 424 -35.70 -8.72 2.17
N ASP A 425 -35.55 -9.99 2.52
CA ASP A 425 -35.12 -10.37 3.86
C ASP A 425 -33.61 -10.28 3.95
N MET A 426 -33.09 -10.23 5.18
CA MET A 426 -31.65 -10.24 5.38
C MET A 426 -31.26 -10.83 6.74
N LYS A 427 -30.26 -11.70 6.72
CA LYS A 427 -29.74 -12.29 7.94
C LYS A 427 -28.23 -12.18 7.98
N ASN A 428 -27.69 -11.96 9.17
CA ASN A 428 -26.25 -11.92 9.34
C ASN A 428 -25.64 -13.30 9.18
N ILE A 429 -24.62 -13.40 8.34
CA ILE A 429 -23.88 -14.65 8.21
C ILE A 429 -22.63 -14.57 9.08
N GLU A 430 -22.62 -15.33 10.17
CA GLU A 430 -21.47 -15.36 11.06
C GLU A 430 -20.38 -16.23 10.46
N VAL A 431 -19.13 -15.93 10.82
CA VAL A 431 -17.98 -16.59 10.19
C VAL A 431 -17.25 -17.53 11.15
N SER A 432 -16.65 -18.58 10.60
CA SER A 432 -16.02 -19.61 11.43
C SER A 432 -14.54 -19.36 11.69
N SER A 433 -13.91 -18.58 10.82
CA SER A 433 -12.51 -18.21 10.99
C SER A 433 -12.33 -17.09 12.01
N SER A 434 -11.23 -17.14 12.75
CA SER A 434 -10.91 -16.10 13.72
C SER A 434 -10.35 -14.87 13.03
N GLU A 435 -9.51 -15.08 12.02
CA GLU A 435 -9.04 -13.97 11.21
C GLU A 435 -10.14 -13.49 10.27
N VAL A 436 -10.39 -12.18 10.28
CA VAL A 436 -11.41 -11.59 9.44
C VAL A 436 -10.95 -10.22 8.94
N PRO A 437 -11.34 -9.85 7.71
CA PRO A 437 -11.00 -8.52 7.22
C PRO A 437 -11.61 -7.46 8.12
N VAL A 438 -10.90 -6.35 8.30
CA VAL A 438 -11.37 -5.27 9.16
C VAL A 438 -12.56 -4.55 8.52
N ALA A 439 -13.37 -3.91 9.37
CA ALA A 439 -14.44 -3.05 8.90
C ALA A 439 -13.87 -2.12 7.85
N ARG A 440 -14.58 -1.98 6.74
CA ARG A 440 -14.11 -1.16 5.64
C ARG A 440 -15.24 -0.75 4.72
N MET A 441 -15.04 0.37 4.03
CA MET A 441 -16.00 0.83 3.03
C MET A 441 -15.28 1.14 1.72
N CYS A 442 -16.05 1.33 0.65
CA CYS A 442 -15.51 1.65 -0.67
C CYS A 442 -14.57 0.57 -1.20
N HIS A 443 -14.92 -0.69 -0.92
CA HIS A 443 -14.19 -1.83 -1.44
C HIS A 443 -14.99 -2.45 -2.58
N THR A 444 -14.47 -3.54 -3.14
CA THR A 444 -15.24 -4.35 -4.05
C THR A 444 -15.44 -5.74 -3.46
N PHE A 445 -16.47 -6.43 -3.94
CA PHE A 445 -16.83 -7.76 -3.44
C PHE A 445 -17.40 -8.53 -4.62
N THR A 446 -16.67 -9.54 -5.07
CA THR A 446 -16.94 -10.15 -6.37
C THR A 446 -16.89 -11.67 -6.33
N THR A 447 -17.92 -12.29 -6.91
CA THR A 447 -18.01 -13.74 -6.98
C THR A 447 -16.88 -14.30 -7.83
N ILE A 448 -16.13 -15.23 -7.26
CA ILE A 448 -15.08 -15.93 -7.98
C ILE A 448 -15.22 -17.43 -7.76
N SER A 449 -14.40 -18.21 -8.46
CA SER A 449 -14.33 -19.65 -8.23
C SER A 449 -15.62 -20.39 -8.54
N ARG A 450 -16.18 -20.13 -9.73
CA ARG A 450 -17.43 -20.77 -10.14
C ARG A 450 -18.53 -20.57 -9.11
N ASN A 451 -18.73 -19.32 -8.69
CA ASN A 451 -19.79 -18.99 -7.73
C ASN A 451 -19.58 -19.60 -6.35
N ASN A 452 -18.40 -20.16 -6.12
CA ASN A 452 -18.11 -20.85 -4.86
C ASN A 452 -17.48 -19.95 -3.80
N GLN A 453 -16.94 -18.81 -4.22
CA GLN A 453 -16.27 -17.90 -3.30
C GLN A 453 -16.56 -16.43 -3.59
N LEU A 454 -16.05 -15.56 -2.73
CA LEU A 454 -16.26 -14.12 -2.88
C LEU A 454 -14.95 -13.35 -2.67
N LEU A 455 -14.58 -12.51 -3.63
CA LEU A 455 -13.33 -11.77 -3.57
C LEU A 455 -13.52 -10.37 -3.01
N LEU A 456 -12.74 -10.05 -1.98
CA LEU A 456 -12.78 -8.72 -1.39
C LEU A 456 -11.51 -7.97 -1.70
N ILE A 457 -11.64 -6.87 -2.42
CA ILE A 457 -10.49 -6.06 -2.80
C ILE A 457 -10.52 -4.66 -2.19
N GLY A 458 -9.49 -4.34 -1.41
CA GLY A 458 -9.22 -2.98 -0.99
C GLY A 458 -10.22 -2.38 -0.02
N GLY A 459 -10.57 -1.13 -0.28
CA GLY A 459 -11.46 -0.38 0.58
C GLY A 459 -10.65 0.53 1.47
N ARG A 460 -11.32 1.14 2.44
CA ARG A 460 -10.65 2.05 3.34
C ARG A 460 -11.37 2.05 4.68
N LYS A 461 -10.69 2.52 5.71
CA LYS A 461 -11.37 2.87 6.95
C LYS A 461 -11.63 4.37 6.86
N ALA A 462 -10.86 5.17 7.60
CA ALA A 462 -10.92 6.62 7.42
C ALA A 462 -10.33 6.95 6.05
N PRO A 463 -10.70 8.10 5.48
CA PRO A 463 -10.22 8.48 4.15
C PRO A 463 -8.70 8.37 3.96
N HIS A 464 -7.95 8.64 5.02
CA HIS A 464 -6.50 8.61 4.96
C HIS A 464 -5.92 7.22 5.24
N GLN A 465 -6.80 6.25 5.44
CA GLN A 465 -6.42 4.88 5.74
C GLN A 465 -6.90 3.92 4.66
N GLY A 466 -6.42 4.11 3.43
CA GLY A 466 -6.73 3.18 2.35
C GLY A 466 -6.13 1.82 2.65
N LEU A 467 -6.76 0.76 2.14
CA LEU A 467 -6.32 -0.60 2.49
C LEU A 467 -5.68 -1.34 1.30
N SER A 468 -4.74 -2.22 1.61
CA SER A 468 -4.06 -3.00 0.59
C SER A 468 -4.29 -4.50 0.77
N ASP A 469 -4.87 -4.88 1.92
CA ASP A 469 -5.12 -6.29 2.19
C ASP A 469 -6.40 -6.79 1.52
N ASN A 470 -6.27 -7.90 0.78
CA ASN A 470 -7.39 -8.52 0.08
C ASN A 470 -7.72 -9.89 0.65
N TRP A 471 -9.01 -10.24 0.64
CA TRP A 471 -9.47 -11.51 1.20
C TRP A 471 -10.38 -12.26 0.24
N ILE A 472 -10.60 -13.54 0.55
CA ILE A 472 -11.58 -14.37 -0.12
C ILE A 472 -12.48 -14.99 0.94
N PHE A 473 -13.76 -15.14 0.62
CA PHE A 473 -14.71 -15.72 1.56
C PHE A 473 -15.28 -17.00 0.98
N ASP A 474 -15.17 -18.07 1.76
CA ASP A 474 -15.64 -19.37 1.32
C ASP A 474 -17.04 -19.62 1.89
N MET A 475 -18.05 -19.66 1.01
CA MET A 475 -19.42 -19.86 1.45
C MET A 475 -19.60 -21.23 2.09
N LYS A 476 -18.95 -22.24 1.52
CA LYS A 476 -19.11 -23.60 2.01
C LYS A 476 -18.61 -23.78 3.43
N THR A 477 -17.50 -23.11 3.77
CA THR A 477 -16.93 -23.20 5.11
C THR A 477 -17.23 -21.96 5.94
N ARG A 478 -17.72 -20.92 5.28
CA ARG A 478 -17.97 -19.64 5.94
C ARG A 478 -16.71 -19.13 6.63
N GLU A 479 -15.56 -19.34 5.98
CA GLU A 479 -14.27 -18.89 6.49
C GLU A 479 -13.68 -17.77 5.63
N TRP A 480 -13.13 -16.76 6.31
CA TRP A 480 -12.34 -15.72 5.67
C TRP A 480 -10.89 -16.17 5.58
N SER A 481 -10.22 -15.83 4.49
CA SER A 481 -8.78 -16.06 4.38
C SER A 481 -8.09 -15.03 3.51
N MET A 482 -7.12 -14.34 4.08
CA MET A 482 -6.40 -13.29 3.37
C MET A 482 -5.44 -13.86 2.34
N ILE A 483 -5.38 -13.21 1.19
CA ILE A 483 -4.56 -13.65 0.08
C ILE A 483 -3.40 -12.68 -0.13
N LYS A 484 -2.86 -12.68 -1.34
CA LYS A 484 -1.85 -11.71 -1.72
C LYS A 484 -2.45 -10.30 -1.61
N SER A 485 -1.71 -9.40 -0.99
CA SER A 485 -2.15 -8.02 -0.88
C SER A 485 -1.75 -7.17 -2.07
N LEU A 486 -2.32 -5.97 -2.16
CA LEU A 486 -1.94 -5.02 -3.19
C LEU A 486 -0.61 -4.36 -2.84
N SER A 487 0.11 -3.93 -3.88
CA SER A 487 1.31 -3.15 -3.69
C SER A 487 0.95 -1.71 -3.35
N HIS A 488 -0.22 -1.28 -3.82
CA HIS A 488 -0.73 0.05 -3.52
C HIS A 488 -2.13 -0.05 -2.92
N THR A 489 -2.37 0.68 -1.84
CA THR A 489 -3.69 0.75 -1.25
C THR A 489 -4.66 1.34 -2.27
N ARG A 490 -5.91 0.87 -2.24
CA ARG A 490 -6.87 1.24 -3.27
C ARG A 490 -8.31 1.21 -2.78
N PHE A 491 -9.01 2.33 -2.90
CA PHE A 491 -10.44 2.34 -2.61
C PHE A 491 -11.23 3.16 -3.64
N ARG A 492 -12.55 2.94 -3.69
CA ARG A 492 -13.41 3.63 -4.65
C ARG A 492 -13.15 3.14 -6.06
N HIS A 493 -12.41 2.05 -6.19
CA HIS A 493 -12.22 1.39 -7.47
C HIS A 493 -13.51 0.68 -7.85
N SER A 494 -13.64 0.30 -9.10
CA SER A 494 -14.77 -0.54 -9.49
C SER A 494 -14.21 -1.88 -9.96
N ALA A 495 -15.05 -2.90 -9.97
CA ALA A 495 -14.61 -4.23 -10.38
C ALA A 495 -15.77 -5.10 -10.83
N CYS A 496 -15.51 -5.95 -11.81
CA CYS A 496 -16.53 -6.85 -12.34
C CYS A 496 -15.90 -8.16 -12.78
N SER A 497 -16.73 -9.20 -12.86
CA SER A 497 -16.26 -10.52 -13.25
C SER A 497 -16.18 -10.61 -14.76
N LEU A 498 -15.13 -11.24 -15.26
CA LEU A 498 -14.98 -11.46 -16.69
C LEU A 498 -15.49 -12.86 -17.01
N PRO A 499 -15.67 -13.18 -18.30
CA PRO A 499 -16.22 -14.49 -18.64
C PRO A 499 -15.33 -15.61 -18.12
N ASP A 500 -14.02 -15.47 -18.30
CA ASP A 500 -13.09 -16.53 -17.94
C ASP A 500 -12.96 -16.70 -16.43
N GLY A 501 -13.66 -15.87 -15.66
CA GLY A 501 -13.68 -16.00 -14.21
C GLY A 501 -12.75 -15.04 -13.50
N ASN A 502 -11.89 -14.37 -14.25
CA ASN A 502 -10.98 -13.37 -13.70
C ASN A 502 -11.71 -12.08 -13.34
N VAL A 503 -11.04 -11.21 -12.60
CA VAL A 503 -11.66 -9.98 -12.12
C VAL A 503 -10.94 -8.73 -12.64
N LEU A 504 -11.69 -7.89 -13.35
CA LEU A 504 -11.15 -6.61 -13.82
C LEU A 504 -11.32 -5.54 -12.74
N ILE A 505 -10.25 -4.82 -12.46
CA ILE A 505 -10.27 -3.81 -11.40
C ILE A 505 -9.94 -2.42 -11.95
N LEU A 506 -10.78 -1.44 -11.65
CA LEU A 506 -10.71 -0.14 -12.29
C LEU A 506 -10.42 1.02 -11.33
N GLY A 507 -9.28 1.67 -11.52
CA GLY A 507 -8.94 2.90 -10.82
C GLY A 507 -9.19 2.96 -9.32
N GLY A 508 -9.85 4.02 -8.89
CA GLY A 508 -10.02 4.32 -7.48
C GLY A 508 -8.93 5.26 -6.99
N VAL A 509 -9.02 5.71 -5.74
CA VAL A 509 -7.95 6.47 -5.13
C VAL A 509 -6.78 5.53 -4.86
N THR A 510 -5.65 5.81 -5.49
CA THR A 510 -4.55 4.86 -5.51
C THR A 510 -3.31 5.47 -6.16
N GLU A 511 -2.15 4.87 -5.89
CA GLU A 511 -0.90 5.29 -6.52
C GLU A 511 -0.49 4.29 -7.59
N GLY A 512 -1.23 3.19 -7.67
CA GLY A 512 -0.89 2.10 -8.58
C GLY A 512 -1.54 2.20 -9.93
N PRO A 513 -1.50 1.10 -10.69
CA PRO A 513 -2.00 1.01 -12.07
C PRO A 513 -3.48 1.39 -12.17
N ALA A 514 -3.83 2.10 -13.24
CA ALA A 514 -5.22 2.53 -13.43
C ALA A 514 -6.16 1.36 -13.69
N MET A 515 -5.60 0.22 -14.07
CA MET A 515 -6.42 -0.98 -14.29
C MET A 515 -5.66 -2.27 -13.95
N LEU A 516 -6.30 -3.13 -13.17
CA LEU A 516 -5.70 -4.40 -12.78
C LEU A 516 -6.54 -5.57 -13.28
N LEU A 517 -5.88 -6.69 -13.55
CA LEU A 517 -6.58 -7.94 -13.79
C LEU A 517 -6.10 -8.93 -12.75
N TYR A 518 -7.03 -9.43 -11.95
CA TYR A 518 -6.67 -10.45 -10.98
C TYR A 518 -6.97 -11.84 -11.52
N ASN A 519 -5.90 -12.57 -11.81
CA ASN A 519 -6.02 -13.96 -12.22
C ASN A 519 -6.30 -14.83 -11.00
N VAL A 520 -7.55 -15.26 -10.86
CA VAL A 520 -7.99 -16.02 -9.69
C VAL A 520 -7.24 -17.34 -9.49
N THR A 521 -6.97 -18.05 -10.57
CA THR A 521 -6.26 -19.33 -10.50
C THR A 521 -4.77 -19.14 -10.26
N GLU A 522 -4.15 -18.26 -11.04
CA GLU A 522 -2.73 -17.96 -10.90
C GLU A 522 -2.41 -17.26 -9.59
N GLU A 523 -3.39 -16.54 -9.05
CA GLU A 523 -3.22 -15.78 -7.82
C GLU A 523 -2.29 -14.60 -8.01
N ILE A 524 -2.44 -13.92 -9.16
CA ILE A 524 -1.58 -12.80 -9.49
C ILE A 524 -2.39 -11.60 -9.94
N PHE A 525 -1.95 -10.41 -9.53
CA PHE A 525 -2.48 -9.17 -10.10
C PHE A 525 -1.59 -8.76 -11.25
N LYS A 526 -2.19 -8.33 -12.36
CA LYS A 526 -1.41 -7.91 -13.50
C LYS A 526 -1.86 -6.55 -14.01
N ASP A 527 -0.91 -5.69 -14.33
CA ASP A 527 -1.23 -4.36 -14.84
C ASP A 527 -1.69 -4.47 -16.28
N VAL A 528 -2.94 -4.11 -16.53
CA VAL A 528 -3.52 -4.23 -17.88
C VAL A 528 -4.02 -2.88 -18.42
N THR A 529 -3.51 -1.80 -17.85
CA THR A 529 -3.88 -0.46 -18.29
C THR A 529 -3.74 -0.33 -19.80
N PRO A 530 -4.85 -0.08 -20.50
CA PRO A 530 -4.87 0.10 -21.96
C PRO A 530 -3.96 1.26 -22.36
N LYS A 531 -3.34 1.16 -23.54
CA LYS A 531 -2.44 2.20 -24.02
C LYS A 531 -3.18 3.38 -24.63
N ASP A 532 -4.17 3.87 -23.89
CA ASP A 532 -4.91 5.06 -24.29
C ASP A 532 -4.56 6.18 -23.31
N GLU A 533 -4.38 7.38 -23.82
CA GLU A 533 -4.05 8.52 -22.97
C GLU A 533 -5.15 8.83 -21.96
N PHE A 534 -6.31 8.19 -22.12
CA PHE A 534 -7.40 8.38 -21.18
C PHE A 534 -7.03 7.87 -19.79
N PHE A 535 -6.39 6.70 -19.74
CA PHE A 535 -6.03 6.06 -18.48
C PHE A 535 -4.76 6.63 -17.88
N GLN A 536 -4.36 7.81 -18.33
CA GLN A 536 -3.21 8.51 -17.76
C GLN A 536 -3.47 8.81 -16.29
N ASN A 537 -4.71 9.18 -15.98
CA ASN A 537 -5.13 9.53 -14.63
C ASN A 537 -6.01 8.42 -14.04
N SER A 538 -5.91 8.21 -12.73
CA SER A 538 -6.69 7.18 -12.06
C SER A 538 -8.16 7.61 -11.98
N LEU A 539 -9.07 6.73 -12.37
CA LEU A 539 -10.48 7.06 -12.45
C LEU A 539 -11.21 6.62 -11.19
N VAL A 540 -11.80 7.58 -10.47
CA VAL A 540 -12.41 7.29 -9.18
C VAL A 540 -13.92 7.13 -9.23
N SER A 541 -14.41 6.03 -8.67
CA SER A 541 -15.85 5.78 -8.55
C SER A 541 -16.59 5.88 -9.87
N ALA A 542 -16.03 5.30 -10.92
CA ALA A 542 -16.71 5.25 -12.20
C ALA A 542 -17.61 4.00 -12.25
N GLY A 543 -18.61 4.03 -13.12
CA GLY A 543 -19.41 2.86 -13.37
C GLY A 543 -18.63 1.86 -14.22
N LEU A 544 -18.89 0.58 -14.02
CA LEU A 544 -18.17 -0.47 -14.72
C LEU A 544 -18.99 -1.75 -14.78
N GLU A 545 -19.01 -2.38 -15.95
CA GLU A 545 -19.81 -3.57 -16.17
C GLU A 545 -19.36 -4.29 -17.44
N PHE A 546 -19.43 -5.62 -17.42
CA PHE A 546 -19.14 -6.39 -18.62
C PHE A 546 -20.35 -7.17 -19.10
N ASP A 547 -20.34 -7.54 -20.36
CA ASP A 547 -21.42 -8.33 -20.95
C ASP A 547 -20.82 -9.53 -21.66
N PRO A 548 -20.99 -10.72 -21.07
CA PRO A 548 -20.43 -11.95 -21.61
C PRO A 548 -20.92 -12.20 -23.03
N VAL A 549 -22.14 -11.75 -23.30
CA VAL A 549 -22.75 -11.94 -24.61
C VAL A 549 -22.07 -11.09 -25.69
N SER A 550 -22.31 -9.79 -25.67
CA SER A 550 -21.78 -8.90 -26.70
C SER A 550 -20.27 -8.78 -26.61
N LYS A 551 -19.67 -9.56 -25.72
CA LYS A 551 -18.21 -9.59 -25.57
C LYS A 551 -17.64 -8.19 -25.35
N GLN A 552 -18.44 -7.31 -24.75
CA GLN A 552 -18.06 -5.94 -24.49
C GLN A 552 -18.30 -5.53 -23.04
N GLY A 553 -17.52 -4.56 -22.58
CA GLY A 553 -17.75 -3.93 -21.29
C GLY A 553 -17.73 -2.42 -21.43
N ILE A 554 -18.38 -1.71 -20.51
CA ILE A 554 -18.38 -0.25 -20.54
C ILE A 554 -17.80 0.35 -19.26
N ILE A 555 -17.28 1.56 -19.39
CA ILE A 555 -16.83 2.36 -18.25
C ILE A 555 -17.62 3.67 -18.31
N LEU A 556 -18.18 4.08 -17.19
CA LEU A 556 -19.06 5.25 -17.21
C LEU A 556 -18.60 6.32 -16.23
N GLY A 557 -18.60 7.56 -16.69
CA GLY A 557 -18.26 8.70 -15.86
C GLY A 557 -16.98 8.51 -15.07
N GLY A 558 -17.07 8.77 -13.76
CA GLY A 558 -15.92 8.66 -12.89
C GLY A 558 -15.22 9.99 -12.70
N GLY A 559 -14.75 10.23 -11.48
CA GLY A 559 -14.03 11.45 -11.16
C GLY A 559 -12.53 11.21 -11.11
N PHE A 560 -11.77 12.29 -10.98
CA PHE A 560 -10.32 12.21 -10.90
C PHE A 560 -9.85 12.64 -9.51
N MET A 561 -8.61 12.28 -9.18
CA MET A 561 -8.10 12.46 -7.82
C MET A 561 -7.88 13.92 -7.45
N ASP A 562 -8.15 14.81 -8.38
CA ASP A 562 -8.09 16.24 -8.10
C ASP A 562 -9.39 16.71 -7.44
N GLN A 563 -10.36 15.79 -7.35
CA GLN A 563 -11.66 16.05 -6.73
C GLN A 563 -12.40 17.21 -7.38
N THR A 564 -12.02 17.55 -8.61
CA THR A 564 -12.66 18.65 -9.33
C THR A 564 -13.24 18.16 -10.64
N THR A 565 -12.40 17.55 -11.47
CA THR A 565 -12.83 17.04 -12.77
C THR A 565 -13.67 15.77 -12.64
N VAL A 566 -14.64 15.62 -13.52
CA VAL A 566 -15.40 14.39 -13.61
C VAL A 566 -15.58 14.03 -15.08
N SER A 567 -15.11 12.84 -15.44
CA SER A 567 -15.20 12.36 -16.81
C SER A 567 -16.63 12.37 -17.31
N ASP A 568 -16.81 12.67 -18.59
CA ASP A 568 -18.13 12.63 -19.20
C ASP A 568 -18.16 11.54 -20.26
N LYS A 569 -17.08 10.76 -20.33
CA LYS A 569 -16.96 9.71 -21.32
C LYS A 569 -17.69 8.43 -20.93
N ALA A 570 -18.12 7.69 -21.93
CA ALA A 570 -18.55 6.32 -21.75
C ALA A 570 -17.69 5.47 -22.67
N ILE A 571 -16.81 4.67 -22.08
CA ILE A 571 -15.77 3.99 -22.86
C ILE A 571 -16.05 2.51 -23.04
N ILE A 572 -16.34 2.11 -24.27
CA ILE A 572 -16.51 0.70 -24.59
C ILE A 572 -15.15 0.05 -24.79
N PHE A 573 -15.01 -1.18 -24.31
CA PHE A 573 -13.77 -1.93 -24.43
C PHE A 573 -14.08 -3.42 -24.58
N LYS A 574 -13.18 -4.14 -25.24
CA LYS A 574 -13.29 -5.59 -25.33
C LYS A 574 -12.17 -6.25 -24.55
N TYR A 575 -12.32 -7.52 -24.26
CA TYR A 575 -11.35 -8.25 -23.46
C TYR A 575 -10.86 -9.51 -24.16
N ASP A 576 -9.63 -9.46 -24.66
CA ASP A 576 -9.01 -10.62 -25.28
C ASP A 576 -8.27 -11.43 -24.21
N ALA A 577 -8.91 -12.50 -23.78
CA ALA A 577 -8.41 -13.34 -22.69
C ALA A 577 -7.02 -13.93 -22.96
N GLU A 578 -6.65 -14.04 -24.23
CA GLU A 578 -5.39 -14.68 -24.58
C GLU A 578 -4.20 -13.71 -24.72
N ASN A 579 -4.49 -12.48 -25.12
CA ASN A 579 -3.46 -11.45 -25.20
C ASN A 579 -2.90 -11.15 -23.81
N ALA A 580 -1.63 -11.50 -23.60
CA ALA A 580 -1.03 -11.46 -22.28
C ALA A 580 -0.50 -10.09 -21.86
N THR A 581 -0.22 -9.21 -22.82
CA THR A 581 0.34 -7.90 -22.49
C THR A 581 -0.67 -6.77 -22.64
N GLU A 582 -1.72 -7.02 -23.41
CA GLU A 582 -2.74 -5.99 -23.64
C GLU A 582 -4.12 -6.61 -23.84
N PRO A 583 -4.63 -7.28 -22.80
CA PRO A 583 -5.91 -7.98 -22.90
C PRO A 583 -7.08 -7.02 -23.12
N ILE A 584 -6.96 -5.82 -22.57
CA ILE A 584 -8.04 -4.84 -22.66
C ILE A 584 -7.76 -3.77 -23.71
N THR A 585 -8.69 -3.60 -24.63
CA THR A 585 -8.54 -2.63 -25.72
C THR A 585 -9.75 -1.71 -25.84
N VAL A 586 -9.48 -0.40 -25.84
CA VAL A 586 -10.53 0.61 -25.96
C VAL A 586 -11.20 0.56 -27.32
N ILE A 587 -12.46 0.17 -27.35
CA ILE A 587 -13.18 0.05 -28.61
C ILE A 587 -13.69 1.38 -29.14
N LYS A 588 -14.26 2.19 -28.26
CA LYS A 588 -15.02 3.34 -28.71
C LYS A 588 -15.39 4.29 -27.57
N LYS A 589 -15.19 5.58 -27.80
CA LYS A 589 -15.49 6.60 -26.81
C LYS A 589 -16.77 7.34 -27.14
N LEU A 590 -17.62 7.51 -26.13
CA LEU A 590 -18.81 8.33 -26.29
C LEU A 590 -18.74 9.53 -25.34
N GLN A 591 -19.48 10.58 -25.64
CA GLN A 591 -19.45 11.78 -24.81
C GLN A 591 -20.82 12.45 -24.65
N HIS A 592 -21.31 12.47 -23.41
CA HIS A 592 -22.57 13.12 -23.09
C HIS A 592 -22.51 13.74 -21.69
N PRO A 593 -23.19 14.88 -21.49
CA PRO A 593 -23.19 15.55 -20.18
C PRO A 593 -23.83 14.66 -19.12
N LEU A 594 -24.73 13.78 -19.56
CA LEU A 594 -25.42 12.86 -18.66
C LEU A 594 -24.50 11.71 -18.23
N PHE A 595 -23.37 11.56 -18.90
CA PHE A 595 -22.37 10.57 -18.52
C PHE A 595 -21.46 11.11 -17.42
N GLN A 596 -21.47 12.43 -17.26
CA GLN A 596 -20.65 13.08 -16.25
C GLN A 596 -21.16 12.80 -14.83
N ARG A 597 -20.88 11.63 -14.30
CA ARG A 597 -21.32 11.35 -12.94
C ARG A 597 -20.33 10.60 -12.05
N TYR A 598 -20.14 11.15 -10.86
CA TYR A 598 -19.27 10.56 -9.86
C TYR A 598 -20.10 9.64 -8.96
N GLY A 599 -19.69 8.38 -8.87
CA GLY A 599 -20.29 7.42 -7.96
C GLY A 599 -21.55 6.75 -8.48
N SER A 600 -21.69 6.70 -9.79
CA SER A 600 -22.83 6.02 -10.38
C SER A 600 -22.57 4.52 -10.45
N GLN A 601 -23.60 3.78 -10.86
CA GLN A 601 -23.46 2.36 -11.09
C GLN A 601 -24.21 2.02 -12.37
N ILE A 602 -23.63 1.15 -13.18
CA ILE A 602 -24.29 0.73 -14.41
C ILE A 602 -24.47 -0.78 -14.43
N LYS A 603 -25.40 -1.26 -15.26
CA LYS A 603 -25.62 -2.69 -15.43
C LYS A 603 -26.34 -2.96 -16.75
N TYR A 604 -25.84 -3.93 -17.51
CA TYR A 604 -26.52 -4.35 -18.72
C TYR A 604 -27.85 -5.01 -18.37
N ILE A 605 -28.93 -4.55 -19.01
CA ILE A 605 -30.21 -5.23 -18.90
C ILE A 605 -30.36 -6.04 -20.17
N THR A 606 -29.74 -5.52 -21.22
CA THR A 606 -29.74 -6.15 -22.53
C THR A 606 -28.40 -5.83 -23.15
N PRO A 607 -27.84 -6.75 -23.95
CA PRO A 607 -26.58 -6.45 -24.62
C PRO A 607 -26.64 -5.16 -25.43
N ARG A 608 -27.84 -4.60 -25.57
CA ARG A 608 -28.02 -3.33 -26.26
C ARG A 608 -28.51 -2.23 -25.33
N LYS A 609 -28.82 -2.58 -24.09
CA LYS A 609 -29.43 -1.63 -23.18
C LYS A 609 -28.68 -1.51 -21.86
N LEU A 610 -27.89 -0.46 -21.71
CA LEU A 610 -27.11 -0.25 -20.49
C LEU A 610 -27.78 0.72 -19.51
N LEU A 611 -28.35 0.16 -18.46
CA LEU A 611 -28.94 0.97 -17.39
C LEU A 611 -27.84 1.78 -16.69
N ILE A 612 -28.11 3.06 -16.47
CA ILE A 612 -27.20 3.91 -15.71
C ILE A 612 -27.95 4.50 -14.52
N VAL A 613 -27.30 4.52 -13.36
CA VAL A 613 -27.99 4.88 -12.13
C VAL A 613 -27.29 5.89 -11.22
N GLY A 614 -27.89 7.06 -11.10
CA GLY A 614 -27.54 8.02 -10.07
C GLY A 614 -26.14 8.59 -10.08
N GLY A 615 -25.62 8.87 -8.90
CA GLY A 615 -24.34 9.52 -8.77
C GLY A 615 -24.56 11.02 -8.72
N THR A 616 -23.48 11.77 -8.61
CA THR A 616 -23.60 13.22 -8.60
C THR A 616 -22.80 13.85 -9.73
N SER A 617 -23.21 15.06 -10.13
CA SER A 617 -22.54 15.77 -11.21
C SER A 617 -21.93 17.08 -10.71
N PRO A 618 -20.80 17.50 -11.29
CA PRO A 618 -20.20 18.78 -10.92
C PRO A 618 -20.98 19.94 -11.54
N SER A 619 -21.78 19.61 -12.55
CA SER A 619 -22.47 20.62 -13.35
C SER A 619 -23.96 20.74 -13.05
N GLY A 620 -24.39 20.35 -11.85
CA GLY A 620 -25.78 20.49 -11.47
C GLY A 620 -26.42 19.22 -10.96
N LEU A 621 -27.56 19.38 -10.30
CA LEU A 621 -28.29 18.25 -9.72
C LEU A 621 -28.99 17.43 -10.79
N PHE A 622 -29.20 16.15 -10.49
CA PHE A 622 -30.02 15.31 -11.34
C PHE A 622 -31.44 15.34 -10.81
N ASP A 623 -32.41 15.16 -11.70
CA ASP A 623 -33.81 15.23 -11.29
C ASP A 623 -34.55 13.94 -11.59
N ARG A 624 -35.88 14.01 -11.59
CA ARG A 624 -36.73 12.85 -11.85
C ARG A 624 -36.39 12.16 -13.16
N THR A 625 -36.18 12.95 -14.21
CA THR A 625 -36.08 12.41 -15.57
C THR A 625 -34.72 11.81 -15.91
N ASN A 626 -33.64 12.38 -15.37
CA ASN A 626 -32.30 11.96 -15.75
C ASN A 626 -31.45 11.31 -14.65
N SER A 627 -32.03 11.08 -13.47
CA SER A 627 -31.31 10.38 -12.42
C SER A 627 -31.03 8.95 -12.85
N ILE A 628 -31.91 8.41 -13.69
CA ILE A 628 -31.76 7.06 -14.20
C ILE A 628 -32.03 7.00 -15.70
N ILE A 629 -30.98 6.75 -16.46
CA ILE A 629 -31.06 6.75 -17.91
C ILE A 629 -30.60 5.42 -18.49
N SER A 630 -30.96 5.17 -19.74
CA SER A 630 -30.53 3.96 -20.44
C SER A 630 -29.59 4.33 -21.59
N LEU A 631 -28.79 3.36 -22.05
CA LEU A 631 -27.90 3.59 -23.18
C LEU A 631 -27.86 2.41 -24.12
N ASP A 632 -27.97 2.70 -25.41
CA ASP A 632 -27.80 1.70 -26.46
C ASP A 632 -26.40 1.87 -27.03
N PRO A 633 -25.45 1.05 -26.56
CA PRO A 633 -24.04 1.21 -26.94
C PRO A 633 -23.90 1.34 -28.45
N LEU A 634 -24.56 0.45 -29.18
CA LEU A 634 -24.45 0.41 -30.63
C LEU A 634 -24.94 1.70 -31.29
N SER A 635 -26.24 1.95 -31.25
CA SER A 635 -26.82 3.09 -31.94
C SER A 635 -26.58 4.43 -31.25
N GLU A 636 -26.06 4.39 -30.03
CA GLU A 636 -25.63 5.59 -29.32
C GLU A 636 -26.77 6.51 -28.86
N THR A 637 -27.92 5.94 -28.54
CA THR A 637 -29.07 6.77 -28.14
C THR A 637 -29.46 6.60 -26.67
N LEU A 638 -29.81 7.72 -26.05
CA LEU A 638 -30.17 7.73 -24.63
C LEU A 638 -31.68 7.78 -24.45
N THR A 639 -32.17 7.19 -23.37
CA THR A 639 -33.57 7.33 -23.00
C THR A 639 -33.67 7.50 -21.50
N SER A 640 -34.73 8.13 -21.05
CA SER A 640 -34.92 8.36 -19.63
C SER A 640 -35.79 7.27 -19.01
N ILE A 641 -35.48 6.92 -17.77
CA ILE A 641 -36.33 6.04 -16.98
C ILE A 641 -36.84 6.82 -15.78
N PRO A 642 -37.96 7.53 -15.97
CA PRO A 642 -38.46 8.55 -15.02
C PRO A 642 -38.79 7.99 -13.64
N ILE A 643 -38.59 8.81 -12.62
CA ILE A 643 -39.06 8.50 -11.28
C ILE A 643 -40.36 9.25 -11.06
N SER A 644 -41.42 8.53 -10.75
CA SER A 644 -42.74 9.16 -10.59
C SER A 644 -42.72 10.16 -9.44
N ARG A 645 -43.52 11.21 -9.57
CA ARG A 645 -43.65 12.20 -8.52
C ARG A 645 -43.98 11.51 -7.21
N ARG A 646 -44.93 10.58 -7.25
CA ARG A 646 -45.32 9.80 -6.08
C ARG A 646 -44.12 9.30 -5.25
N ILE A 647 -43.09 8.80 -5.92
CA ILE A 647 -41.90 8.28 -5.23
C ILE A 647 -40.82 9.34 -5.05
N TRP A 648 -40.73 10.27 -5.99
CA TRP A 648 -39.81 11.40 -5.89
C TRP A 648 -40.07 12.14 -4.58
N GLU A 649 -41.35 12.33 -4.26
CA GLU A 649 -41.77 13.14 -3.13
C GLU A 649 -41.93 12.37 -1.81
N ASP A 650 -42.53 11.20 -1.89
CA ASP A 650 -42.89 10.47 -0.68
C ASP A 650 -41.74 9.67 -0.06
N HIS A 651 -40.90 9.07 -0.90
CA HIS A 651 -39.88 8.18 -0.39
C HIS A 651 -38.47 8.76 -0.44
N SER A 652 -37.81 8.75 0.71
CA SER A 652 -36.45 9.25 0.84
C SER A 652 -35.56 8.58 -0.19
N LEU A 653 -35.08 9.37 -1.15
CA LEU A 653 -34.24 8.88 -2.21
C LEU A 653 -32.84 9.49 -2.05
N MET A 654 -31.80 8.71 -2.32
CA MET A 654 -30.43 9.17 -2.16
C MET A 654 -29.48 8.25 -2.90
N LEU A 655 -29.50 8.33 -4.22
CA LEU A 655 -28.67 7.48 -5.06
C LEU A 655 -27.19 7.82 -4.92
N ALA A 656 -26.64 7.41 -3.78
CA ALA A 656 -25.22 7.55 -3.50
C ALA A 656 -24.81 6.43 -2.56
N GLY A 657 -23.69 5.78 -2.87
CA GLY A 657 -23.17 4.70 -2.05
C GLY A 657 -24.07 3.48 -2.09
N PHE A 658 -24.73 3.28 -3.23
CA PHE A 658 -25.68 2.19 -3.39
C PHE A 658 -25.12 1.08 -4.28
N SER A 659 -25.93 0.06 -4.52
CA SER A 659 -25.51 -1.05 -5.35
C SER A 659 -26.65 -1.57 -6.23
N LEU A 660 -26.31 -2.38 -7.23
CA LEU A 660 -27.30 -2.96 -8.12
C LEU A 660 -27.21 -4.50 -8.15
N VAL A 661 -28.32 -5.17 -7.88
CA VAL A 661 -28.39 -6.62 -7.99
C VAL A 661 -29.47 -7.02 -8.99
N SER A 662 -29.29 -8.17 -9.64
CA SER A 662 -30.24 -8.64 -10.63
C SER A 662 -30.69 -10.06 -10.28
N THR A 663 -32.00 -10.28 -10.29
CA THR A 663 -32.58 -11.55 -9.86
C THR A 663 -32.22 -12.70 -10.78
N THR A 667 -35.03 -7.80 -14.08
CA THR A 667 -35.40 -7.25 -12.78
C THR A 667 -34.14 -6.86 -12.01
N ILE A 668 -33.82 -5.57 -12.02
CA ILE A 668 -32.67 -5.05 -11.29
C ILE A 668 -33.12 -4.31 -10.04
N HIS A 669 -32.36 -4.47 -8.95
CA HIS A 669 -32.69 -3.84 -7.68
C HIS A 669 -31.65 -2.78 -7.30
N ILE A 670 -32.14 -1.61 -6.90
CA ILE A 670 -31.28 -0.51 -6.45
C ILE A 670 -31.37 -0.39 -4.94
N ILE A 671 -30.57 -1.17 -4.23
CA ILE A 671 -30.66 -1.26 -2.77
C ILE A 671 -29.50 -0.55 -2.07
N GLY A 672 -29.68 -0.27 -0.78
CA GLY A 672 -28.66 0.41 -0.01
C GLY A 672 -28.39 1.80 -0.51
N GLY A 673 -27.54 2.52 0.20
CA GLY A 673 -27.19 3.88 -0.17
C GLY A 673 -27.75 4.90 0.79
N GLY A 674 -27.14 6.07 0.78
CA GLY A 674 -27.56 7.17 1.63
C GLY A 674 -26.51 8.26 1.63
N ALA A 675 -26.72 9.27 2.46
CA ALA A 675 -25.78 10.36 2.54
C ALA A 675 -26.00 11.17 3.81
N THR A 676 -24.95 11.83 4.27
CA THR A 676 -25.06 12.80 5.34
C THR A 676 -25.14 14.18 4.72
N CYS A 677 -26.35 14.75 4.70
CA CYS A 677 -26.60 16.00 4.00
C CYS A 677 -26.08 17.22 4.74
N TYR A 678 -24.76 17.32 4.84
CA TYR A 678 -24.13 18.54 5.34
C TYR A 678 -24.63 18.93 6.72
N GLY A 679 -24.81 17.94 7.59
CA GLY A 679 -25.28 18.22 8.94
C GLY A 679 -26.69 18.79 8.94
N PHE A 680 -27.41 18.59 7.84
CA PHE A 680 -28.84 18.85 7.82
C PHE A 680 -29.53 17.53 8.11
N GLY A 681 -28.78 16.60 8.69
CA GLY A 681 -29.26 15.26 8.97
C GLY A 681 -28.71 14.28 7.95
N SER A 682 -29.17 13.04 8.02
CA SER A 682 -28.78 12.02 7.04
C SER A 682 -30.00 11.43 6.33
N VAL A 683 -29.77 10.84 5.16
CA VAL A 683 -30.87 10.34 4.33
C VAL A 683 -30.57 8.93 3.81
N THR A 684 -31.36 7.96 4.25
CA THR A 684 -31.19 6.59 3.79
C THR A 684 -31.99 6.29 2.52
N ASN A 685 -31.31 5.82 1.50
CA ASN A 685 -31.96 5.37 0.28
C ASN A 685 -32.80 4.14 0.61
N VAL A 686 -34.08 4.19 0.28
CA VAL A 686 -35.05 3.19 0.73
C VAL A 686 -35.15 1.95 -0.16
N GLY A 687 -34.84 2.11 -1.44
CA GLY A 687 -34.81 0.96 -2.33
C GLY A 687 -35.63 1.13 -3.60
N LEU A 688 -35.09 0.63 -4.70
CA LEU A 688 -35.78 0.73 -5.97
C LEU A 688 -35.73 -0.57 -6.79
N LYS A 689 -36.64 -0.66 -7.74
CA LYS A 689 -36.84 -1.87 -8.52
C LYS A 689 -37.10 -1.51 -9.98
N LEU A 690 -36.34 -2.10 -10.89
CA LEU A 690 -36.62 -1.93 -12.31
C LEU A 690 -37.31 -3.18 -12.84
N ILE A 691 -38.45 -2.97 -13.52
CA ILE A 691 -39.21 -4.07 -14.07
C ILE A 691 -39.49 -3.86 -15.55
N ALA A 692 -39.76 -4.94 -16.25
CA ALA A 692 -40.21 -4.86 -17.63
C ALA A 692 -41.63 -4.30 -17.62
N ILE A 693 -42.05 -3.72 -18.75
CA ILE A 693 -43.36 -3.10 -18.83
C ILE A 693 -44.42 -4.06 -19.40
N TYR B 22 24.48 -51.01 10.76
CA TYR B 22 23.81 -49.74 11.01
C TYR B 22 24.52 -48.62 10.27
N ALA B 23 25.82 -48.50 10.51
CA ALA B 23 26.64 -47.48 9.88
C ALA B 23 26.26 -47.27 8.42
N ASP B 24 26.03 -48.36 7.69
CA ASP B 24 25.73 -48.28 6.27
C ASP B 24 24.27 -47.94 5.97
N LEU B 25 23.36 -48.42 6.82
CA LEU B 25 21.94 -48.25 6.55
C LEU B 25 21.41 -46.88 6.94
N ALA B 26 22.13 -46.18 7.81
CA ALA B 26 21.73 -44.84 8.20
C ALA B 26 22.17 -43.85 7.13
N ILE B 27 23.23 -44.21 6.41
CA ILE B 27 23.74 -43.36 5.35
C ILE B 27 22.88 -43.50 4.11
N GLN B 28 22.17 -44.62 4.02
CA GLN B 28 21.24 -44.84 2.93
C GLN B 28 19.93 -44.13 3.22
N GLY B 29 19.66 -43.91 4.50
CA GLY B 29 18.44 -43.25 4.93
C GLY B 29 18.43 -41.79 4.55
N THR B 30 19.63 -41.23 4.38
CA THR B 30 19.75 -39.83 4.02
C THR B 30 19.22 -39.62 2.60
N ASN B 31 19.09 -40.71 1.86
CA ASN B 31 18.63 -40.65 0.49
C ASN B 31 17.14 -40.32 0.39
N ASN B 32 16.35 -40.90 1.30
CA ASN B 32 14.92 -40.63 1.34
C ASN B 32 14.63 -39.14 1.51
N SER B 33 15.47 -38.46 2.27
CA SER B 33 15.26 -37.06 2.58
C SER B 33 15.63 -36.15 1.42
N SER B 34 16.73 -36.47 0.74
CA SER B 34 17.18 -35.68 -0.39
C SER B 34 16.26 -35.90 -1.59
N ILE B 35 15.73 -37.12 -1.70
CA ILE B 35 14.83 -37.46 -2.80
C ILE B 35 13.42 -36.89 -2.58
N ALA B 36 13.01 -36.79 -1.32
CA ALA B 36 11.73 -36.17 -1.01
C ALA B 36 11.78 -34.69 -1.37
N SER B 37 12.81 -33.99 -0.91
CA SER B 37 12.98 -32.57 -1.21
C SER B 37 12.93 -32.29 -2.71
N LYS B 38 13.54 -33.19 -3.49
CA LYS B 38 13.52 -33.10 -4.95
C LYS B 38 12.11 -33.30 -5.47
N ARG B 39 11.38 -34.20 -4.81
CA ARG B 39 9.99 -34.44 -5.15
C ARG B 39 9.18 -33.17 -4.93
N SER B 40 9.47 -32.48 -3.83
CA SER B 40 8.78 -31.25 -3.47
C SER B 40 8.91 -30.19 -4.57
N VAL B 41 10.10 -30.12 -5.17
CA VAL B 41 10.36 -29.14 -6.22
C VAL B 41 9.65 -29.52 -7.51
N GLU B 42 9.52 -30.82 -7.74
CA GLU B 42 8.84 -31.35 -8.91
C GLU B 42 7.38 -30.95 -8.93
N LEU B 43 6.77 -30.97 -7.75
CA LEU B 43 5.35 -30.66 -7.59
C LEU B 43 5.09 -29.17 -7.75
N LEU B 44 5.96 -28.36 -7.16
CA LEU B 44 5.70 -26.93 -7.01
C LEU B 44 6.37 -26.06 -8.06
N TYR B 45 7.67 -26.23 -8.23
CA TYR B 45 8.45 -25.34 -9.09
C TYR B 45 8.28 -25.63 -10.57
N LEU B 46 8.52 -26.89 -10.93
CA LEU B 46 8.57 -27.29 -12.33
C LEU B 46 7.29 -26.99 -13.11
N PRO B 47 6.12 -27.23 -12.51
CA PRO B 47 4.91 -26.77 -13.20
C PRO B 47 4.95 -25.28 -13.51
N LYS B 48 5.46 -24.49 -12.56
CA LYS B 48 5.43 -23.03 -12.71
C LYS B 48 6.61 -22.43 -13.45
N LEU B 49 7.46 -23.27 -14.04
CA LEU B 49 8.68 -22.76 -14.65
C LEU B 49 8.74 -22.93 -16.17
N SER B 50 9.56 -22.10 -16.80
CA SER B 50 9.70 -22.08 -18.26
C SER B 50 10.25 -23.37 -18.85
N SER B 51 10.04 -23.54 -20.14
CA SER B 51 10.62 -24.66 -20.88
C SER B 51 12.11 -24.79 -20.61
N ALA B 52 12.77 -23.66 -20.43
CA ALA B 52 14.22 -23.62 -20.32
C ALA B 52 14.71 -24.16 -18.98
N ASN B 53 13.95 -23.90 -17.93
CA ASN B 53 14.35 -24.33 -16.58
C ASN B 53 13.46 -25.46 -16.05
N ASN B 54 12.85 -26.22 -16.96
CA ASN B 54 11.84 -27.21 -16.59
C ASN B 54 12.40 -28.59 -16.26
N PHE B 55 13.39 -29.03 -17.04
CA PHE B 55 14.04 -30.33 -16.86
C PHE B 55 13.20 -31.49 -17.38
N GLN B 56 11.88 -31.39 -17.24
CA GLN B 56 11.00 -32.53 -17.52
C GLN B 56 9.68 -32.13 -18.17
N MET B 57 9.60 -32.29 -19.49
CA MET B 57 8.43 -31.84 -20.25
C MET B 57 8.28 -32.58 -21.57
N ASP B 58 7.14 -33.22 -21.80
CA ASP B 58 6.91 -33.91 -23.06
C ASP B 58 6.65 -32.92 -24.18
N LYS B 59 6.08 -33.38 -25.29
CA LYS B 59 5.95 -32.53 -26.47
C LYS B 59 4.69 -31.65 -26.46
N ASN B 60 3.81 -31.87 -25.49
CA ASN B 60 2.61 -31.06 -25.34
C ASN B 60 2.79 -29.97 -24.30
N ASN B 61 4.04 -29.62 -24.02
CA ASN B 61 4.34 -28.68 -22.94
C ASN B 61 3.65 -29.12 -21.65
N LYS B 62 3.48 -30.43 -21.53
CA LYS B 62 2.95 -31.05 -20.33
C LYS B 62 4.11 -31.53 -19.48
N LEU B 63 3.99 -31.36 -18.16
CA LEU B 63 5.06 -31.78 -17.28
C LEU B 63 5.11 -33.31 -17.21
N LEU B 64 6.30 -33.84 -17.01
CA LEU B 64 6.48 -35.27 -16.76
C LEU B 64 7.04 -35.43 -15.35
N GLU B 65 6.67 -36.51 -14.67
CA GLU B 65 7.11 -36.71 -13.30
C GLU B 65 7.88 -38.02 -13.09
N TYR B 66 9.13 -37.90 -12.68
CA TYR B 66 9.98 -39.07 -12.44
C TYR B 66 10.22 -39.28 -10.94
N PHE B 67 10.24 -38.20 -10.18
CA PHE B 67 10.50 -38.25 -8.75
C PHE B 67 9.35 -38.89 -7.98
N LYS B 68 8.16 -38.86 -8.57
CA LYS B 68 6.98 -39.46 -7.95
C LYS B 68 7.14 -40.97 -7.82
N PHE B 69 7.77 -41.59 -8.82
CA PHE B 69 7.92 -43.03 -8.86
C PHE B 69 8.68 -43.58 -7.67
N PHE B 70 9.40 -42.69 -6.98
CA PHE B 70 10.20 -43.09 -5.82
C PHE B 70 9.73 -42.46 -4.52
N VAL B 71 8.71 -41.60 -4.60
CA VAL B 71 8.15 -40.97 -3.43
C VAL B 71 6.63 -41.12 -3.40
N PRO B 72 6.10 -41.71 -2.32
CA PRO B 72 4.70 -42.14 -2.19
C PRO B 72 3.80 -41.06 -1.61
N LYS B 73 4.15 -39.80 -1.79
CA LYS B 73 3.38 -38.73 -1.17
C LYS B 73 3.55 -37.41 -1.91
N LYS B 74 2.69 -36.46 -1.60
CA LYS B 74 2.96 -35.08 -1.91
C LYS B 74 3.91 -34.63 -0.84
N ILE B 75 4.82 -33.72 -1.16
CA ILE B 75 5.74 -33.22 -0.16
C ILE B 75 5.88 -31.70 -0.19
N LYS B 76 5.96 -31.12 1.00
CA LYS B 76 6.07 -29.67 1.13
C LYS B 76 7.30 -29.30 1.95
N ARG B 77 8.12 -28.44 1.37
CA ARG B 77 9.29 -27.92 2.05
C ARG B 77 9.17 -26.42 2.18
N SER B 78 9.89 -25.84 3.12
CA SER B 78 9.92 -24.39 3.23
C SER B 78 10.40 -23.81 1.89
N PRO B 79 10.13 -22.52 1.66
CA PRO B 79 10.63 -21.91 0.43
C PRO B 79 12.15 -21.96 0.34
N CYS B 80 12.84 -21.77 1.47
CA CYS B 80 14.30 -21.83 1.49
C CYS B 80 14.81 -23.16 0.94
N ILE B 81 14.30 -24.26 1.48
CA ILE B 81 14.75 -25.60 1.09
C ILE B 81 14.41 -25.94 -0.37
N ASN B 82 13.25 -25.48 -0.84
CA ASN B 82 12.86 -25.68 -2.23
C ASN B 82 13.83 -25.05 -3.21
N ARG B 83 14.05 -23.74 -3.05
CA ARG B 83 14.97 -23.02 -3.91
C ARG B 83 16.34 -23.68 -3.87
N GLY B 84 16.74 -24.13 -2.68
CA GLY B 84 18.02 -24.78 -2.51
C GLY B 84 18.13 -26.00 -3.42
N TYR B 85 17.05 -26.77 -3.47
CA TYR B 85 17.05 -28.02 -4.22
C TYR B 85 16.83 -27.84 -5.72
N TRP B 86 16.19 -26.74 -6.12
CA TRP B 86 16.12 -26.43 -7.54
C TRP B 86 17.52 -26.06 -8.00
N LEU B 87 18.19 -25.25 -7.20
CA LEU B 87 19.56 -24.84 -7.48
C LEU B 87 20.44 -26.10 -7.55
N ARG B 88 20.07 -27.12 -6.79
CA ARG B 88 20.85 -28.35 -6.70
C ARG B 88 20.71 -29.21 -7.94
N LEU B 89 19.47 -29.39 -8.39
CA LEU B 89 19.18 -30.07 -9.65
C LEU B 89 19.83 -29.31 -10.80
N PHE B 90 19.81 -27.99 -10.70
CA PHE B 90 20.32 -27.10 -11.74
C PHE B 90 21.82 -27.19 -11.85
N ALA B 91 22.48 -27.42 -10.72
CA ALA B 91 23.92 -27.61 -10.69
C ALA B 91 24.33 -28.81 -11.54
N ILE B 92 23.89 -29.99 -11.11
CA ILE B 92 24.23 -31.25 -11.76
C ILE B 92 23.88 -31.26 -13.26
N ARG B 93 22.74 -30.69 -13.62
CA ARG B 93 22.27 -30.68 -15.00
C ARG B 93 23.02 -29.65 -15.87
N SER B 94 23.48 -28.57 -15.24
CA SER B 94 24.22 -27.54 -15.96
C SER B 94 25.62 -28.04 -16.29
N ARG B 95 26.25 -28.71 -15.34
CA ARG B 95 27.53 -29.36 -15.58
C ARG B 95 27.41 -30.35 -16.73
N LEU B 96 26.44 -31.25 -16.62
CA LEU B 96 26.22 -32.29 -17.62
C LEU B 96 25.95 -31.69 -19.00
N ASN B 97 25.19 -30.61 -19.04
CA ASN B 97 24.92 -29.88 -20.28
C ASN B 97 26.19 -29.38 -20.96
N SER B 98 27.08 -28.77 -20.18
CA SER B 98 28.33 -28.24 -20.71
C SER B 98 29.23 -29.33 -21.30
N ILE B 99 29.09 -30.55 -20.81
CA ILE B 99 29.91 -31.66 -21.29
C ILE B 99 29.35 -32.25 -22.59
N ILE B 100 28.03 -32.39 -22.66
CA ILE B 100 27.37 -32.84 -23.89
C ILE B 100 27.52 -31.81 -24.99
N GLU B 101 27.42 -30.53 -24.62
CA GLU B 101 27.53 -29.47 -25.61
C GLU B 101 28.89 -29.48 -26.30
N GLN B 102 29.95 -29.70 -25.53
CA GLN B 102 31.32 -29.53 -26.00
C GLN B 102 31.93 -30.78 -26.63
N THR B 103 31.59 -31.96 -26.09
CA THR B 103 32.14 -33.21 -26.61
C THR B 103 31.53 -33.59 -27.95
N PRO B 104 32.38 -33.79 -28.97
CA PRO B 104 31.96 -34.05 -30.36
C PRO B 104 30.88 -35.11 -30.44
N GLN B 105 29.83 -34.83 -31.22
CA GLN B 105 28.64 -35.69 -31.26
C GLN B 105 28.86 -37.13 -31.72
N ASP B 106 30.09 -37.54 -31.97
CA ASP B 106 30.33 -38.93 -32.37
C ASP B 106 30.87 -39.79 -31.24
N LYS B 107 31.27 -39.14 -30.15
CA LYS B 107 31.81 -39.85 -28.99
C LYS B 107 30.75 -40.17 -27.94
N LYS B 108 30.73 -41.44 -27.55
CA LYS B 108 29.87 -41.91 -26.48
C LYS B 108 30.24 -41.28 -25.14
N ILE B 109 29.25 -41.11 -24.28
CA ILE B 109 29.47 -40.60 -22.93
C ILE B 109 28.82 -41.53 -21.91
N VAL B 110 29.43 -41.65 -20.73
CA VAL B 110 28.86 -42.44 -19.65
C VAL B 110 28.85 -41.65 -18.35
N VAL B 111 27.65 -41.36 -17.85
CA VAL B 111 27.49 -40.74 -16.54
C VAL B 111 27.48 -41.82 -15.47
N VAL B 112 28.43 -41.74 -14.54
CA VAL B 112 28.57 -42.73 -13.47
C VAL B 112 28.22 -42.12 -12.13
N ASN B 113 27.00 -42.35 -11.68
CA ASN B 113 26.52 -41.75 -10.44
C ASN B 113 26.95 -42.53 -9.21
N LEU B 114 27.97 -42.03 -8.53
CA LEU B 114 28.44 -42.63 -7.29
C LEU B 114 27.49 -42.27 -6.15
N GLY B 115 27.02 -43.28 -5.41
CA GLY B 115 26.07 -43.04 -4.35
C GLY B 115 24.81 -42.42 -4.92
N CYS B 116 24.17 -43.17 -5.80
CA CYS B 116 23.07 -42.65 -6.61
C CYS B 116 21.75 -42.63 -5.87
N GLY B 117 21.59 -43.52 -4.91
CA GLY B 117 20.34 -43.61 -4.18
C GLY B 117 19.20 -43.80 -5.16
N TYR B 118 18.12 -43.06 -4.99
CA TYR B 118 16.96 -43.22 -5.88
C TYR B 118 16.83 -42.09 -6.90
N ASP B 119 17.87 -41.30 -7.05
CA ASP B 119 17.90 -40.26 -8.07
C ASP B 119 17.45 -40.82 -9.42
N PRO B 120 16.37 -40.23 -9.98
CA PRO B 120 15.80 -40.70 -11.24
C PRO B 120 16.47 -40.02 -12.43
N LEU B 121 17.65 -39.45 -12.19
CA LEU B 121 18.36 -38.67 -13.20
C LEU B 121 18.54 -39.39 -14.54
N PRO B 122 18.90 -40.68 -14.52
CA PRO B 122 19.12 -41.40 -15.78
C PRO B 122 17.86 -41.49 -16.64
N PHE B 123 16.73 -41.76 -16.00
CA PHE B 123 15.47 -41.92 -16.70
C PHE B 123 14.96 -40.60 -17.25
N GLN B 124 15.24 -39.52 -16.54
CA GLN B 124 14.84 -38.18 -16.96
C GLN B 124 15.51 -37.80 -18.28
N LEU B 125 16.79 -38.14 -18.37
CA LEU B 125 17.61 -37.78 -19.52
C LEU B 125 17.42 -38.75 -20.68
N LEU B 126 17.25 -40.03 -20.35
CA LEU B 126 17.08 -41.06 -21.38
C LEU B 126 15.68 -41.04 -21.98
N ASP B 127 14.68 -40.87 -21.13
CA ASP B 127 13.28 -40.86 -21.56
C ASP B 127 13.06 -40.06 -22.83
N THR B 128 12.74 -40.76 -23.91
CA THR B 128 12.45 -40.13 -25.20
C THR B 128 11.25 -39.18 -25.17
N ASN B 129 10.34 -39.38 -24.22
CA ASN B 129 9.19 -38.49 -24.07
C ASN B 129 9.62 -37.07 -23.71
N ASN B 130 10.60 -36.98 -22.82
CA ASN B 130 11.12 -35.71 -22.37
C ASN B 130 11.94 -34.99 -23.44
N ILE B 131 11.34 -33.96 -24.04
CA ILE B 131 12.02 -33.17 -25.05
C ILE B 131 13.05 -32.24 -24.43
N GLN B 132 12.99 -32.10 -23.11
CA GLN B 132 13.91 -31.20 -22.39
C GLN B 132 15.30 -31.81 -22.27
N SER B 133 15.42 -33.08 -22.62
CA SER B 133 16.70 -33.79 -22.53
C SER B 133 16.98 -34.51 -23.84
N GLN B 134 16.79 -33.81 -24.95
CA GLN B 134 16.93 -34.42 -26.26
C GLN B 134 18.39 -34.66 -26.63
N GLN B 135 19.29 -33.90 -26.01
CA GLN B 135 20.72 -34.03 -26.29
C GLN B 135 21.32 -35.27 -25.63
N TYR B 136 20.56 -35.88 -24.73
CA TYR B 136 21.03 -37.04 -23.97
C TYR B 136 20.39 -38.33 -24.47
N HIS B 137 19.71 -38.26 -25.60
CA HIS B 137 18.89 -39.38 -26.08
C HIS B 137 19.62 -40.48 -26.82
N ASP B 138 20.79 -40.18 -27.36
CA ASP B 138 21.42 -41.08 -28.32
C ASP B 138 22.75 -41.68 -27.86
N ARG B 139 23.69 -40.84 -27.47
CA ARG B 139 25.04 -41.31 -27.18
C ARG B 139 25.46 -41.16 -25.72
N VAL B 140 24.51 -41.28 -24.79
CA VAL B 140 24.84 -41.21 -23.37
C VAL B 140 24.26 -42.40 -22.61
N SER B 141 25.12 -43.10 -21.88
CA SER B 141 24.67 -44.20 -21.04
C SER B 141 24.93 -43.90 -19.57
N PHE B 142 24.35 -44.71 -18.68
CA PHE B 142 24.43 -44.44 -17.26
C PHE B 142 24.77 -45.66 -16.43
N ILE B 143 25.61 -45.45 -15.42
CA ILE B 143 25.88 -46.47 -14.43
C ILE B 143 25.59 -45.93 -13.03
N ASP B 144 24.63 -46.56 -12.36
CA ASP B 144 24.33 -46.21 -10.98
C ASP B 144 25.09 -47.14 -10.03
N ILE B 145 25.61 -46.56 -8.96
CA ILE B 145 26.39 -47.31 -7.99
C ILE B 145 26.05 -46.92 -6.56
N ASP B 146 25.67 -47.90 -5.76
CA ASP B 146 25.29 -47.67 -4.38
C ASP B 146 25.49 -48.97 -3.60
N TYR B 147 25.19 -48.94 -2.31
CA TYR B 147 25.22 -50.17 -1.52
C TYR B 147 24.35 -51.21 -2.25
N SER B 148 24.59 -52.48 -1.98
CA SER B 148 23.86 -53.54 -2.66
C SER B 148 22.38 -53.58 -2.28
N ASP B 149 22.07 -53.44 -1.00
CA ASP B 149 20.70 -53.52 -0.52
C ASP B 149 19.79 -52.45 -1.12
N LEU B 150 20.28 -51.20 -1.15
CA LEU B 150 19.52 -50.08 -1.69
C LEU B 150 19.20 -50.29 -3.16
N LEU B 151 20.10 -50.99 -3.86
CA LEU B 151 19.93 -51.25 -5.29
C LEU B 151 18.89 -52.33 -5.58
N LYS B 152 18.91 -53.40 -4.78
CA LYS B 152 17.86 -54.41 -4.89
C LYS B 152 16.52 -53.69 -4.95
N ILE B 153 16.22 -52.93 -3.90
CA ILE B 153 15.01 -52.12 -3.83
C ILE B 153 14.79 -51.30 -5.10
N LYS B 154 15.74 -50.42 -5.41
CA LYS B 154 15.62 -49.53 -6.55
C LYS B 154 15.36 -50.27 -7.87
N ILE B 155 16.15 -51.31 -8.13
CA ILE B 155 15.97 -52.13 -9.33
C ILE B 155 14.57 -52.75 -9.40
N GLU B 156 14.18 -53.42 -8.31
CA GLU B 156 12.82 -53.93 -8.16
C GLU B 156 11.81 -52.92 -8.69
N LEU B 157 11.78 -51.76 -8.05
CA LEU B 157 10.85 -50.70 -8.43
C LEU B 157 10.90 -50.40 -9.92
N ILE B 158 12.12 -50.26 -10.44
CA ILE B 158 12.31 -50.01 -11.87
C ILE B 158 11.70 -51.14 -12.70
N LYS B 159 11.85 -52.37 -12.24
CA LYS B 159 11.26 -53.51 -12.92
C LYS B 159 9.74 -53.44 -12.96
N THR B 160 9.15 -53.09 -11.82
CA THR B 160 7.69 -53.15 -11.67
C THR B 160 6.95 -51.94 -12.21
N ILE B 161 7.68 -50.88 -12.55
CA ILE B 161 7.05 -49.67 -13.07
C ILE B 161 7.17 -49.54 -14.58
N PRO B 162 6.03 -49.67 -15.28
CA PRO B 162 5.87 -49.51 -16.74
C PRO B 162 6.65 -48.33 -17.30
N GLU B 163 6.28 -47.13 -16.90
CA GLU B 163 6.91 -45.91 -17.42
C GLU B 163 8.43 -45.96 -17.38
N LEU B 164 8.98 -46.53 -16.32
CA LEU B 164 10.44 -46.59 -16.16
C LEU B 164 11.06 -47.62 -17.09
N SER B 165 10.62 -48.87 -16.97
CA SER B 165 11.19 -49.96 -17.75
C SER B 165 11.20 -49.63 -19.24
N LYS B 166 10.14 -49.01 -19.71
CA LYS B 166 10.01 -48.67 -21.13
C LYS B 166 11.14 -47.75 -21.60
N ILE B 167 11.82 -47.11 -20.65
CA ILE B 167 12.90 -46.19 -20.96
C ILE B 167 14.25 -46.89 -21.11
N ILE B 168 14.54 -47.83 -20.22
CA ILE B 168 15.78 -48.59 -20.31
C ILE B 168 15.59 -49.89 -21.11
N GLY B 169 14.45 -49.99 -21.79
CA GLY B 169 14.20 -51.08 -22.71
C GLY B 169 13.92 -52.42 -22.06
N LEU B 170 13.11 -52.42 -21.01
CA LEU B 170 12.70 -53.65 -20.36
C LEU B 170 11.29 -54.02 -20.80
N SER B 171 10.85 -55.22 -20.43
CA SER B 171 9.57 -55.75 -20.89
C SER B 171 8.39 -54.94 -20.34
N ASN B 181 15.51 -59.84 -5.43
CA ASN B 181 16.78 -59.92 -4.73
C ASN B 181 17.93 -59.50 -5.62
N VAL B 182 17.60 -59.22 -6.88
CA VAL B 182 18.58 -58.75 -7.85
C VAL B 182 19.20 -57.46 -7.35
N ASP B 183 20.52 -57.41 -7.28
CA ASP B 183 21.20 -56.18 -6.88
C ASP B 183 22.08 -55.65 -7.99
N PHE B 184 21.79 -56.08 -9.21
CA PHE B 184 22.44 -55.53 -10.40
C PHE B 184 21.46 -55.58 -11.57
N LEU B 185 21.70 -54.74 -12.56
CA LEU B 185 20.88 -54.73 -13.77
C LEU B 185 21.68 -54.26 -14.96
N THR B 186 21.36 -54.80 -16.14
CA THR B 186 22.11 -54.47 -17.34
C THR B 186 21.21 -54.24 -18.54
N THR B 187 21.43 -53.12 -19.23
CA THR B 187 20.74 -52.81 -20.47
C THR B 187 21.68 -52.00 -21.35
N PRO B 188 21.31 -51.77 -22.62
CA PRO B 188 22.20 -51.03 -23.51
C PRO B 188 22.73 -49.73 -22.89
N LYS B 189 21.83 -48.90 -22.36
CA LYS B 189 22.18 -47.55 -21.92
C LYS B 189 22.15 -47.36 -20.41
N TYR B 190 21.75 -48.38 -19.66
CA TYR B 190 21.66 -48.25 -18.22
C TYR B 190 22.12 -49.49 -17.45
N LEU B 191 23.04 -49.29 -16.52
CA LEU B 191 23.48 -50.36 -15.63
C LEU B 191 23.41 -49.93 -14.17
N ALA B 192 22.82 -50.77 -13.34
CA ALA B 192 22.98 -50.66 -11.90
C ALA B 192 24.10 -51.62 -11.50
N ARG B 193 24.97 -51.18 -10.59
CA ARG B 193 26.08 -52.01 -10.11
C ARG B 193 26.33 -51.75 -8.63
N PRO B 194 26.17 -52.79 -7.79
CA PRO B 194 26.32 -52.60 -6.35
C PRO B 194 27.79 -52.47 -5.97
N CYS B 195 28.06 -51.82 -4.84
CA CYS B 195 29.43 -51.59 -4.41
C CYS B 195 29.52 -50.71 -3.18
N ASP B 196 30.07 -51.27 -2.10
CA ASP B 196 30.44 -50.44 -0.97
C ASP B 196 31.69 -49.69 -1.39
N LEU B 197 31.62 -48.36 -1.36
CA LEU B 197 32.67 -47.53 -1.93
C LEU B 197 33.85 -47.29 -0.99
N ASN B 198 33.75 -47.81 0.23
CA ASN B 198 34.87 -47.78 1.16
C ASN B 198 35.92 -48.82 0.77
N ASP B 199 35.49 -49.81 -0.01
CA ASP B 199 36.38 -50.82 -0.55
C ASP B 199 36.89 -50.40 -1.92
N SER B 200 38.03 -49.71 -1.94
CA SER B 200 38.60 -49.18 -3.16
C SER B 200 38.99 -50.24 -4.18
N LYS B 201 39.32 -51.44 -3.70
CA LYS B 201 39.68 -52.52 -4.60
C LYS B 201 38.46 -52.98 -5.39
N MET B 202 37.32 -53.09 -4.70
CA MET B 202 36.07 -53.47 -5.35
C MET B 202 35.74 -52.48 -6.43
N PHE B 203 35.92 -51.20 -6.11
CA PHE B 203 35.63 -50.11 -7.04
C PHE B 203 36.54 -50.15 -8.26
N SER B 204 37.83 -50.36 -8.04
CA SER B 204 38.78 -50.45 -9.13
C SER B 204 38.41 -51.60 -10.06
N THR B 205 38.10 -52.75 -9.46
CA THR B 205 37.62 -53.90 -10.23
C THR B 205 36.44 -53.47 -11.09
N LEU B 206 35.49 -52.80 -10.46
CA LEU B 206 34.25 -52.37 -11.11
C LEU B 206 34.52 -51.45 -12.30
N LEU B 207 35.42 -50.49 -12.12
CA LEU B 207 35.78 -49.59 -13.21
C LEU B 207 36.15 -50.37 -14.46
N ASN B 208 36.92 -51.44 -14.26
CA ASN B 208 37.41 -52.26 -15.37
C ASN B 208 36.36 -53.20 -15.94
N GLU B 209 35.57 -53.81 -15.06
CA GLU B 209 34.47 -54.64 -15.52
C GLU B 209 33.60 -53.79 -16.44
N CYS B 210 33.42 -52.53 -16.07
CA CYS B 210 32.56 -51.62 -16.83
C CYS B 210 33.31 -50.97 -18.00
N GLN B 211 34.60 -51.29 -18.13
CA GLN B 211 35.38 -50.85 -19.28
C GLN B 211 35.48 -49.33 -19.40
N LEU B 212 35.57 -48.66 -18.26
CA LEU B 212 35.68 -47.21 -18.23
C LEU B 212 37.11 -46.74 -18.53
N TYR B 213 37.96 -47.66 -18.96
CA TYR B 213 39.34 -47.32 -19.27
C TYR B 213 39.46 -46.83 -20.69
N ASP B 214 38.47 -47.18 -21.52
CA ASP B 214 38.49 -46.81 -22.92
C ASP B 214 38.52 -45.29 -23.11
N PRO B 215 39.59 -44.79 -23.76
CA PRO B 215 39.82 -43.37 -24.06
C PRO B 215 38.83 -42.76 -25.06
N ASN B 216 38.13 -43.59 -25.83
CA ASN B 216 37.16 -43.09 -26.79
C ASN B 216 35.79 -42.90 -26.16
N VAL B 217 35.71 -43.13 -24.86
CA VAL B 217 34.48 -42.96 -24.10
C VAL B 217 34.68 -41.93 -22.99
N VAL B 218 34.03 -40.79 -23.13
CA VAL B 218 34.11 -39.76 -22.09
C VAL B 218 33.32 -40.18 -20.86
N LYS B 219 33.98 -40.16 -19.71
CA LYS B 219 33.34 -40.54 -18.47
C LYS B 219 32.97 -39.32 -17.67
N VAL B 220 31.77 -39.34 -17.09
CA VAL B 220 31.38 -38.30 -16.15
C VAL B 220 31.03 -38.93 -14.81
N PHE B 221 31.95 -38.86 -13.86
CA PHE B 221 31.70 -39.35 -12.52
C PHE B 221 30.99 -38.29 -11.70
N VAL B 222 29.92 -38.71 -11.02
CA VAL B 222 29.08 -37.79 -10.26
C VAL B 222 28.88 -38.25 -8.82
N ALA B 223 29.25 -37.40 -7.87
CA ALA B 223 29.01 -37.65 -6.45
C ALA B 223 28.12 -36.56 -5.87
N GLU B 224 26.82 -36.79 -5.88
CA GLU B 224 25.87 -35.83 -5.32
C GLU B 224 25.67 -36.12 -3.84
N VAL B 225 26.33 -35.34 -3.00
CA VAL B 225 26.33 -35.55 -1.54
C VAL B 225 26.33 -37.04 -1.17
N SER B 226 27.33 -37.78 -1.66
CA SER B 226 27.52 -39.17 -1.30
C SER B 226 28.88 -39.37 -0.65
N LEU B 227 29.94 -39.04 -1.39
CA LEU B 227 31.31 -39.13 -0.89
C LEU B 227 31.53 -38.29 0.36
N ALA B 228 30.54 -37.45 0.67
CA ALA B 228 30.63 -36.54 1.81
C ALA B 228 30.56 -37.28 3.15
N TYR B 229 29.94 -38.45 3.15
CA TYR B 229 29.71 -39.21 4.37
C TYR B 229 30.88 -40.13 4.73
N MET B 230 31.79 -40.34 3.78
CA MET B 230 32.93 -41.22 4.00
C MET B 230 34.12 -40.45 4.55
N LYS B 231 35.02 -41.17 5.22
CA LYS B 231 36.25 -40.56 5.69
C LYS B 231 37.04 -40.06 4.49
N PRO B 232 37.83 -38.99 4.69
CA PRO B 232 38.54 -38.34 3.58
C PRO B 232 39.39 -39.34 2.84
N GLU B 233 40.18 -40.09 3.59
CA GLU B 233 41.09 -41.09 3.03
C GLU B 233 40.33 -42.00 2.08
N ARG B 234 39.18 -42.48 2.52
CA ARG B 234 38.41 -43.45 1.76
C ARG B 234 37.78 -42.87 0.50
N SER B 235 37.36 -41.60 0.59
CA SER B 235 36.77 -40.92 -0.55
C SER B 235 37.84 -40.41 -1.52
N ASP B 236 38.99 -40.02 -0.99
CA ASP B 236 40.11 -39.58 -1.83
C ASP B 236 40.52 -40.73 -2.74
N SER B 237 40.25 -41.94 -2.30
CA SER B 237 40.55 -43.14 -3.06
C SER B 237 39.70 -43.22 -4.32
N ILE B 238 38.40 -43.08 -4.17
CA ILE B 238 37.47 -43.12 -5.30
C ILE B 238 37.88 -42.09 -6.35
N ILE B 239 38.20 -40.89 -5.90
CA ILE B 239 38.62 -39.82 -6.79
C ILE B 239 39.89 -40.21 -7.51
N GLU B 240 40.86 -40.72 -6.75
CA GLU B 240 42.14 -41.13 -7.31
C GLU B 240 41.98 -42.21 -8.37
N ALA B 241 41.27 -43.27 -8.00
CA ALA B 241 41.00 -44.39 -8.89
C ALA B 241 40.39 -43.96 -10.23
N THR B 242 39.44 -43.03 -10.16
CA THR B 242 38.76 -42.55 -11.37
C THR B 242 39.67 -41.67 -12.20
N SER B 243 40.68 -41.08 -11.57
CA SER B 243 41.63 -40.24 -12.29
C SER B 243 42.39 -41.06 -13.31
N LYS B 244 42.57 -42.35 -13.04
CA LYS B 244 43.33 -43.21 -13.94
C LYS B 244 42.61 -43.44 -15.26
N MET B 245 41.28 -43.38 -15.22
CA MET B 245 40.46 -43.53 -16.42
C MET B 245 40.65 -42.35 -17.36
N GLU B 246 41.25 -42.60 -18.52
CA GLU B 246 41.55 -41.53 -19.45
C GLU B 246 40.31 -40.82 -19.96
N ASN B 247 40.33 -39.49 -19.88
CA ASN B 247 39.21 -38.68 -20.34
C ASN B 247 38.02 -38.74 -19.38
N SER B 248 38.22 -38.26 -18.16
CA SER B 248 37.17 -38.29 -17.16
C SER B 248 36.92 -36.92 -16.53
N HIS B 249 35.65 -36.59 -16.33
CA HIS B 249 35.26 -35.46 -15.52
C HIS B 249 34.87 -36.00 -14.16
N PHE B 250 35.04 -35.20 -13.10
CA PHE B 250 34.48 -35.56 -11.80
C PHE B 250 33.64 -34.40 -11.28
N ILE B 251 32.36 -34.66 -11.08
CA ILE B 251 31.47 -33.66 -10.55
C ILE B 251 31.07 -34.05 -9.14
N ILE B 252 31.41 -33.17 -8.19
CA ILE B 252 31.16 -33.42 -6.79
C ILE B 252 30.36 -32.27 -6.17
N LEU B 253 29.26 -32.62 -5.52
CA LEU B 253 28.42 -31.65 -4.85
C LEU B 253 28.31 -32.03 -3.39
N GLU B 254 28.82 -31.19 -2.50
CA GLU B 254 28.90 -31.54 -1.09
C GLU B 254 29.16 -30.35 -0.17
N GLN B 255 29.13 -30.62 1.13
CA GLN B 255 29.16 -29.55 2.12
C GLN B 255 30.53 -28.93 2.33
N LEU B 256 30.52 -27.65 2.65
CA LEU B 256 31.72 -26.94 3.07
C LEU B 256 31.46 -26.41 4.47
N ILE B 257 32.54 -26.17 5.21
CA ILE B 257 32.46 -25.39 6.44
C ILE B 257 33.54 -24.31 6.38
N PRO B 258 33.37 -23.36 5.44
CA PRO B 258 34.35 -22.35 5.05
C PRO B 258 35.08 -21.71 6.23
N LYS B 259 34.40 -21.49 7.33
CA LYS B 259 35.00 -20.80 8.47
C LYS B 259 35.14 -21.71 9.70
N GLY B 260 35.21 -23.02 9.47
CA GLY B 260 35.39 -23.98 10.54
C GLY B 260 34.10 -24.64 11.00
N PRO B 261 34.19 -25.50 12.03
CA PRO B 261 33.05 -26.24 12.60
C PRO B 261 32.17 -25.43 13.54
N PHE B 262 32.62 -24.26 13.97
CA PHE B 262 31.90 -23.50 15.00
C PHE B 262 31.08 -22.33 14.46
N GLU B 263 31.28 -22.00 13.19
CA GLU B 263 30.42 -21.03 12.52
C GLU B 263 28.96 -21.43 12.76
N PRO B 264 28.11 -20.44 13.08
CA PRO B 264 26.72 -20.67 13.49
C PRO B 264 25.97 -21.71 12.67
N PHE B 265 26.02 -21.57 11.34
CA PHE B 265 25.31 -22.48 10.44
C PHE B 265 26.02 -23.83 10.36
N SER B 266 27.35 -23.77 10.28
CA SER B 266 28.17 -24.98 10.21
C SER B 266 27.96 -25.88 11.42
N LYS B 267 27.96 -25.27 12.60
CA LYS B 267 27.79 -26.00 13.84
C LYS B 267 26.49 -26.81 13.84
N GLN B 268 25.40 -26.14 13.48
CA GLN B 268 24.08 -26.77 13.51
C GLN B 268 23.98 -27.92 12.50
N MET B 269 24.52 -27.70 11.31
CA MET B 269 24.53 -28.68 10.23
C MET B 269 25.30 -29.94 10.59
N LEU B 270 26.49 -29.73 11.13
CA LEU B 270 27.36 -30.83 11.54
C LEU B 270 26.69 -31.64 12.64
N ALA B 271 26.02 -30.95 13.56
CA ALA B 271 25.31 -31.62 14.65
C ALA B 271 24.14 -32.43 14.12
N HIS B 272 23.34 -31.82 13.25
CA HIS B 272 22.19 -32.49 12.64
C HIS B 272 22.57 -33.78 11.94
N PHE B 273 23.77 -33.80 11.37
CA PHE B 273 24.25 -34.98 10.65
C PHE B 273 24.89 -36.00 11.58
N LYS B 274 25.71 -35.52 12.51
CA LYS B 274 26.36 -36.39 13.48
C LYS B 274 25.34 -37.20 14.25
N ARG B 275 24.27 -36.55 14.69
CA ARG B 275 23.26 -37.16 15.56
C ARG B 275 22.20 -37.96 14.79
N ASN B 276 22.36 -37.99 13.48
CA ASN B 276 21.50 -38.83 12.64
C ASN B 276 22.27 -40.05 12.16
N ASP B 277 23.46 -40.23 12.71
CA ASP B 277 24.31 -41.37 12.41
C ASP B 277 24.68 -41.42 10.93
N SER B 278 25.07 -40.27 10.41
CA SER B 278 25.64 -40.15 9.08
C SER B 278 26.45 -38.87 9.04
N PRO B 279 27.40 -38.73 9.98
CA PRO B 279 28.20 -37.51 10.07
C PRO B 279 28.89 -37.21 8.75
N LEU B 280 29.05 -35.93 8.45
CA LEU B 280 29.88 -35.51 7.34
C LEU B 280 31.33 -35.65 7.78
N GLN B 281 32.11 -36.42 7.04
CA GLN B 281 33.48 -36.70 7.44
C GLN B 281 34.53 -36.05 6.55
N SER B 282 34.29 -36.06 5.25
CA SER B 282 35.22 -35.42 4.33
C SER B 282 35.38 -33.94 4.68
N VAL B 283 34.26 -33.27 4.94
CA VAL B 283 34.23 -31.84 5.14
C VAL B 283 35.19 -31.37 6.23
N LEU B 284 35.32 -32.17 7.29
CA LEU B 284 36.18 -31.84 8.41
C LEU B 284 37.60 -31.61 7.94
N LYS B 285 37.97 -32.23 6.82
CA LYS B 285 39.30 -32.12 6.27
C LYS B 285 39.35 -31.05 5.19
N TYR B 286 38.32 -31.03 4.35
CA TYR B 286 38.23 -30.06 3.26
C TYR B 286 37.16 -29.01 3.53
N ASN B 287 37.50 -28.08 4.42
CA ASN B 287 36.58 -27.02 4.82
C ASN B 287 36.18 -26.12 3.66
N THR B 288 37.17 -25.69 2.88
CA THR B 288 36.98 -24.56 1.98
C THR B 288 36.87 -24.96 0.51
N ILE B 289 36.56 -23.96 -0.32
CA ILE B 289 36.56 -24.11 -1.77
C ILE B 289 37.98 -24.38 -2.28
N GLU B 290 38.96 -23.74 -1.67
CA GLU B 290 40.36 -23.90 -2.07
C GLU B 290 40.89 -25.29 -1.76
N SER B 291 40.65 -25.77 -0.55
CA SER B 291 41.05 -27.11 -0.16
C SER B 291 40.48 -28.12 -1.15
N GLN B 292 39.37 -27.77 -1.79
CA GLN B 292 38.76 -28.63 -2.80
C GLN B 292 39.64 -28.74 -4.04
N VAL B 293 40.30 -27.65 -4.40
CA VAL B 293 41.17 -27.64 -5.57
C VAL B 293 42.51 -28.34 -5.33
N GLN B 294 43.09 -28.12 -4.15
CA GLN B 294 44.31 -28.81 -3.78
C GLN B 294 44.06 -30.30 -3.88
N ARG B 295 42.93 -30.71 -3.32
CA ARG B 295 42.51 -32.09 -3.29
C ARG B 295 42.53 -32.73 -4.67
N PHE B 296 41.76 -32.14 -5.59
CA PHE B 296 41.61 -32.71 -6.93
C PHE B 296 42.90 -32.65 -7.75
N ASN B 297 43.73 -31.64 -7.51
CA ASN B 297 45.05 -31.60 -8.12
C ASN B 297 45.91 -32.72 -7.55
N LYS B 298 45.91 -32.84 -6.22
CA LYS B 298 46.67 -33.88 -5.55
C LYS B 298 46.26 -35.30 -5.97
N LEU B 299 45.02 -35.45 -6.41
CA LEU B 299 44.46 -36.78 -6.66
C LEU B 299 44.35 -37.16 -8.15
N GLY B 300 45.03 -36.43 -9.02
CA GLY B 300 45.05 -36.81 -10.42
C GLY B 300 44.17 -36.01 -11.36
N PHE B 301 43.49 -35.00 -10.81
CA PHE B 301 42.71 -34.08 -11.63
C PHE B 301 43.37 -32.70 -11.64
N ALA B 302 43.94 -32.32 -12.78
CA ALA B 302 44.66 -31.05 -12.89
C ALA B 302 43.75 -29.85 -13.20
N TYR B 303 42.62 -30.10 -13.86
CA TYR B 303 41.79 -29.00 -14.33
C TYR B 303 40.47 -28.89 -13.55
N VAL B 304 40.46 -28.00 -12.57
CA VAL B 304 39.33 -27.88 -11.66
C VAL B 304 38.55 -26.58 -11.86
N ASN B 305 37.24 -26.71 -12.00
CA ASN B 305 36.36 -25.56 -12.00
C ASN B 305 35.41 -25.64 -10.82
N VAL B 306 35.62 -24.77 -9.84
CA VAL B 306 34.92 -24.86 -8.57
C VAL B 306 34.30 -23.53 -8.11
N GLY B 307 33.12 -23.63 -7.51
CA GLY B 307 32.43 -22.50 -6.93
C GLY B 307 31.38 -22.99 -5.94
N ASP B 308 30.85 -22.09 -5.13
CA ASP B 308 29.79 -22.46 -4.19
C ASP B 308 28.40 -22.17 -4.76
N MET B 309 27.37 -22.64 -4.07
CA MET B 309 26.00 -22.53 -4.56
C MET B 309 25.58 -21.12 -4.96
N PHE B 310 26.03 -20.11 -4.22
CA PHE B 310 25.56 -18.76 -4.52
C PHE B 310 26.10 -18.22 -5.84
N GLN B 311 27.29 -18.65 -6.22
CA GLN B 311 27.86 -18.27 -7.51
C GLN B 311 27.03 -18.93 -8.60
N LEU B 312 26.48 -20.09 -8.28
CA LEU B 312 25.57 -20.79 -9.19
C LEU B 312 24.31 -19.95 -9.35
N TRP B 313 23.91 -19.27 -8.28
CA TRP B 313 22.73 -18.44 -8.27
C TRP B 313 22.96 -17.20 -9.14
N GLU B 314 24.07 -16.53 -8.90
CA GLU B 314 24.43 -15.33 -9.65
C GLU B 314 24.64 -15.63 -11.14
N SER B 315 25.12 -16.83 -11.42
CA SER B 315 25.44 -17.23 -12.79
C SER B 315 24.19 -17.37 -13.66
N ALA B 316 23.10 -17.79 -13.05
CA ALA B 316 21.84 -17.94 -13.76
C ALA B 316 21.39 -16.61 -14.35
N ASP B 317 20.75 -16.66 -15.51
CA ASP B 317 20.37 -15.45 -16.23
C ASP B 317 19.23 -14.68 -15.57
N GLU B 318 19.07 -13.42 -15.96
CA GLU B 318 18.03 -12.56 -15.42
C GLU B 318 16.63 -13.14 -15.59
N ALA B 319 16.39 -13.73 -16.76
CA ALA B 319 15.08 -14.28 -17.07
C ALA B 319 14.71 -15.42 -16.13
N THR B 320 15.65 -16.32 -15.88
CA THR B 320 15.42 -17.45 -14.98
C THR B 320 15.29 -16.99 -13.53
N LYS B 321 16.12 -16.01 -13.15
CA LYS B 321 16.06 -15.44 -11.82
C LYS B 321 14.67 -14.88 -11.54
N LYS B 322 14.12 -14.18 -12.52
CA LYS B 322 12.80 -13.56 -12.38
C LYS B 322 11.74 -14.63 -12.15
N GLU B 323 11.84 -15.70 -12.92
CA GLU B 323 10.91 -16.81 -12.82
C GLU B 323 10.86 -17.41 -11.42
N LEU B 324 12.04 -17.66 -10.86
CA LEU B 324 12.16 -18.33 -9.57
C LEU B 324 11.65 -17.49 -8.41
N LEU B 325 11.81 -16.18 -8.50
CA LEU B 325 11.32 -15.28 -7.46
C LEU B 325 9.80 -15.26 -7.46
N LYS B 326 9.22 -15.59 -8.61
CA LYS B 326 7.77 -15.57 -8.78
C LYS B 326 7.08 -16.88 -8.44
N VAL B 327 7.84 -17.95 -8.28
CA VAL B 327 7.28 -19.29 -8.07
C VAL B 327 6.52 -19.44 -6.75
N GLU B 328 7.12 -18.96 -5.66
CA GLU B 328 6.46 -18.95 -4.36
C GLU B 328 6.97 -17.79 -3.53
N PRO B 329 6.20 -17.38 -2.51
CA PRO B 329 6.63 -16.26 -1.67
C PRO B 329 7.88 -16.62 -0.88
N PHE B 330 8.89 -15.77 -0.95
CA PHE B 330 10.17 -16.04 -0.30
C PHE B 330 10.69 -14.81 0.43
N ASP B 331 11.08 -14.98 1.69
CA ASP B 331 11.69 -13.91 2.46
C ASP B 331 12.61 -14.47 3.55
N GLU B 332 13.38 -15.50 3.21
CA GLU B 332 14.37 -16.03 4.15
C GLU B 332 15.77 -15.94 3.55
N LEU B 333 16.06 -14.79 2.96
CA LEU B 333 17.32 -14.59 2.24
C LEU B 333 18.57 -14.87 3.08
N GLU B 334 18.53 -14.52 4.36
CA GLU B 334 19.70 -14.74 5.21
C GLU B 334 20.02 -16.21 5.35
N GLU B 335 18.98 -17.02 5.51
CA GLU B 335 19.15 -18.47 5.54
C GLU B 335 19.67 -18.98 4.19
N PHE B 336 19.20 -18.37 3.10
CA PHE B 336 19.62 -18.78 1.77
C PHE B 336 21.09 -18.49 1.51
N HIS B 337 21.55 -17.31 1.95
CA HIS B 337 22.97 -16.97 1.86
C HIS B 337 23.78 -18.03 2.58
N LEU B 338 23.46 -18.22 3.85
CA LEU B 338 24.13 -19.18 4.72
C LEU B 338 24.19 -20.59 4.12
N PHE B 339 23.03 -21.10 3.67
CA PHE B 339 22.98 -22.41 3.01
C PHE B 339 23.91 -22.47 1.80
N CYS B 340 23.82 -21.45 0.96
CA CYS B 340 24.53 -21.42 -0.33
C CYS B 340 26.05 -21.49 -0.16
N HIS B 341 26.56 -20.92 0.93
CA HIS B 341 28.00 -20.90 1.16
C HIS B 341 28.49 -22.22 1.77
N HIS B 342 27.56 -23.11 2.08
CA HIS B 342 27.91 -24.40 2.70
C HIS B 342 27.85 -25.56 1.72
N TYR B 343 27.46 -25.27 0.49
CA TYR B 343 27.49 -26.28 -0.55
C TYR B 343 28.37 -25.85 -1.71
N VAL B 344 29.28 -26.73 -2.10
CA VAL B 344 30.21 -26.48 -3.19
C VAL B 344 29.86 -27.36 -4.38
N LEU B 345 30.10 -26.83 -5.57
CA LEU B 345 29.95 -27.59 -6.79
C LEU B 345 31.32 -27.64 -7.47
N CYS B 346 32.01 -28.76 -7.34
CA CYS B 346 33.36 -28.90 -7.86
C CYS B 346 33.37 -29.79 -9.09
N HIS B 347 33.89 -29.26 -10.19
CA HIS B 347 33.91 -29.98 -11.45
C HIS B 347 35.32 -30.11 -12.02
N ALA B 348 35.92 -31.27 -11.79
CA ALA B 348 37.30 -31.52 -12.20
C ALA B 348 37.38 -32.28 -13.51
N THR B 349 38.55 -32.20 -14.13
CA THR B 349 38.84 -32.84 -15.40
C THR B 349 40.27 -33.38 -15.38
N ASN B 350 40.53 -34.45 -16.13
CA ASN B 350 41.88 -34.97 -16.24
C ASN B 350 42.45 -34.88 -17.66
N TYR B 351 41.73 -34.21 -18.55
CA TYR B 351 42.25 -33.92 -19.88
C TYR B 351 42.11 -32.43 -20.26
N LYS B 352 43.19 -31.86 -20.78
CA LYS B 352 43.26 -30.42 -21.03
C LYS B 352 42.39 -29.99 -22.20
N GLU B 353 41.98 -30.96 -23.01
CA GLU B 353 41.22 -30.66 -24.21
C GLU B 353 39.86 -30.02 -23.93
N PHE B 354 39.36 -30.18 -22.70
CA PHE B 354 38.04 -29.66 -22.35
C PHE B 354 38.11 -28.26 -21.77
N ALA B 355 37.36 -27.33 -22.36
CA ALA B 355 37.36 -25.94 -21.92
C ALA B 355 36.17 -25.61 -21.01
N PHE B 356 36.47 -24.99 -19.87
CA PHE B 356 35.43 -24.39 -19.05
C PHE B 356 35.10 -23.05 -19.67
N THR B 357 34.01 -23.00 -20.44
CA THR B 357 33.68 -21.79 -21.19
C THR B 357 33.12 -20.68 -20.29
N GLN B 358 32.98 -19.50 -20.86
CA GLN B 358 32.51 -18.33 -20.13
C GLN B 358 31.24 -18.61 -19.32
N GLY B 359 30.28 -19.29 -19.95
CA GLY B 359 28.97 -19.50 -19.35
C GLY B 359 28.93 -20.52 -18.23
N PHE B 360 30.07 -21.15 -17.95
CA PHE B 360 30.12 -22.22 -16.94
C PHE B 360 31.24 -22.04 -15.90
N LEU B 361 32.18 -21.15 -16.18
CA LEU B 361 33.36 -20.98 -15.33
C LEU B 361 33.12 -20.11 -14.10
N PHE B 362 33.44 -20.65 -12.92
CA PHE B 362 33.33 -19.89 -11.67
C PHE B 362 34.55 -19.00 -11.44
N ASP B 363 34.35 -17.88 -10.76
CA ASP B 363 35.46 -17.05 -10.30
C ASP B 363 35.88 -17.52 -8.91
N ARG B 364 37.02 -17.04 -8.43
CA ARG B 364 37.56 -17.51 -7.15
C ARG B 364 38.41 -16.42 -6.49
N SER B 365 37.79 -15.68 -5.57
CA SER B 365 38.46 -14.53 -4.96
C SER B 365 38.82 -14.76 -3.50
N ILE B 366 40.08 -15.03 -3.25
CA ILE B 366 40.58 -15.15 -1.88
C ILE B 366 41.04 -13.79 -1.38
N SER B 367 40.08 -12.98 -0.94
CA SER B 367 40.37 -11.64 -0.46
C SER B 367 40.59 -11.63 1.05
N GLU B 368 41.78 -12.01 1.49
CA GLU B 368 42.12 -11.93 2.90
C GLU B 368 42.20 -10.48 3.35
N ILE B 369 41.26 -10.05 4.19
CA ILE B 369 41.33 -8.74 4.79
C ILE B 369 41.61 -8.88 6.28
N ASN B 370 42.73 -8.32 6.73
CA ASN B 370 43.05 -8.29 8.14
C ASN B 370 42.56 -6.98 8.77
N LEU B 371 41.72 -7.09 9.81
CA LEU B 371 41.27 -5.93 10.54
C LEU B 371 42.06 -5.78 11.83
N THR B 372 42.45 -4.55 12.15
CA THR B 372 43.13 -4.26 13.41
C THR B 372 42.14 -4.48 14.55
N VAL B 373 42.46 -5.40 15.46
CA VAL B 373 41.61 -5.64 16.61
C VAL B 373 41.33 -4.30 17.28
N ASP B 374 40.04 -3.98 17.47
CA ASP B 374 39.65 -2.74 18.12
C ASP B 374 40.13 -2.76 19.57
N GLU B 375 40.33 -1.57 20.13
CA GLU B 375 40.88 -1.47 21.47
C GLU B 375 39.91 -0.82 22.46
N ASP B 376 39.01 0.01 21.94
CA ASP B 376 38.08 0.75 22.80
C ASP B 376 36.95 -0.12 23.33
N TYR B 377 36.57 -1.14 22.57
CA TYR B 377 35.39 -1.93 22.94
C TYR B 377 35.58 -3.45 22.76
N GLN B 378 34.88 -4.21 23.59
CA GLN B 378 34.95 -5.67 23.55
C GLN B 378 33.56 -6.30 23.61
N LEU B 379 33.51 -7.62 23.49
CA LEU B 379 32.24 -8.33 23.40
C LEU B 379 32.05 -9.32 24.54
N LEU B 380 30.83 -9.40 25.06
CA LEU B 380 30.51 -10.29 26.17
C LEU B 380 29.16 -10.98 25.99
N GLU B 381 29.07 -12.21 26.47
CA GLU B 381 27.83 -12.95 26.48
C GLU B 381 26.83 -12.21 27.38
N CYS B 382 25.54 -12.39 27.13
CA CYS B 382 24.51 -11.72 27.93
C CYS B 382 23.13 -12.24 27.58
N GLU B 383 22.73 -13.34 28.23
CA GLU B 383 21.50 -14.05 27.88
C GLU B 383 20.25 -13.18 27.99
N CYS B 384 19.81 -12.69 26.84
CA CYS B 384 18.48 -12.10 26.74
C CYS B 384 17.62 -12.98 25.85
N PRO B 385 17.02 -14.04 26.43
CA PRO B 385 16.18 -14.92 25.63
C PRO B 385 14.78 -14.36 25.39
N ILE B 386 14.57 -13.68 24.28
CA ILE B 386 13.22 -13.29 23.89
C ILE B 386 12.69 -14.34 22.92
N ASN B 387 13.59 -15.21 22.47
CA ASN B 387 13.23 -16.31 21.58
C ASN B 387 12.29 -15.87 20.46
N ARG B 388 12.73 -14.88 19.69
CA ARG B 388 11.95 -14.39 18.56
C ARG B 388 12.81 -13.55 17.64
N LYS B 389 12.39 -13.45 16.39
CA LYS B 389 13.17 -12.75 15.37
C LYS B 389 12.31 -11.87 14.48
N PHE B 390 12.89 -10.75 14.05
CA PHE B 390 12.26 -9.85 13.07
C PHE B 390 11.10 -9.04 13.61
N GLY B 391 11.18 -8.70 14.90
CA GLY B 391 10.36 -7.64 15.43
C GLY B 391 11.25 -6.42 15.42
N ASP B 392 10.85 -5.39 16.15
CA ASP B 392 11.72 -4.24 16.33
C ASP B 392 11.63 -3.73 17.76
N VAL B 393 12.64 -3.00 18.18
CA VAL B 393 12.74 -2.56 19.56
C VAL B 393 13.20 -1.11 19.63
N ASP B 394 12.70 -0.38 20.63
CA ASP B 394 13.19 0.97 20.85
C ASP B 394 13.00 1.43 22.30
N VAL B 395 13.82 2.38 22.70
CA VAL B 395 13.85 2.87 24.08
C VAL B 395 13.12 4.20 24.22
N ALA B 396 12.26 4.28 25.23
CA ALA B 396 11.58 5.53 25.55
C ALA B 396 11.91 5.92 26.98
N GLY B 397 12.90 6.80 27.13
CA GLY B 397 13.40 7.16 28.45
C GLY B 397 14.39 6.11 28.92
N ASN B 398 14.03 5.39 29.98
CA ASN B 398 14.85 4.27 30.47
C ASN B 398 14.24 2.91 30.18
N ASP B 399 12.97 2.89 29.79
CA ASP B 399 12.30 1.63 29.49
C ASP B 399 12.44 1.22 28.03
N VAL B 400 12.29 -0.07 27.77
CA VAL B 400 12.61 -0.65 26.47
C VAL B 400 11.51 -1.56 25.96
N PHE B 401 11.19 -1.43 24.67
CA PHE B 401 10.05 -2.16 24.11
C PHE B 401 10.33 -2.92 22.81
N TYR B 402 10.11 -4.22 22.85
CA TYR B 402 10.13 -5.06 21.66
C TYR B 402 8.70 -5.31 21.21
N MET B 403 8.45 -5.31 19.90
CA MET B 403 7.10 -5.52 19.39
C MET B 403 7.07 -6.44 18.17
N GLY B 404 6.12 -7.37 18.16
CA GLY B 404 5.94 -8.27 17.04
C GLY B 404 7.11 -9.21 16.80
N GLY B 405 7.25 -9.65 15.56
CA GLY B 405 8.25 -10.65 15.23
C GLY B 405 7.61 -12.03 15.20
N SER B 406 8.41 -13.06 14.96
CA SER B 406 7.92 -14.43 14.96
C SER B 406 8.68 -15.28 15.96
N ASN B 407 8.07 -16.36 16.43
CA ASN B 407 8.69 -17.18 17.47
C ASN B 407 8.16 -18.60 17.60
N PRO B 408 8.07 -19.33 16.49
CA PRO B 408 8.36 -18.95 15.10
C PRO B 408 7.12 -18.39 14.42
N TYR B 409 6.02 -18.32 15.15
CA TYR B 409 4.78 -17.79 14.61
C TYR B 409 4.67 -16.30 14.88
N ARG B 410 4.09 -15.59 13.91
CA ARG B 410 4.02 -14.14 13.97
C ARG B 410 3.13 -13.67 15.11
N VAL B 411 3.59 -12.63 15.81
CA VAL B 411 2.88 -12.11 16.95
C VAL B 411 2.75 -10.60 16.88
N ASN B 412 1.93 -10.04 17.77
CA ASN B 412 1.79 -8.60 17.87
C ASN B 412 1.93 -8.14 19.31
N GLU B 413 2.68 -8.93 20.08
CA GLU B 413 2.92 -8.65 21.49
C GLU B 413 3.97 -7.57 21.68
N ILE B 414 3.73 -6.68 22.64
CA ILE B 414 4.75 -5.75 23.08
C ILE B 414 5.36 -6.29 24.36
N LEU B 415 6.68 -6.31 24.40
CA LEU B 415 7.39 -6.80 25.57
C LEU B 415 8.18 -5.66 26.19
N GLN B 416 8.12 -5.54 27.51
CA GLN B 416 8.96 -4.56 28.20
C GLN B 416 10.25 -5.23 28.67
N LEU B 417 11.37 -4.79 28.11
CA LEU B 417 12.65 -5.38 28.41
C LEU B 417 13.38 -4.55 29.48
N SER B 418 13.59 -5.16 30.64
CA SER B 418 14.32 -4.52 31.74
C SER B 418 15.78 -4.97 31.70
N ILE B 419 16.68 -4.02 31.48
CA ILE B 419 18.10 -4.35 31.35
C ILE B 419 18.85 -4.33 32.67
N HIS B 420 19.58 -5.41 32.92
CA HIS B 420 20.55 -5.45 34.02
C HIS B 420 21.90 -5.83 33.43
N TYR B 421 22.94 -5.80 34.26
CA TYR B 421 24.28 -6.12 33.77
C TYR B 421 24.40 -7.61 33.45
N ASP B 422 23.81 -8.44 34.31
CA ASP B 422 23.94 -9.89 34.17
C ASP B 422 22.99 -10.49 33.13
N LYS B 423 21.75 -10.01 33.11
CA LYS B 423 20.72 -10.59 32.24
C LYS B 423 19.70 -9.55 31.79
N ILE B 424 18.65 -10.02 31.11
CA ILE B 424 17.60 -9.12 30.65
C ILE B 424 16.18 -9.63 30.95
N ASP B 425 15.48 -8.89 31.80
CA ASP B 425 14.11 -9.21 32.18
C ASP B 425 13.12 -8.85 31.07
N MET B 426 12.02 -9.60 31.01
CA MET B 426 10.96 -9.31 30.05
C MET B 426 9.57 -9.62 30.62
N LYS B 427 8.65 -8.69 30.43
CA LYS B 427 7.26 -8.89 30.83
C LYS B 427 6.35 -8.46 29.69
N ASN B 428 5.35 -9.28 29.39
CA ASN B 428 4.33 -8.87 28.43
C ASN B 428 3.70 -7.56 28.86
N ILE B 429 3.11 -6.86 27.90
CA ILE B 429 2.37 -5.64 28.21
C ILE B 429 0.97 -5.75 27.63
N GLU B 430 -0.02 -5.81 28.50
CA GLU B 430 -1.41 -5.85 28.08
C GLU B 430 -1.80 -4.51 27.47
N VAL B 431 -2.61 -4.56 26.41
CA VAL B 431 -3.04 -3.35 25.73
C VAL B 431 -4.46 -2.98 26.12
N SER B 432 -4.68 -1.70 26.40
CA SER B 432 -5.98 -1.21 26.84
C SER B 432 -7.00 -1.24 25.70
N SER B 433 -6.55 -0.81 24.51
CA SER B 433 -7.43 -0.78 23.35
C SER B 433 -7.89 -2.17 22.94
N SER B 434 -9.07 -2.23 22.33
CA SER B 434 -9.62 -3.48 21.82
C SER B 434 -9.13 -3.72 20.40
N GLU B 435 -8.99 -2.64 19.64
CA GLU B 435 -8.42 -2.70 18.31
C GLU B 435 -6.90 -2.72 18.40
N VAL B 436 -6.28 -3.73 17.79
CA VAL B 436 -4.82 -3.81 17.74
C VAL B 436 -4.36 -4.07 16.32
N PRO B 437 -3.07 -3.83 16.04
CA PRO B 437 -2.48 -4.17 14.74
C PRO B 437 -2.28 -5.66 14.62
N VAL B 438 -2.58 -6.22 13.45
CA VAL B 438 -2.41 -7.64 13.23
C VAL B 438 -0.95 -8.05 13.38
N ALA B 439 -0.73 -9.28 13.84
CA ALA B 439 0.61 -9.81 14.04
C ALA B 439 1.44 -9.70 12.76
N ARG B 440 2.72 -9.40 12.92
CA ARG B 440 3.57 -9.12 11.77
C ARG B 440 5.05 -9.22 12.11
N MET B 441 5.87 -9.29 11.08
CA MET B 441 7.33 -9.23 11.23
C MET B 441 7.91 -8.34 10.13
N CYS B 442 9.18 -7.96 10.27
CA CYS B 442 9.84 -7.12 9.29
C CYS B 442 9.22 -5.72 9.24
N HIS B 443 8.67 -5.28 10.37
CA HIS B 443 8.19 -3.93 10.55
C HIS B 443 9.28 -3.14 11.26
N THR B 444 9.07 -1.84 11.46
CA THR B 444 9.92 -1.07 12.35
C THR B 444 9.09 -0.47 13.50
N PHE B 445 9.76 -0.11 14.58
CA PHE B 445 9.09 0.32 15.80
C PHE B 445 9.97 1.37 16.45
N THR B 446 9.51 2.61 16.42
CA THR B 446 10.37 3.75 16.73
C THR B 446 9.75 4.72 17.74
N THR B 447 10.58 5.18 18.69
CA THR B 447 10.14 6.17 19.67
C THR B 447 9.84 7.50 18.98
N ILE B 448 8.83 8.20 19.51
CA ILE B 448 8.45 9.51 19.01
C ILE B 448 7.78 10.29 20.14
N SER B 449 7.23 11.45 19.83
CA SER B 449 6.46 12.24 20.80
C SER B 449 7.18 12.40 22.14
N ARG B 450 8.40 12.91 22.10
CA ARG B 450 9.18 13.12 23.32
C ARG B 450 9.16 11.90 24.23
N ASN B 451 9.65 10.76 23.72
CA ASN B 451 9.78 9.54 24.50
C ASN B 451 8.47 9.03 25.09
N ASN B 452 7.35 9.38 24.47
CA ASN B 452 6.03 9.03 25.03
C ASN B 452 5.22 8.05 24.19
N GLN B 453 5.62 7.88 22.93
CA GLN B 453 4.89 6.99 22.02
C GLN B 453 5.83 6.19 21.12
N LEU B 454 5.31 5.12 20.54
CA LEU B 454 6.07 4.28 19.63
C LEU B 454 5.31 4.17 18.32
N LEU B 455 6.04 4.26 17.21
CA LEU B 455 5.43 4.26 15.88
C LEU B 455 5.70 2.97 15.12
N LEU B 456 4.65 2.20 14.88
CA LEU B 456 4.79 0.97 14.12
C LEU B 456 4.53 1.24 12.64
N ILE B 457 5.45 0.79 11.79
CA ILE B 457 5.35 1.04 10.36
C ILE B 457 5.42 -0.24 9.53
N GLY B 458 4.44 -0.39 8.64
CA GLY B 458 4.42 -1.50 7.70
C GLY B 458 4.68 -2.86 8.31
N GLY B 459 5.60 -3.59 7.70
CA GLY B 459 5.83 -4.98 8.07
C GLY B 459 5.07 -5.89 7.14
N ARG B 460 5.05 -7.18 7.45
CA ARG B 460 4.35 -8.14 6.61
C ARG B 460 3.78 -9.28 7.45
N LYS B 461 2.84 -10.02 6.88
CA LYS B 461 2.46 -11.31 7.44
C LYS B 461 3.25 -12.37 6.68
N ALA B 462 2.59 -13.16 5.84
CA ALA B 462 3.33 -14.01 4.90
C ALA B 462 4.05 -13.08 3.91
N PRO B 463 5.10 -13.59 3.23
CA PRO B 463 5.93 -12.76 2.33
C PRO B 463 5.17 -12.07 1.20
N HIS B 464 3.99 -12.55 0.85
CA HIS B 464 3.21 -11.94 -0.22
C HIS B 464 2.11 -11.07 0.36
N GLN B 465 2.26 -10.74 1.63
CA GLN B 465 1.29 -9.91 2.32
C GLN B 465 1.98 -8.75 3.03
N GLY B 466 2.53 -7.84 2.24
CA GLY B 466 3.11 -6.62 2.78
C GLY B 466 2.00 -5.80 3.38
N LEU B 467 2.26 -5.16 4.50
CA LEU B 467 1.22 -4.38 5.17
C LEU B 467 1.44 -2.89 4.91
N SER B 468 0.36 -2.13 4.91
CA SER B 468 0.46 -0.69 4.67
C SER B 468 -0.08 0.08 5.87
N ASP B 469 -0.78 -0.63 6.74
CA ASP B 469 -1.39 -0.02 7.91
C ASP B 469 -0.35 0.29 8.97
N ASN B 470 -0.39 1.53 9.47
CA ASN B 470 0.53 1.96 10.51
C ASN B 470 -0.21 2.26 11.82
N TRP B 471 0.53 2.24 12.92
CA TRP B 471 -0.07 2.41 14.24
C TRP B 471 0.85 3.16 15.18
N ILE B 472 0.27 3.79 16.20
CA ILE B 472 1.05 4.35 17.30
C ILE B 472 0.64 3.72 18.62
N PHE B 473 1.62 3.40 19.45
CA PHE B 473 1.38 2.91 20.80
C PHE B 473 1.76 4.00 21.77
N ASP B 474 0.79 4.42 22.58
CA ASP B 474 1.02 5.42 23.60
C ASP B 474 1.23 4.74 24.93
N MET B 475 2.45 4.87 25.46
CA MET B 475 2.86 4.13 26.64
C MET B 475 2.00 4.37 27.88
N LYS B 476 1.71 5.64 28.16
CA LYS B 476 0.93 5.99 29.33
C LYS B 476 -0.38 5.22 29.38
N THR B 477 -1.15 5.29 28.29
CA THR B 477 -2.48 4.69 28.25
C THR B 477 -2.46 3.28 27.67
N ARG B 478 -1.28 2.83 27.25
CA ARG B 478 -1.14 1.49 26.70
C ARG B 478 -2.20 1.18 25.65
N GLU B 479 -2.33 2.07 24.68
CA GLU B 479 -3.34 1.96 23.63
C GLU B 479 -2.75 2.02 22.23
N TRP B 480 -3.35 1.25 21.31
CA TRP B 480 -2.99 1.26 19.91
C TRP B 480 -3.97 2.12 19.13
N SER B 481 -3.46 3.03 18.31
CA SER B 481 -4.32 3.79 17.40
C SER B 481 -3.72 3.84 16.00
N MET B 482 -4.53 3.49 15.01
CA MET B 482 -4.08 3.46 13.63
C MET B 482 -3.99 4.86 13.05
N ILE B 483 -2.83 5.18 12.49
CA ILE B 483 -2.59 6.48 11.89
C ILE B 483 -2.77 6.40 10.39
N LYS B 484 -2.19 7.35 9.67
CA LYS B 484 -2.24 7.34 8.22
C LYS B 484 -1.46 6.15 7.68
N SER B 485 -2.13 5.35 6.84
CA SER B 485 -1.49 4.19 6.23
C SER B 485 -0.64 4.58 5.02
N LEU B 486 0.41 3.81 4.77
CA LEU B 486 1.27 4.04 3.62
C LEU B 486 0.47 3.89 2.33
N SER B 487 0.96 4.48 1.24
CA SER B 487 0.39 4.28 -0.08
C SER B 487 0.91 2.99 -0.70
N HIS B 488 2.11 2.60 -0.29
CA HIS B 488 2.69 1.35 -0.73
C HIS B 488 3.00 0.42 0.46
N THR B 489 2.69 -0.87 0.31
CA THR B 489 3.09 -1.86 1.30
C THR B 489 4.60 -1.81 1.39
N ARG B 490 5.13 -2.07 2.58
CA ARG B 490 6.58 -1.96 2.80
C ARG B 490 7.04 -2.80 4.00
N PHE B 491 7.89 -3.79 3.74
CA PHE B 491 8.50 -4.55 4.83
C PHE B 491 10.02 -4.68 4.63
N ARG B 492 10.72 -4.92 5.74
CA ARG B 492 12.18 -4.98 5.76
C ARG B 492 12.81 -3.62 5.48
N HIS B 493 12.03 -2.57 5.63
CA HIS B 493 12.57 -1.23 5.57
C HIS B 493 13.38 -0.97 6.84
N SER B 494 14.03 0.18 6.89
CA SER B 494 14.75 0.60 8.08
C SER B 494 14.21 1.92 8.58
N ALA B 495 14.34 2.16 9.87
CA ALA B 495 13.85 3.39 10.46
C ALA B 495 14.75 3.89 11.58
N CYS B 496 14.88 5.21 11.68
CA CYS B 496 15.61 5.84 12.77
C CYS B 496 14.93 7.17 13.09
N SER B 497 15.04 7.60 14.34
CA SER B 497 14.46 8.86 14.77
C SER B 497 15.41 10.02 14.51
N LEU B 498 14.84 11.14 14.10
CA LEU B 498 15.62 12.36 13.89
C LEU B 498 15.35 13.30 15.05
N PRO B 499 16.25 14.27 15.26
CA PRO B 499 16.18 15.22 16.38
C PRO B 499 14.81 15.89 16.57
N ASP B 500 14.16 16.32 15.50
CA ASP B 500 12.89 17.03 15.63
C ASP B 500 11.73 16.09 15.97
N GLY B 501 12.07 14.85 16.29
CA GLY B 501 11.09 13.85 16.66
C GLY B 501 10.44 13.16 15.48
N ASN B 502 10.81 13.58 14.28
CA ASN B 502 10.31 12.93 13.07
C ASN B 502 10.97 11.57 12.86
N VAL B 503 10.42 10.76 11.96
CA VAL B 503 10.96 9.43 11.71
C VAL B 503 11.33 9.21 10.25
N LEU B 504 12.54 8.72 10.03
CA LEU B 504 13.09 8.49 8.69
C LEU B 504 12.92 7.03 8.30
N ILE B 505 12.45 6.78 7.08
CA ILE B 505 12.14 5.43 6.63
C ILE B 505 12.90 5.10 5.35
N LEU B 506 13.58 3.96 5.34
CA LEU B 506 14.48 3.61 4.24
C LEU B 506 14.13 2.29 3.54
N GLY B 507 13.85 2.38 2.25
CA GLY B 507 13.72 1.22 1.39
C GLY B 507 12.80 0.11 1.84
N GLY B 508 13.30 -1.11 1.76
CA GLY B 508 12.52 -2.31 2.05
C GLY B 508 11.86 -2.84 0.79
N VAL B 509 11.27 -4.02 0.86
CA VAL B 509 10.52 -4.53 -0.27
C VAL B 509 9.27 -3.69 -0.46
N THR B 510 9.27 -2.88 -1.51
CA THR B 510 8.22 -1.88 -1.69
C THR B 510 8.21 -1.27 -3.10
N GLU B 511 7.04 -0.79 -3.52
CA GLU B 511 6.89 -0.10 -4.79
C GLU B 511 6.97 1.40 -4.55
N GLY B 512 7.17 1.79 -3.29
CA GLY B 512 7.15 3.19 -2.91
C GLY B 512 8.50 3.87 -2.94
N PRO B 513 8.53 5.16 -2.55
CA PRO B 513 9.75 5.97 -2.48
C PRO B 513 10.87 5.26 -1.71
N ALA B 514 12.09 5.42 -2.17
CA ALA B 514 13.25 4.76 -1.57
C ALA B 514 13.54 5.29 -0.17
N MET B 515 12.99 6.45 0.14
CA MET B 515 13.15 7.04 1.47
C MET B 515 11.93 7.89 1.83
N LEU B 516 11.37 7.64 3.01
CA LEU B 516 10.21 8.40 3.48
C LEU B 516 10.49 9.05 4.82
N LEU B 517 10.00 10.27 4.99
CA LEU B 517 10.07 10.95 6.27
C LEU B 517 8.67 11.12 6.81
N TYR B 518 8.40 10.52 7.96
CA TYR B 518 7.13 10.75 8.62
C TYR B 518 7.21 11.92 9.60
N ASN B 519 6.40 12.94 9.32
CA ASN B 519 6.31 14.11 10.17
C ASN B 519 5.28 13.85 11.26
N VAL B 520 5.75 13.77 12.51
CA VAL B 520 4.89 13.34 13.60
C VAL B 520 3.79 14.35 13.95
N THR B 521 4.14 15.64 13.96
CA THR B 521 3.15 16.66 14.26
C THR B 521 2.18 16.88 13.08
N GLU B 522 2.73 16.97 11.89
CA GLU B 522 1.93 17.24 10.69
C GLU B 522 1.16 16.02 10.19
N GLU B 523 1.45 14.87 10.79
CA GLU B 523 0.75 13.64 10.44
C GLU B 523 0.91 13.30 8.96
N ILE B 524 2.10 13.53 8.42
CA ILE B 524 2.31 13.37 6.99
C ILE B 524 3.53 12.54 6.64
N PHE B 525 3.39 11.70 5.61
CA PHE B 525 4.53 11.03 5.00
C PHE B 525 5.03 11.87 3.83
N LYS B 526 6.33 12.12 3.80
CA LYS B 526 6.94 12.90 2.74
C LYS B 526 8.03 12.11 2.05
N ASP B 527 8.04 12.17 0.72
CA ASP B 527 9.09 11.53 -0.07
C ASP B 527 10.34 12.41 -0.03
N VAL B 528 11.40 11.90 0.59
CA VAL B 528 12.64 12.65 0.72
C VAL B 528 13.83 11.89 0.12
N THR B 529 13.56 11.03 -0.85
CA THR B 529 14.62 10.35 -1.57
C THR B 529 15.56 11.38 -2.17
N PRO B 530 16.86 11.28 -1.85
CA PRO B 530 17.83 12.27 -2.33
C PRO B 530 18.09 12.15 -3.82
N LYS B 531 18.57 13.22 -4.43
CA LYS B 531 18.93 13.19 -5.84
C LYS B 531 20.31 12.59 -6.07
N ASP B 532 20.34 11.26 -6.09
CA ASP B 532 21.55 10.49 -6.36
C ASP B 532 21.09 9.22 -7.06
N GLU B 533 21.94 8.67 -7.93
CA GLU B 533 21.55 7.47 -8.68
C GLU B 533 21.56 6.23 -7.79
N PHE B 534 22.21 6.35 -6.64
CA PHE B 534 22.25 5.25 -5.67
C PHE B 534 20.84 4.77 -5.32
N PHE B 535 19.90 5.72 -5.28
CA PHE B 535 18.55 5.45 -4.77
C PHE B 535 17.55 5.04 -5.84
N GLN B 536 18.05 4.71 -7.03
CA GLN B 536 17.19 4.18 -8.10
C GLN B 536 16.48 2.90 -7.65
N ASN B 537 17.16 2.12 -6.81
CA ASN B 537 16.64 0.83 -6.35
C ASN B 537 16.36 0.82 -4.85
N SER B 538 15.25 0.20 -4.46
CA SER B 538 14.88 0.12 -3.06
C SER B 538 15.87 -0.74 -2.28
N LEU B 539 16.29 -0.26 -1.12
CA LEU B 539 17.30 -0.95 -0.33
C LEU B 539 16.61 -1.87 0.69
N VAL B 540 16.87 -3.17 0.59
CA VAL B 540 16.20 -4.16 1.43
C VAL B 540 17.07 -4.62 2.60
N SER B 541 16.59 -4.35 3.81
CA SER B 541 17.30 -4.75 5.03
C SER B 541 18.69 -4.14 5.15
N ALA B 542 18.74 -2.81 5.08
CA ALA B 542 20.00 -2.10 5.24
C ALA B 542 20.15 -1.58 6.67
N GLY B 543 21.40 -1.42 7.10
CA GLY B 543 21.65 -0.75 8.37
C GLY B 543 21.31 0.71 8.20
N LEU B 544 20.72 1.30 9.24
CA LEU B 544 20.38 2.72 9.23
C LEU B 544 20.46 3.25 10.65
N GLU B 545 21.24 4.30 10.85
CA GLU B 545 21.39 4.93 12.16
C GLU B 545 21.71 6.41 12.02
N PHE B 546 21.20 7.21 12.95
CA PHE B 546 21.42 8.64 12.91
C PHE B 546 22.19 9.11 14.13
N ASP B 547 22.94 10.19 13.97
CA ASP B 547 23.74 10.74 15.05
C ASP B 547 23.29 12.16 15.36
N PRO B 548 22.52 12.30 16.45
CA PRO B 548 21.97 13.59 16.90
C PRO B 548 23.00 14.72 16.93
N VAL B 549 24.23 14.41 17.32
CA VAL B 549 25.26 15.43 17.46
C VAL B 549 25.62 16.12 16.15
N SER B 550 26.22 15.36 15.23
CA SER B 550 26.65 15.92 13.95
C SER B 550 25.49 16.04 12.97
N LYS B 551 24.34 15.52 13.37
CA LYS B 551 23.14 15.52 12.53
C LYS B 551 23.41 14.77 11.23
N GLN B 552 24.20 13.71 11.33
CA GLN B 552 24.52 12.90 10.17
C GLN B 552 24.13 11.44 10.42
N GLY B 553 23.76 10.73 9.37
CA GLY B 553 23.37 9.35 9.49
C GLY B 553 24.07 8.43 8.51
N ILE B 554 24.06 7.13 8.79
CA ILE B 554 24.69 6.16 7.90
C ILE B 554 23.70 5.12 7.38
N ILE B 555 23.89 4.76 6.11
CA ILE B 555 23.20 3.62 5.53
C ILE B 555 24.25 2.55 5.26
N LEU B 556 24.01 1.33 5.71
CA LEU B 556 25.01 0.26 5.57
C LEU B 556 24.44 -0.94 4.80
N GLY B 557 25.10 -1.27 3.70
CA GLY B 557 24.74 -2.43 2.92
C GLY B 557 23.34 -2.37 2.35
N GLY B 558 22.68 -3.51 2.36
CA GLY B 558 21.31 -3.60 1.86
C GLY B 558 21.23 -4.41 0.59
N GLY B 559 20.18 -5.22 0.50
CA GLY B 559 19.96 -6.01 -0.70
C GLY B 559 18.97 -5.34 -1.63
N PHE B 560 18.95 -5.78 -2.88
CA PHE B 560 18.00 -5.28 -3.85
C PHE B 560 16.89 -6.30 -4.04
N MET B 561 15.85 -5.93 -4.78
CA MET B 561 14.68 -6.80 -4.91
C MET B 561 14.85 -7.91 -5.95
N ASP B 562 16.02 -7.97 -6.56
CA ASP B 562 16.39 -9.10 -7.40
C ASP B 562 16.92 -10.22 -6.52
N GLN B 563 17.05 -9.94 -5.22
CA GLN B 563 17.43 -10.96 -4.25
C GLN B 563 18.80 -11.57 -4.55
N THR B 564 19.50 -10.97 -5.52
CA THR B 564 20.82 -11.44 -5.89
C THR B 564 21.87 -10.40 -5.48
N THR B 565 21.64 -9.15 -5.87
CA THR B 565 22.60 -8.10 -5.63
C THR B 565 22.58 -7.65 -4.18
N VAL B 566 23.75 -7.27 -3.67
CA VAL B 566 23.85 -6.63 -2.36
C VAL B 566 24.87 -5.50 -2.43
N SER B 567 24.39 -4.26 -2.28
CA SER B 567 25.26 -3.11 -2.28
C SER B 567 26.35 -3.25 -1.23
N ASP B 568 27.54 -2.78 -1.55
CA ASP B 568 28.66 -2.82 -0.62
C ASP B 568 29.03 -1.42 -0.16
N LYS B 569 28.08 -0.49 -0.29
CA LYS B 569 28.32 0.91 0.00
C LYS B 569 27.88 1.28 1.41
N ALA B 570 28.73 2.01 2.13
CA ALA B 570 28.31 2.69 3.35
C ALA B 570 28.13 4.16 3.00
N ILE B 571 26.91 4.67 3.17
CA ILE B 571 26.60 6.02 2.73
C ILE B 571 26.24 6.98 3.87
N ILE B 572 27.08 7.99 4.04
CA ILE B 572 26.85 9.04 5.04
C ILE B 572 25.91 10.11 4.48
N PHE B 573 24.91 10.48 5.25
CA PHE B 573 23.95 11.49 4.78
C PHE B 573 23.71 12.59 5.81
N LYS B 574 23.12 13.68 5.35
CA LYS B 574 22.89 14.85 6.18
C LYS B 574 21.39 15.15 6.28
N TYR B 575 20.91 15.39 7.48
CA TYR B 575 19.53 15.78 7.67
C TYR B 575 19.40 17.25 8.00
N ASP B 576 18.82 18.01 7.07
CA ASP B 576 18.55 19.43 7.27
C ASP B 576 17.06 19.65 7.47
N ALA B 577 16.64 19.69 8.74
CA ALA B 577 15.25 19.88 9.09
C ALA B 577 14.55 20.85 8.15
N GLU B 578 15.12 22.05 8.02
CA GLU B 578 14.48 23.12 7.26
C GLU B 578 14.14 22.73 5.81
N ASN B 579 15.17 22.48 5.02
CA ASN B 579 15.03 22.06 3.61
C ASN B 579 13.82 21.18 3.29
N ALA B 580 12.64 21.79 3.21
CA ALA B 580 11.39 21.08 2.92
C ALA B 580 11.46 20.30 1.60
N THR B 581 12.28 20.78 0.67
CA THR B 581 12.41 20.11 -0.62
C THR B 581 13.28 18.86 -0.49
N GLU B 582 14.51 19.06 -0.02
CA GLU B 582 15.50 18.00 0.05
C GLU B 582 16.10 17.96 1.44
N PRO B 583 15.34 17.46 2.43
CA PRO B 583 15.80 17.42 3.81
C PRO B 583 17.02 16.51 3.96
N ILE B 584 17.16 15.55 3.05
CA ILE B 584 18.24 14.58 3.11
C ILE B 584 19.18 14.73 1.93
N THR B 585 20.48 14.76 2.22
CA THR B 585 21.52 14.93 1.21
C THR B 585 22.69 13.98 1.47
N VAL B 586 23.22 13.38 0.42
CA VAL B 586 24.34 12.45 0.55
C VAL B 586 25.66 13.20 0.74
N ILE B 587 26.34 12.91 1.84
CA ILE B 587 27.59 13.58 2.19
C ILE B 587 28.77 12.92 1.49
N LYS B 588 28.75 11.59 1.42
CA LYS B 588 29.89 10.82 0.96
C LYS B 588 29.59 9.33 0.94
N LYS B 589 30.09 8.63 -0.08
CA LYS B 589 29.95 7.19 -0.19
C LYS B 589 31.27 6.47 0.09
N LEU B 590 31.24 5.50 0.99
CA LEU B 590 32.39 4.65 1.25
C LEU B 590 32.13 3.28 0.62
N GLN B 591 33.18 2.50 0.41
CA GLN B 591 33.03 1.16 -0.15
C GLN B 591 34.06 0.18 0.41
N HIS B 592 33.62 -1.04 0.70
CA HIS B 592 34.48 -2.07 1.29
C HIS B 592 33.70 -3.38 1.28
N PRO B 593 34.42 -4.51 1.11
CA PRO B 593 33.77 -5.82 1.09
C PRO B 593 32.95 -6.06 2.36
N LEU B 594 33.47 -5.61 3.50
CA LEU B 594 32.84 -5.88 4.79
C LEU B 594 31.58 -5.05 5.02
N PHE B 595 31.25 -4.19 4.06
CA PHE B 595 30.01 -3.42 4.12
C PHE B 595 28.89 -4.13 3.36
N GLN B 596 29.25 -5.15 2.58
CA GLN B 596 28.28 -5.83 1.74
C GLN B 596 27.42 -6.83 2.51
N ARG B 597 26.64 -6.35 3.46
CA ARG B 597 25.78 -7.26 4.21
C ARG B 597 24.27 -6.99 4.11
N TYR B 598 23.50 -8.06 4.24
CA TYR B 598 22.05 -8.02 4.15
C TYR B 598 21.49 -8.36 5.53
N GLY B 599 20.54 -7.56 6.00
CA GLY B 599 19.94 -7.79 7.31
C GLY B 599 20.93 -7.60 8.44
N SER B 600 21.81 -6.61 8.30
CA SER B 600 22.72 -6.25 9.39
C SER B 600 22.09 -5.12 10.18
N GLN B 601 22.71 -4.76 11.29
CA GLN B 601 22.27 -3.62 12.07
C GLN B 601 23.49 -2.80 12.48
N ILE B 602 23.37 -1.48 12.38
CA ILE B 602 24.46 -0.59 12.75
C ILE B 602 23.98 0.37 13.83
N LYS B 603 24.92 1.00 14.54
CA LYS B 603 24.59 1.97 15.57
C LYS B 603 25.84 2.66 16.13
N TYR B 604 25.77 3.99 16.20
CA TYR B 604 26.84 4.77 16.81
C TYR B 604 27.03 4.41 18.28
N ILE B 605 28.27 4.19 18.67
CA ILE B 605 28.65 4.10 20.07
C ILE B 605 29.24 5.46 20.37
N THR B 606 29.73 6.08 19.30
CA THR B 606 30.37 7.38 19.36
C THR B 606 30.27 8.02 17.98
N PRO B 607 30.14 9.36 17.92
CA PRO B 607 30.11 10.03 16.63
C PRO B 607 31.28 9.64 15.73
N ARG B 608 32.34 9.12 16.33
CA ARG B 608 33.51 8.68 15.56
C ARG B 608 33.59 7.17 15.40
N LYS B 609 32.63 6.45 15.98
CA LYS B 609 32.69 5.00 15.95
C LYS B 609 31.32 4.38 15.67
N LEU B 610 31.20 3.75 14.51
CA LEU B 610 29.96 3.10 14.14
C LEU B 610 30.08 1.58 14.32
N LEU B 611 29.23 1.01 15.15
CA LEU B 611 29.23 -0.45 15.30
C LEU B 611 28.43 -1.07 14.17
N ILE B 612 28.97 -2.12 13.56
CA ILE B 612 28.30 -2.82 12.48
C ILE B 612 28.16 -4.29 12.83
N VAL B 613 26.91 -4.78 12.90
CA VAL B 613 26.67 -6.13 13.40
C VAL B 613 25.96 -7.07 12.42
N GLY B 614 26.58 -8.24 12.24
CA GLY B 614 25.94 -9.38 11.60
C GLY B 614 25.36 -9.17 10.22
N GLY B 615 24.30 -9.93 9.94
CA GLY B 615 23.75 -10.00 8.60
C GLY B 615 24.54 -10.97 7.76
N THR B 616 24.05 -11.27 6.57
CA THR B 616 24.76 -12.18 5.68
C THR B 616 25.30 -11.46 4.45
N SER B 617 26.12 -12.17 3.67
CA SER B 617 26.76 -11.56 2.51
C SER B 617 26.80 -12.54 1.34
N PRO B 618 26.74 -12.03 0.10
CA PRO B 618 26.75 -12.89 -1.07
C PRO B 618 28.17 -13.34 -1.41
N SER B 619 29.15 -12.78 -0.72
CA SER B 619 30.56 -13.00 -1.03
C SER B 619 31.19 -14.14 -0.21
N GLY B 620 30.69 -14.35 1.01
CA GLY B 620 31.23 -15.37 1.88
C GLY B 620 30.62 -15.33 3.27
N LEU B 621 31.17 -16.14 4.18
CA LEU B 621 30.68 -16.18 5.55
C LEU B 621 31.53 -15.31 6.46
N PHE B 622 30.92 -14.69 7.47
CA PHE B 622 31.67 -13.91 8.45
C PHE B 622 32.22 -14.83 9.53
N ASP B 623 33.42 -14.52 10.01
CA ASP B 623 34.03 -15.30 11.07
C ASP B 623 33.96 -14.56 12.40
N ARG B 624 34.78 -14.98 13.36
CA ARG B 624 34.82 -14.38 14.69
C ARG B 624 35.35 -12.96 14.63
N THR B 625 36.04 -12.63 13.54
CA THR B 625 36.82 -11.41 13.48
C THR B 625 36.15 -10.29 12.66
N ASN B 626 35.16 -10.64 11.86
CA ASN B 626 34.48 -9.66 11.02
C ASN B 626 32.95 -9.73 11.07
N SER B 627 32.42 -10.60 11.93
CA SER B 627 30.98 -10.64 12.18
C SER B 627 30.55 -9.32 12.79
N ILE B 628 31.43 -8.75 13.59
CA ILE B 628 31.14 -7.49 14.26
C ILE B 628 32.35 -6.55 14.19
N ILE B 629 32.30 -5.58 13.29
CA ILE B 629 33.38 -4.63 13.10
C ILE B 629 32.88 -3.23 13.45
N SER B 630 33.79 -2.27 13.53
CA SER B 630 33.42 -0.89 13.77
C SER B 630 33.93 0.02 12.65
N LEU B 631 33.41 1.23 12.60
CA LEU B 631 33.76 2.16 11.54
C LEU B 631 34.01 3.56 12.06
N ASP B 632 35.11 4.15 11.62
CA ASP B 632 35.34 5.57 11.83
C ASP B 632 34.96 6.28 10.55
N PRO B 633 33.81 6.95 10.56
CA PRO B 633 33.27 7.49 9.29
C PRO B 633 34.13 8.62 8.76
N LEU B 634 34.82 9.33 9.66
CA LEU B 634 35.67 10.43 9.25
C LEU B 634 37.01 9.94 8.72
N SER B 635 37.79 9.28 9.56
CA SER B 635 39.11 8.80 9.16
C SER B 635 38.96 7.66 8.14
N GLU B 636 37.94 6.83 8.35
CA GLU B 636 37.58 5.75 7.43
C GLU B 636 38.36 4.46 7.67
N THR B 637 38.86 4.29 8.89
CA THR B 637 39.49 3.03 9.26
C THR B 637 38.45 2.05 9.76
N LEU B 638 38.70 0.76 9.50
CA LEU B 638 37.86 -0.30 10.05
C LEU B 638 38.61 -1.03 11.14
N THR B 639 37.92 -1.39 12.21
CA THR B 639 38.53 -2.19 13.26
C THR B 639 37.66 -3.40 13.57
N SER B 640 38.28 -4.41 14.19
CA SER B 640 37.58 -5.65 14.49
C SER B 640 37.19 -5.73 15.96
N ILE B 641 35.94 -6.09 16.22
CA ILE B 641 35.52 -6.43 17.57
C ILE B 641 35.29 -7.94 17.62
N PRO B 642 36.31 -8.68 18.07
CA PRO B 642 36.36 -10.15 17.94
C PRO B 642 35.39 -10.88 18.85
N ILE B 643 34.73 -11.88 18.31
CA ILE B 643 33.96 -12.81 19.11
C ILE B 643 34.94 -13.84 19.66
N SER B 644 35.06 -13.92 20.98
CA SER B 644 36.04 -14.81 21.59
C SER B 644 35.76 -16.26 21.24
N ARG B 645 36.81 -17.08 21.29
CA ARG B 645 36.71 -18.50 20.95
C ARG B 645 35.68 -19.20 21.82
N ARG B 646 35.64 -18.84 23.09
CA ARG B 646 34.67 -19.42 24.02
C ARG B 646 33.22 -19.33 23.52
N ILE B 647 32.71 -18.11 23.40
CA ILE B 647 31.33 -17.87 22.99
C ILE B 647 31.04 -18.36 21.57
N TRP B 648 32.01 -18.19 20.68
CA TRP B 648 31.90 -18.67 19.30
C TRP B 648 31.61 -20.18 19.28
N GLU B 649 32.36 -20.92 20.10
CA GLU B 649 32.23 -22.37 20.15
C GLU B 649 31.10 -22.83 21.05
N ASP B 650 31.05 -22.30 22.27
CA ASP B 650 30.18 -22.83 23.32
C ASP B 650 28.77 -22.25 23.35
N HIS B 651 28.56 -21.12 22.71
CA HIS B 651 27.26 -20.47 22.74
C HIS B 651 26.57 -20.42 21.38
N SER B 652 25.24 -20.48 21.40
CA SER B 652 24.46 -20.42 20.17
C SER B 652 24.28 -18.98 19.72
N LEU B 653 25.02 -18.63 18.67
CA LEU B 653 24.97 -17.28 18.10
C LEU B 653 24.44 -17.35 16.67
N MET B 654 23.76 -16.29 16.24
CA MET B 654 23.15 -16.25 14.91
C MET B 654 22.65 -14.83 14.64
N LEU B 655 23.38 -14.11 13.82
CA LEU B 655 23.12 -12.68 13.64
C LEU B 655 22.20 -12.37 12.46
N ALA B 656 20.97 -12.87 12.56
CA ALA B 656 19.91 -12.60 11.60
C ALA B 656 18.64 -12.30 12.38
N GLY B 657 17.89 -11.30 11.93
CA GLY B 657 16.62 -10.95 12.55
C GLY B 657 16.75 -10.50 14.00
N PHE B 658 17.96 -10.14 14.40
CA PHE B 658 18.21 -9.62 15.73
C PHE B 658 18.01 -8.11 15.74
N SER B 659 18.29 -7.50 16.89
CA SER B 659 18.15 -6.05 17.04
C SER B 659 19.18 -5.47 18.00
N LEU B 660 19.31 -4.15 17.99
CA LEU B 660 20.27 -3.45 18.83
C LEU B 660 19.60 -2.46 19.77
N VAL B 661 20.03 -2.45 21.04
CA VAL B 661 19.51 -1.52 22.02
C VAL B 661 20.60 -0.96 22.93
N SER B 662 20.71 0.37 22.96
CA SER B 662 21.58 1.07 23.90
C SER B 662 20.70 1.79 24.91
N THR B 663 20.90 1.51 26.19
CA THR B 663 20.09 2.11 27.24
C THR B 663 20.84 3.23 27.95
N SER B 664 22.09 2.96 28.33
CA SER B 664 22.98 3.98 28.84
C SER B 664 24.35 3.84 28.17
N MET B 665 24.67 4.81 27.31
CA MET B 665 25.93 4.79 26.57
C MET B 665 27.12 4.52 27.50
N GLY B 666 28.13 3.84 26.98
CA GLY B 666 28.11 3.30 25.64
C GLY B 666 28.01 1.78 25.64
N THR B 667 26.92 1.27 26.19
CA THR B 667 26.71 -0.16 26.25
C THR B 667 25.63 -0.58 25.27
N ILE B 668 25.94 -1.55 24.42
CA ILE B 668 24.99 -1.97 23.39
C ILE B 668 24.62 -3.44 23.47
N HIS B 669 23.32 -3.72 23.42
CA HIS B 669 22.84 -5.09 23.52
C HIS B 669 22.38 -5.66 22.18
N ILE B 670 22.92 -6.83 21.84
CA ILE B 670 22.49 -7.58 20.66
C ILE B 670 21.54 -8.69 21.09
N ILE B 671 20.26 -8.52 20.74
CA ILE B 671 19.20 -9.38 21.26
C ILE B 671 18.26 -9.87 20.17
N GLY B 672 17.47 -10.90 20.50
CA GLY B 672 16.58 -11.51 19.54
C GLY B 672 17.35 -12.13 18.40
N GLY B 673 16.64 -12.67 17.43
CA GLY B 673 17.28 -13.29 16.28
C GLY B 673 17.22 -14.79 16.31
N GLY B 674 17.61 -15.40 15.20
CA GLY B 674 17.54 -16.83 15.04
C GLY B 674 17.41 -17.13 13.57
N ALA B 675 17.28 -18.41 13.23
CA ALA B 675 17.16 -18.80 11.83
C ALA B 675 16.89 -20.29 11.68
N THR B 676 16.00 -20.62 10.76
CA THR B 676 15.81 -22.01 10.37
C THR B 676 16.96 -22.43 9.46
N CYS B 677 17.84 -23.27 9.98
CA CYS B 677 19.05 -23.66 9.27
C CYS B 677 18.81 -24.73 8.21
N TYR B 678 17.93 -24.42 7.27
CA TYR B 678 17.77 -25.27 6.08
C TYR B 678 17.39 -26.70 6.46
N GLY B 679 16.46 -26.84 7.41
CA GLY B 679 16.01 -28.15 7.82
C GLY B 679 17.07 -28.96 8.53
N PHE B 680 18.10 -28.29 9.02
CA PHE B 680 19.06 -28.92 9.91
C PHE B 680 18.70 -28.55 11.34
N GLY B 681 17.61 -27.79 11.48
CA GLY B 681 17.17 -27.33 12.80
C GLY B 681 17.26 -25.82 12.94
N SER B 682 16.58 -25.27 13.94
CA SER B 682 16.61 -23.83 14.19
C SER B 682 17.65 -23.46 15.22
N VAL B 683 18.23 -22.28 15.06
CA VAL B 683 19.16 -21.73 16.04
C VAL B 683 18.55 -20.46 16.62
N THR B 684 18.79 -20.22 17.91
CA THR B 684 18.27 -19.01 18.55
C THR B 684 19.40 -18.15 19.10
N ASN B 685 19.58 -16.97 18.51
CA ASN B 685 20.58 -16.02 19.00
C ASN B 685 20.46 -15.87 20.51
N VAL B 686 21.51 -16.26 21.24
CA VAL B 686 21.49 -16.26 22.69
C VAL B 686 21.50 -14.85 23.29
N GLY B 687 22.33 -13.98 22.75
CA GLY B 687 22.38 -12.61 23.21
C GLY B 687 23.78 -12.11 23.47
N LEU B 688 24.06 -10.88 23.05
CA LEU B 688 25.39 -10.31 23.24
C LEU B 688 25.35 -8.91 23.83
N LYS B 689 26.51 -8.45 24.26
CA LYS B 689 26.66 -7.17 24.96
C LYS B 689 27.99 -6.57 24.54
N LEU B 690 27.96 -5.34 24.02
CA LEU B 690 29.21 -4.64 23.69
C LEU B 690 29.48 -3.57 24.73
N ILE B 691 30.58 -3.71 25.45
CA ILE B 691 30.93 -2.73 26.48
C ILE B 691 32.33 -2.16 26.29
N ALA B 692 32.63 -1.12 27.05
CA ALA B 692 33.92 -0.44 26.97
C ALA B 692 35.04 -1.32 27.50
N ILE B 693 36.25 -1.06 27.04
CA ILE B 693 37.43 -1.74 27.54
C ILE B 693 38.13 -0.85 28.55
N ALA B 694 38.21 -1.31 29.78
CA ALA B 694 38.78 -0.51 30.86
C ALA B 694 40.31 -0.47 30.80
N SAM C . -23.49 36.37 8.07
CA SAM C . -23.28 35.94 9.44
C SAM C . -22.39 34.70 9.52
O SAM C . -22.28 33.94 8.56
OXT SAM C . -21.78 34.41 10.56
CB SAM C . -24.61 35.62 10.12
CG SAM C . -25.26 34.33 9.64
SD SAM C . -26.53 33.75 10.77
CE SAM C . -26.96 32.16 10.01
C5' SAM C . -27.91 34.76 10.18
C4' SAM C . -27.96 36.10 10.89
O4' SAM C . -28.90 36.95 10.25
C3' SAM C . -28.39 35.94 12.33
O3' SAM C . -27.42 36.49 13.19
C2' SAM C . -29.69 36.70 12.45
O2' SAM C . -29.79 37.43 13.64
C1' SAM C . -29.65 37.62 11.25
N9 SAM C . -31.00 38.01 10.79
C8 SAM C . -31.88 37.25 10.06
N7 SAM C . -33.00 37.97 9.87
C5 SAM C . -32.86 39.17 10.46
C6 SAM C . -33.69 40.27 10.57
N6 SAM C . -34.90 40.25 10.01
N1 SAM C . -33.27 41.39 11.27
C2 SAM C . -32.02 41.40 11.84
N3 SAM C . -31.20 40.30 11.73
C4 SAM C . -31.60 39.20 11.05
N SAM D . 22.74 -38.72 -5.56
CA SAM D . 21.45 -38.98 -4.93
C SAM D . 20.65 -37.68 -4.72
O SAM D . 21.22 -36.63 -4.44
OXT SAM D . 19.42 -37.65 -4.83
CB SAM D . 21.63 -39.71 -3.60
CG SAM D . 22.32 -38.92 -2.49
SD SAM D . 21.96 -39.62 -0.86
CE SAM D . 21.93 -38.09 0.12
C5' SAM D . 23.58 -40.31 -0.43
C4' SAM D . 23.78 -41.70 -1.01
O4' SAM D . 25.15 -42.06 -0.94
C3' SAM D . 23.00 -42.77 -0.25
O3' SAM D . 22.05 -43.35 -1.11
C2' SAM D . 24.05 -43.78 0.19
O2' SAM D . 23.64 -45.11 -0.02
C1' SAM D . 25.24 -43.44 -0.70
N9 SAM D . 26.51 -43.86 -0.06
C8 SAM D . 27.14 -43.30 1.01
N7 SAM D . 28.28 -43.99 1.26
C5 SAM D . 28.37 -44.99 0.36
C6 SAM D . 29.31 -45.99 0.16
N6 SAM D . 30.39 -46.07 0.95
N1 SAM D . 29.14 -46.89 -0.87
C2 SAM D . 28.04 -46.79 -1.69
N3 SAM D . 27.10 -45.80 -1.48
C4 SAM D . 27.27 -44.92 -0.47
#